data_3MMO
#
_entry.id   3MMO
#
_cell.length_a   194.56
_cell.length_b   194.56
_cell.length_c   194.56
_cell.angle_alpha   90.00
_cell.angle_beta   90.00
_cell.angle_gamma   90.00
#
_symmetry.space_group_name_H-M   'P 21 3'
#
loop_
_entity.id
_entity.type
_entity.pdbx_description
1 polymer 'Eight-heme nitrite reductase'
2 non-polymer 'HEME C'
3 non-polymer 'CYANIDE ION'
4 non-polymer 'CALCIUM ION'
5 non-polymer 1-(2-METHOXY-ETHOXY)-2-{2-[2-(2-METHOXY-ETHOXY]-ETHOXY}-ETHANE
6 non-polymer 'TETRAETHYLENE GLYCOL'
7 non-polymer 2-AMINO-2-HYDROXYMETHYL-PROPANE-1,3-DIOL
8 non-polymer 'SODIUM ION'
9 water water
#
_entity_poly.entity_id   1
_entity_poly.type   'polypeptide(L)'
_entity_poly.pdbx_seq_one_letter_code
;EPGENLKPVDAMQCFDCHTQIEDMHTVGKHATVNCVHCHDATEHVETASSRRMGERPVTRMDLEACATCHTAQFNSFVEV
RHESHPRLEKATPTSRSPMFDKLIAGHGFAFEHAEPRSHAFMLVDHFVVDRAYGGRFQFKNWQKVTDGMGAVRGAWTVLT
DADPESSDQRRFLSQTATAANPVCLNCKTQDHILDWAYMGDEHEAAKWSRTSEVVEFARDLNHPLNCFMCHDPHSAGPRV
VRDGLINAVVDRGLGTYPHDPVKSEQQGMTKVTFQRGREDFRAIGLLDTADSNVMCAQCHVEYNCNPGYQLSDGSRVGMD
DRRANHFFWANVFDYKEAAQEIDFFDFRHATTGAALPKLQHPEAETFWGSVHERNGVACADCHMPKVQLENGKVYTSHSQ
RTPRDMMGQACLNCHAEWTEDQALYAIDYIKNYTHGKIVKSEYWLAKMIDLFPVAKRAGVSEDVLNQARELHYDAHLYWE
WWTAENSVGFHNPDQARESLMTSISKSKEAVSLLNDAIDAQVASR
;
_entity_poly.pdbx_strand_id   A,B
#
loop_
_chem_comp.id
_chem_comp.type
_chem_comp.name
_chem_comp.formula
CA non-polymer 'CALCIUM ION' 'Ca 2'
CYN non-polymer 'CYANIDE ION' 'C N -1'
HEC non-polymer 'HEME C' 'C34 H34 Fe N4 O4'
NA non-polymer 'SODIUM ION' 'Na 1'
PG4 non-polymer 'TETRAETHYLENE GLYCOL' 'C8 H18 O5'
PG6 non-polymer 1-(2-METHOXY-ETHOXY)-2-{2-[2-(2-METHOXY-ETHOXY]-ETHOXY}-ETHANE 'C12 H26 O6'
TRS non-polymer 2-AMINO-2-HYDROXYMETHYL-PROPANE-1,3-DIOL 'C4 H12 N O3 1'
#
# COMPACT_ATOMS: atom_id res chain seq x y z
N ASN A 5 9.06 17.61 12.47
CA ASN A 5 9.62 16.63 11.48
C ASN A 5 10.89 16.00 12.04
N LEU A 6 11.15 14.74 11.66
CA LEU A 6 12.35 14.03 12.12
C LEU A 6 13.63 14.68 11.57
N LYS A 7 14.66 14.80 12.42
CA LYS A 7 15.97 15.29 12.02
C LYS A 7 16.99 14.16 12.20
N PRO A 8 17.76 13.86 11.15
CA PRO A 8 18.66 12.71 11.25
C PRO A 8 19.80 12.97 12.23
N VAL A 9 20.31 11.90 12.80
CA VAL A 9 21.49 11.94 13.69
C VAL A 9 22.70 11.42 12.95
N ASP A 10 23.89 11.72 13.49
CA ASP A 10 25.13 11.26 12.91
C ASP A 10 25.39 9.82 13.34
N ALA A 11 25.00 8.90 12.47
CA ALA A 11 25.09 7.48 12.77
C ALA A 11 26.56 7.04 12.95
N MET A 12 27.50 7.75 12.30
CA MET A 12 28.92 7.36 12.40
C MET A 12 29.40 7.51 13.83
N GLN A 13 28.91 8.54 14.51
CA GLN A 13 29.23 8.73 15.93
C GLN A 13 28.69 7.55 16.73
N CYS A 14 27.45 7.13 16.47
CA CYS A 14 26.96 5.96 17.20
C CYS A 14 27.85 4.75 16.98
N PHE A 15 28.30 4.54 15.74
CA PHE A 15 29.08 3.36 15.36
C PHE A 15 30.46 3.30 16.06
N ASP A 16 30.92 4.43 16.55
CA ASP A 16 32.18 4.43 17.34
C ASP A 16 32.08 3.58 18.59
N CYS A 17 30.86 3.36 19.08
CA CYS A 17 30.59 2.52 20.25
C CYS A 17 29.68 1.34 20.03
N HIS A 18 29.13 1.24 18.81
CA HIS A 18 28.13 0.21 18.47
C HIS A 18 28.57 -0.56 17.22
N THR A 19 29.73 -1.23 17.31
CA THR A 19 30.23 -2.00 16.16
C THR A 19 29.34 -3.15 15.73
N GLN A 20 28.65 -3.76 16.70
CA GLN A 20 27.78 -4.87 16.42
C GLN A 20 26.63 -4.38 15.50
N ILE A 21 26.05 -3.23 15.83
CA ILE A 21 24.99 -2.64 15.00
C ILE A 21 25.55 -2.17 13.66
N GLU A 22 26.74 -1.54 13.67
CA GLU A 22 27.36 -1.09 12.46
C GLU A 22 27.48 -2.20 11.44
N ASP A 23 27.95 -3.37 11.89
CA ASP A 23 28.19 -4.46 10.98
C ASP A 23 26.91 -4.99 10.33
N MET A 24 25.80 -4.87 11.04
CA MET A 24 24.48 -5.25 10.46
C MET A 24 23.87 -4.17 9.58
N HIS A 25 23.89 -2.94 10.06
CA HIS A 25 23.17 -1.82 9.41
C HIS A 25 23.83 -1.39 8.12
N THR A 26 25.17 -1.35 8.10
CA THR A 26 25.84 -0.83 6.91
C THR A 26 25.78 -1.76 5.66
N VAL A 27 25.48 -3.04 5.87
CA VAL A 27 25.48 -4.11 4.86
C VAL A 27 24.08 -4.39 4.30
N GLY A 28 23.05 -4.24 5.13
CA GLY A 28 21.71 -4.63 4.70
C GLY A 28 20.92 -3.56 3.98
N LYS A 29 19.63 -3.81 3.78
CA LYS A 29 18.78 -2.92 3.02
C LYS A 29 18.24 -1.76 3.81
N HIS A 30 18.66 -1.62 5.07
CA HIS A 30 18.37 -0.42 5.87
C HIS A 30 19.62 0.48 6.07
N ALA A 31 20.63 0.30 5.23
CA ALA A 31 21.84 1.14 5.37
C ALA A 31 21.56 2.63 5.29
N THR A 32 20.52 3.02 4.55
CA THR A 32 20.16 4.42 4.42
C THR A 32 19.09 4.91 5.42
N VAL A 33 18.62 4.04 6.30
CA VAL A 33 17.55 4.38 7.25
C VAL A 33 18.17 4.86 8.55
N ASN A 34 17.98 6.15 8.81
CA ASN A 34 18.66 6.80 9.93
C ASN A 34 18.09 6.34 11.24
N CYS A 35 18.90 6.32 12.29
CA CYS A 35 18.52 5.80 13.58
C CYS A 35 17.38 6.56 14.23
N VAL A 36 17.17 7.84 13.86
CA VAL A 36 16.13 8.66 14.44
C VAL A 36 14.70 8.11 14.16
N HIS A 37 14.60 7.25 13.16
CA HIS A 37 13.29 6.59 12.91
C HIS A 37 12.82 5.73 14.05
N CYS A 38 13.74 5.22 14.88
CA CYS A 38 13.37 4.30 15.93
C CYS A 38 13.99 4.59 17.31
N HIS A 39 14.95 5.51 17.36
CA HIS A 39 15.65 5.81 18.63
C HIS A 39 15.70 7.33 18.88
N ASP A 40 15.51 7.70 20.15
CA ASP A 40 15.77 9.06 20.63
C ASP A 40 16.94 8.94 21.62
N ALA A 41 18.11 9.28 21.11
CA ALA A 41 19.38 9.06 21.82
C ALA A 41 20.14 10.35 22.14
N THR A 42 19.49 11.50 22.12
CA THR A 42 20.24 12.76 22.31
C THR A 42 20.93 12.83 23.67
N GLU A 43 20.20 12.56 24.74
CA GLU A 43 20.76 12.61 26.12
C GLU A 43 21.73 11.46 26.35
N HIS A 44 21.46 10.31 25.72
CA HIS A 44 22.38 9.15 25.72
C HIS A 44 23.74 9.54 25.14
N VAL A 45 23.78 10.15 23.97
CA VAL A 45 25.04 10.53 23.32
C VAL A 45 25.80 11.56 24.17
N GLU A 46 25.10 12.41 24.88
CA GLU A 46 25.70 13.43 25.77
C GLU A 46 26.35 12.83 27.02
N THR A 47 25.95 11.62 27.42
CA THR A 47 26.34 11.06 28.72
C THR A 47 27.10 9.73 28.64
N ALA A 48 27.04 9.02 27.51
CA ALA A 48 27.65 7.70 27.38
C ALA A 48 29.16 7.74 27.21
N SER A 49 29.80 6.64 27.61
CA SER A 49 31.10 6.28 27.08
C SER A 49 30.95 4.91 26.46
N SER A 50 31.98 4.40 25.81
CA SER A 50 31.93 3.05 25.25
C SER A 50 31.73 1.93 26.29
N ARG A 51 31.91 2.27 27.57
CA ARG A 51 31.80 1.32 28.67
C ARG A 51 30.75 1.72 29.72
N ARG A 52 29.94 2.74 29.45
CA ARG A 52 28.94 3.27 30.41
C ARG A 52 27.76 3.82 29.58
N MET A 53 26.57 3.25 29.74
CA MET A 53 25.40 3.67 28.93
C MET A 53 25.08 5.13 29.12
N GLY A 54 25.28 5.66 30.33
CA GLY A 54 24.75 6.96 30.64
C GLY A 54 23.22 6.93 30.59
N GLU A 55 22.61 8.01 30.13
CA GLU A 55 21.15 8.04 30.05
C GLU A 55 20.70 7.03 29.00
N ARG A 56 19.61 6.33 29.33
CA ARG A 56 19.11 5.29 28.45
C ARG A 56 18.37 5.90 27.27
N PRO A 57 18.78 5.55 26.05
CA PRO A 57 18.08 6.08 24.87
C PRO A 57 16.69 5.42 24.79
N VAL A 58 15.76 6.10 24.14
CA VAL A 58 14.41 5.56 23.95
C VAL A 58 14.38 4.78 22.64
N THR A 59 13.75 3.60 22.65
CA THR A 59 13.59 2.81 21.43
C THR A 59 12.10 2.66 21.18
N ARG A 60 11.68 3.03 19.98
CA ARG A 60 10.26 2.83 19.56
C ARG A 60 9.98 1.38 19.23
N MET A 61 8.87 0.86 19.79
CA MET A 61 8.42 -0.52 19.56
C MET A 61 7.11 -0.53 18.75
N ASP A 62 6.55 0.65 18.53
CA ASP A 62 5.25 0.74 17.82
C ASP A 62 5.41 0.35 16.36
N LEU A 63 4.37 -0.26 15.79
CA LEU A 63 4.40 -0.73 14.43
C LEU A 63 4.38 0.41 13.42
N GLU A 64 3.91 1.58 13.84
CA GLU A 64 3.92 2.72 12.96
C GLU A 64 5.32 3.26 12.68
N ALA A 65 6.31 2.83 13.46
CA ALA A 65 7.68 3.15 13.10
C ALA A 65 8.10 2.56 11.77
N CYS A 66 7.47 1.47 11.37
CA CYS A 66 7.72 0.80 10.10
C CYS A 66 6.71 1.19 9.05
N ALA A 67 5.52 1.60 9.48
CA ALA A 67 4.43 1.90 8.54
C ALA A 67 4.64 3.11 7.68
N THR A 68 5.50 4.02 8.15
CA THR A 68 5.87 5.21 7.41
C THR A 68 6.43 4.89 6.03
N CYS A 69 7.30 3.89 5.97
CA CYS A 69 7.93 3.52 4.70
C CYS A 69 7.37 2.22 4.12
N HIS A 70 6.57 1.50 4.91
CA HIS A 70 6.03 0.20 4.47
C HIS A 70 4.50 0.11 4.79
N THR A 71 3.78 1.09 4.25
CA THR A 71 2.32 1.16 4.48
C THR A 71 1.58 -0.06 3.97
N ALA A 72 1.94 -0.61 2.81
CA ALA A 72 1.19 -1.76 2.26
C ALA A 72 1.24 -2.99 3.18
N GLN A 73 2.42 -3.27 3.73
CA GLN A 73 2.61 -4.41 4.63
C GLN A 73 1.87 -4.15 5.93
N PHE A 74 1.95 -2.93 6.45
CA PHE A 74 1.27 -2.56 7.70
C PHE A 74 -0.26 -2.65 7.54
N ASN A 75 -0.78 -2.09 6.45
CA ASN A 75 -2.24 -2.11 6.28
C ASN A 75 -2.75 -3.51 6.04
N SER A 76 -2.00 -4.35 5.35
CA SER A 76 -2.39 -5.74 5.19
C SER A 76 -2.39 -6.48 6.51
N PHE A 77 -1.39 -6.20 7.36
CA PHE A 77 -1.34 -6.82 8.69
C PHE A 77 -2.50 -6.47 9.60
N VAL A 78 -2.89 -5.21 9.61
CA VAL A 78 -3.86 -4.73 10.59
C VAL A 78 -5.31 -4.99 10.19
N GLU A 79 -5.53 -5.42 8.97
CA GLU A 79 -6.90 -5.75 8.51
C GLU A 79 -7.54 -6.76 9.46
N VAL A 80 -8.81 -6.54 9.79
CA VAL A 80 -9.60 -7.45 10.64
C VAL A 80 -10.43 -8.33 9.74
N ARG A 81 -10.29 -9.64 9.92
CA ARG A 81 -11.11 -10.60 9.18
C ARG A 81 -12.42 -10.80 9.98
N HIS A 82 -13.49 -10.10 9.58
CA HIS A 82 -14.74 -10.19 10.34
C HIS A 82 -15.36 -11.57 10.30
N GLU A 83 -15.04 -12.34 9.25
CA GLU A 83 -15.52 -13.71 9.14
C GLU A 83 -14.86 -14.69 10.10
N SER A 84 -13.78 -14.28 10.77
CA SER A 84 -13.18 -15.09 11.82
C SER A 84 -13.93 -14.73 13.10
N HIS A 85 -14.94 -15.57 13.41
CA HIS A 85 -15.86 -15.34 14.51
C HIS A 85 -15.13 -14.99 15.82
N PRO A 86 -15.55 -13.93 16.50
CA PRO A 86 -14.85 -13.50 17.69
C PRO A 86 -15.44 -14.07 18.98
N ARG A 87 -14.57 -14.25 19.97
CA ARG A 87 -14.94 -14.73 21.30
C ARG A 87 -15.83 -16.00 21.28
N LEU A 88 -15.47 -16.93 20.38
CA LEU A 88 -16.26 -18.14 20.13
C LEU A 88 -15.64 -19.30 20.94
N GLU A 89 -16.38 -19.72 21.95
CA GLU A 89 -15.88 -20.73 22.88
C GLU A 89 -15.81 -22.10 22.21
N LYS A 90 -14.66 -22.78 22.36
CA LYS A 90 -14.42 -24.06 21.73
C LYS A 90 -15.17 -25.23 22.38
N ALA A 91 -15.49 -25.11 23.66
CA ALA A 91 -16.22 -26.15 24.39
C ALA A 91 -17.72 -26.09 24.15
N THR A 92 -18.12 -26.01 22.90
CA THR A 92 -19.55 -25.95 22.56
C THR A 92 -19.78 -26.95 21.43
N PRO A 93 -21.05 -27.37 21.24
CA PRO A 93 -21.29 -28.46 20.30
C PRO A 93 -21.02 -28.09 18.86
N THR A 94 -21.01 -26.81 18.55
CA THR A 94 -20.78 -26.34 17.20
C THR A 94 -19.36 -25.85 16.93
N SER A 95 -18.46 -26.01 17.90
CA SER A 95 -17.05 -25.64 17.70
C SER A 95 -16.12 -26.87 17.77
N ARG A 96 -14.86 -26.66 18.16
CA ARG A 96 -13.81 -27.66 17.99
C ARG A 96 -13.88 -28.83 18.96
N SER A 97 -14.40 -28.60 20.17
CA SER A 97 -14.26 -29.64 21.21
C SER A 97 -15.52 -29.73 22.06
N PRO A 98 -16.53 -30.42 21.55
CA PRO A 98 -17.82 -30.45 22.24
C PRO A 98 -17.77 -31.00 23.68
N MET A 99 -16.83 -31.89 23.96
CA MET A 99 -16.71 -32.45 25.32
C MET A 99 -15.48 -31.92 26.06
N PHE A 100 -15.02 -30.72 25.72
CA PHE A 100 -13.81 -30.16 26.33
C PHE A 100 -13.90 -30.01 27.84
N ASP A 101 -15.06 -29.58 28.37
CA ASP A 101 -15.13 -29.32 29.84
C ASP A 101 -14.90 -30.62 30.63
N LYS A 102 -15.48 -31.71 30.19
CA LYS A 102 -15.27 -33.00 30.88
C LYS A 102 -13.83 -33.45 30.77
N LEU A 103 -13.24 -33.30 29.59
CA LEU A 103 -11.91 -33.82 29.31
C LEU A 103 -10.79 -33.00 29.94
N ILE A 104 -10.99 -31.69 30.02
CA ILE A 104 -9.96 -30.77 30.51
C ILE A 104 -10.13 -30.40 32.00
N ALA A 105 -11.15 -30.96 32.64
CA ALA A 105 -11.47 -30.64 34.04
C ALA A 105 -10.23 -30.75 34.91
N GLY A 106 -9.99 -29.66 35.64
CA GLY A 106 -8.77 -29.49 36.43
C GLY A 106 -7.76 -28.49 35.89
N HIS A 107 -7.93 -28.09 34.61
CA HIS A 107 -7.06 -27.14 33.96
C HIS A 107 -7.76 -25.79 33.79
N GLY A 108 -6.98 -24.71 33.82
CA GLY A 108 -7.48 -23.35 33.64
C GLY A 108 -8.26 -23.08 32.35
N PHE A 109 -7.96 -23.82 31.29
CA PHE A 109 -8.69 -23.58 30.01
C PHE A 109 -10.17 -23.84 30.16
N ALA A 110 -10.61 -24.61 31.17
CA ALA A 110 -12.04 -24.77 31.44
C ALA A 110 -12.77 -23.47 31.65
N PHE A 111 -12.07 -22.41 32.10
CA PHE A 111 -12.69 -21.11 32.34
C PHE A 111 -13.07 -20.37 31.07
N GLU A 112 -12.27 -20.54 30.03
CA GLU A 112 -12.58 -20.00 28.70
C GLU A 112 -11.48 -20.37 27.73
N HIS A 113 -11.84 -20.85 26.54
CA HIS A 113 -10.90 -21.12 25.45
C HIS A 113 -11.62 -20.86 24.13
N ALA A 114 -11.39 -19.67 23.57
CA ALA A 114 -12.05 -19.24 22.34
C ALA A 114 -11.18 -19.61 21.15
N GLU A 115 -11.81 -19.67 19.98
CA GLU A 115 -11.07 -19.81 18.72
C GLU A 115 -10.22 -18.56 18.49
N PRO A 116 -9.10 -18.69 17.75
CA PRO A 116 -8.29 -17.51 17.43
C PRO A 116 -9.01 -16.60 16.48
N ARG A 117 -8.66 -15.33 16.51
CA ARG A 117 -9.10 -14.34 15.54
C ARG A 117 -7.89 -13.54 15.05
N SER A 118 -8.13 -12.46 14.30
CA SER A 118 -7.02 -11.78 13.56
C SER A 118 -5.91 -11.33 14.54
N HIS A 119 -4.70 -11.31 13.98
CA HIS A 119 -3.48 -10.98 14.75
C HIS A 119 -3.52 -9.64 15.47
N ALA A 120 -4.19 -8.63 14.92
CA ALA A 120 -4.26 -7.31 15.56
C ALA A 120 -4.68 -7.40 17.02
N PHE A 121 -5.50 -8.37 17.36
CA PHE A 121 -6.09 -8.48 18.67
C PHE A 121 -5.31 -9.35 19.66
N MET A 122 -4.14 -9.85 19.29
CA MET A 122 -3.55 -10.88 20.16
C MET A 122 -3.26 -10.43 21.59
N LEU A 123 -2.77 -9.21 21.75
CA LEU A 123 -2.38 -8.76 23.09
C LEU A 123 -3.63 -8.44 23.91
N VAL A 124 -4.59 -7.70 23.32
CA VAL A 124 -5.83 -7.41 24.04
C VAL A 124 -6.61 -8.68 24.37
N ASP A 125 -6.63 -9.66 23.47
CA ASP A 125 -7.36 -10.88 23.75
C ASP A 125 -6.74 -11.71 24.88
N HIS A 126 -5.41 -11.73 24.90
CA HIS A 126 -4.66 -12.30 26.01
C HIS A 126 -5.03 -11.62 27.34
N PHE A 127 -5.13 -10.29 27.33
CA PHE A 127 -5.42 -9.56 28.56
C PHE A 127 -6.84 -9.81 29.07
N VAL A 128 -7.82 -9.96 28.16
CA VAL A 128 -9.25 -9.96 28.56
C VAL A 128 -9.88 -11.34 28.73
N VAL A 129 -9.24 -12.40 28.24
CA VAL A 129 -9.83 -13.76 28.29
C VAL A 129 -10.10 -14.16 29.75
N ASP A 130 -11.17 -14.88 30.00
CA ASP A 130 -11.57 -15.20 31.39
C ASP A 130 -10.56 -16.03 32.18
N ARG A 131 -9.67 -16.75 31.49
CA ARG A 131 -8.71 -17.64 32.18
C ARG A 131 -7.42 -16.94 32.63
N ALA A 132 -7.23 -15.68 32.26
CA ALA A 132 -5.88 -15.05 32.34
C ALA A 132 -5.60 -14.18 33.58
N TYR A 133 -6.45 -13.17 33.82
CA TYR A 133 -6.19 -12.16 34.86
C TYR A 133 -7.36 -11.94 35.81
N GLY A 134 -8.18 -12.97 36.03
CA GLY A 134 -9.29 -12.90 36.96
C GLY A 134 -10.35 -11.89 36.58
N GLY A 135 -10.43 -11.58 35.28
CA GLY A 135 -11.31 -10.54 34.81
C GLY A 135 -10.89 -9.11 35.10
N ARG A 136 -9.63 -8.90 35.53
CA ARG A 136 -9.16 -7.57 35.84
C ARG A 136 -9.23 -6.58 34.67
N PHE A 137 -8.85 -7.07 33.49
CA PHE A 137 -8.81 -6.28 32.30
C PHE A 137 -10.03 -6.58 31.40
N GLN A 138 -10.63 -5.50 30.92
CA GLN A 138 -11.79 -5.59 30.06
C GLN A 138 -11.69 -4.54 28.97
N PHE A 139 -12.35 -4.77 27.83
CA PHE A 139 -12.53 -3.68 26.86
C PHE A 139 -13.29 -2.53 27.54
N LYS A 140 -13.00 -1.30 27.13
CA LYS A 140 -13.58 -0.12 27.79
C LYS A 140 -15.11 -0.18 27.70
N ASN A 141 -15.59 -0.70 26.56
CA ASN A 141 -16.99 -1.00 26.38
C ASN A 141 -17.07 -2.05 25.25
N TRP A 142 -18.26 -2.57 25.00
CA TRP A 142 -18.43 -3.67 24.04
C TRP A 142 -18.28 -3.22 22.58
N GLN A 143 -18.23 -1.92 22.33
CA GLN A 143 -17.93 -1.44 20.99
C GLN A 143 -16.49 -1.66 20.58
N LYS A 144 -15.59 -1.64 21.55
CA LYS A 144 -14.16 -1.61 21.26
C LYS A 144 -13.65 -2.94 20.69
N VAL A 145 -14.46 -3.99 20.75
CA VAL A 145 -14.06 -5.29 20.25
C VAL A 145 -13.79 -5.31 18.76
N THR A 146 -14.31 -4.33 18.02
CA THR A 146 -14.12 -4.22 16.57
C THR A 146 -12.80 -3.55 16.20
N ASP A 147 -12.13 -2.93 17.18
CA ASP A 147 -11.15 -1.89 16.84
C ASP A 147 -9.72 -2.45 16.74
N GLY A 148 -9.40 -3.07 15.60
CA GLY A 148 -8.09 -3.69 15.36
C GLY A 148 -7.00 -2.62 15.29
N MET A 149 -7.26 -1.54 14.58
CA MET A 149 -6.26 -0.46 14.51
C MET A 149 -5.99 0.13 15.90
N GLY A 150 -7.04 0.30 16.71
CA GLY A 150 -6.85 0.81 18.05
C GLY A 150 -6.02 -0.11 18.91
N ALA A 151 -6.28 -1.42 18.87
CA ALA A 151 -5.48 -2.41 19.61
C ALA A 151 -4.02 -2.31 19.19
N VAL A 152 -3.75 -2.14 17.89
CA VAL A 152 -2.38 -2.04 17.39
C VAL A 152 -1.71 -0.76 17.90
N ARG A 153 -2.46 0.33 17.92
CA ARG A 153 -1.94 1.62 18.47
C ARG A 153 -1.57 1.44 19.94
N GLY A 154 -2.34 0.65 20.69
CA GLY A 154 -1.91 0.20 21.99
C GLY A 154 -3.04 -0.39 22.80
N ALA A 155 -2.75 -1.48 23.50
CA ALA A 155 -3.74 -2.18 24.31
C ALA A 155 -4.46 -1.23 25.24
N TRP A 156 -3.74 -0.32 25.88
CA TRP A 156 -4.33 0.51 26.93
C TRP A 156 -5.12 1.68 26.37
N THR A 157 -5.18 1.82 25.04
CA THR A 157 -6.10 2.75 24.40
C THR A 157 -7.52 2.19 24.31
N VAL A 158 -7.66 0.86 24.43
CA VAL A 158 -8.97 0.19 24.32
C VAL A 158 -9.42 -0.63 25.52
N LEU A 159 -8.54 -0.82 26.52
CA LEU A 159 -8.85 -1.59 27.73
C LEU A 159 -8.86 -0.75 29.00
N THR A 160 -9.53 -1.29 30.01
CA THR A 160 -9.54 -0.76 31.38
C THR A 160 -9.01 -1.82 32.35
N ASP A 161 -8.49 -1.33 33.48
CA ASP A 161 -8.02 -2.14 34.61
C ASP A 161 -8.98 -1.91 35.77
N ALA A 162 -9.52 -2.98 36.33
CA ALA A 162 -10.52 -2.89 37.42
C ALA A 162 -9.94 -2.24 38.69
N ASP A 163 -8.63 -2.33 38.91
CA ASP A 163 -8.01 -1.75 40.14
C ASP A 163 -6.57 -1.34 39.87
N PRO A 164 -6.38 -0.14 39.33
CA PRO A 164 -5.02 0.33 39.12
C PRO A 164 -4.20 0.44 40.41
N GLU A 165 -4.86 0.40 41.57
CA GLU A 165 -4.11 0.57 42.85
C GLU A 165 -3.51 -0.73 43.41
N SER A 166 -3.75 -1.87 42.77
CA SER A 166 -3.16 -3.12 43.21
C SER A 166 -2.54 -3.87 42.04
N SER A 167 -1.55 -4.69 42.33
CA SER A 167 -0.82 -5.42 41.29
C SER A 167 -0.82 -6.94 41.45
N ASP A 168 -1.61 -7.45 42.40
CA ASP A 168 -1.72 -8.89 42.62
C ASP A 168 -2.70 -9.51 41.59
N GLN A 169 -2.43 -10.75 41.21
CA GLN A 169 -3.40 -11.54 40.45
C GLN A 169 -4.52 -11.98 41.38
N ARG A 170 -5.74 -11.56 41.08
CA ARG A 170 -6.90 -12.05 41.83
C ARG A 170 -8.16 -12.04 40.97
N ARG A 171 -9.19 -12.74 41.45
CA ARG A 171 -10.46 -12.82 40.73
C ARG A 171 -11.32 -11.62 41.04
N PHE A 172 -11.68 -10.90 39.98
CA PHE A 172 -12.66 -9.82 40.02
C PHE A 172 -14.07 -10.26 39.62
N LEU A 173 -14.15 -11.30 38.78
CA LEU A 173 -15.40 -11.96 38.41
C LEU A 173 -15.30 -13.39 38.87
N SER A 174 -16.44 -14.01 39.24
CA SER A 174 -16.39 -15.29 39.91
C SER A 174 -15.82 -16.43 39.12
N GLN A 175 -16.19 -16.53 37.84
CA GLN A 175 -15.76 -17.66 37.03
C GLN A 175 -14.66 -17.28 36.06
N THR A 176 -13.54 -16.88 36.66
CA THR A 176 -12.32 -16.56 35.95
C THR A 176 -11.16 -17.31 36.65
N ALA A 177 -10.02 -17.34 35.97
CA ALA A 177 -8.77 -17.86 36.54
C ALA A 177 -7.68 -16.81 36.34
N THR A 178 -6.55 -17.04 37.01
CA THR A 178 -5.41 -16.12 36.96
C THR A 178 -4.18 -16.84 36.44
N ALA A 179 -4.31 -17.47 35.27
CA ALA A 179 -3.23 -18.31 34.71
C ALA A 179 -2.11 -17.52 34.02
N ALA A 180 -2.34 -16.25 33.72
CA ALA A 180 -1.31 -15.47 32.99
C ALA A 180 -0.06 -15.36 33.83
N ASN A 181 1.08 -15.33 33.16
CA ASN A 181 2.40 -15.16 33.77
C ASN A 181 3.26 -14.49 32.74
N PRO A 182 4.46 -14.02 33.10
CA PRO A 182 5.23 -13.26 32.13
C PRO A 182 5.69 -14.02 30.86
N VAL A 183 5.80 -15.35 30.93
CA VAL A 183 6.23 -16.07 29.75
C VAL A 183 5.19 -15.90 28.62
N CYS A 184 3.93 -15.89 28.97
CA CYS A 184 2.85 -15.76 27.95
C CYS A 184 3.09 -14.61 26.99
N LEU A 185 3.51 -13.48 27.54
CA LEU A 185 3.59 -12.24 26.82
C LEU A 185 4.57 -12.31 25.66
N ASN A 186 5.54 -13.24 25.71
CA ASN A 186 6.51 -13.38 24.63
C ASN A 186 5.95 -13.80 23.30
N CYS A 187 4.75 -14.38 23.33
CA CYS A 187 4.01 -14.73 22.10
C CYS A 187 2.88 -13.77 21.81
N LYS A 188 2.85 -12.63 22.47
CA LYS A 188 1.85 -11.59 22.19
C LYS A 188 2.43 -10.27 21.73
N THR A 189 3.67 -9.98 22.19
CA THR A 189 4.34 -8.73 21.96
C THR A 189 5.83 -8.98 22.16
N GLN A 190 6.64 -8.09 21.61
CA GLN A 190 8.06 -7.99 21.99
C GLN A 190 8.42 -6.55 22.38
N ASP A 191 7.46 -5.80 22.91
CA ASP A 191 7.71 -4.44 23.42
C ASP A 191 8.84 -4.50 24.50
N HIS A 192 8.95 -5.64 25.16
CA HIS A 192 9.88 -5.86 26.30
C HIS A 192 11.23 -6.43 25.85
N ILE A 193 11.51 -6.46 24.55
CA ILE A 193 12.72 -7.09 23.98
C ILE A 193 14.06 -6.57 24.62
N LEU A 194 14.11 -5.31 25.02
CA LEU A 194 15.32 -4.76 25.72
C LEU A 194 15.25 -4.80 27.22
N ASP A 195 14.18 -5.40 27.77
CA ASP A 195 13.92 -5.42 29.23
C ASP A 195 13.76 -6.82 29.84
N TRP A 196 14.11 -7.83 29.08
CA TRP A 196 13.86 -9.24 29.35
C TRP A 196 15.10 -9.98 28.94
N ALA A 197 15.74 -10.69 29.88
CA ALA A 197 16.88 -11.50 29.51
C ALA A 197 16.46 -12.77 28.83
N TYR A 198 17.39 -13.34 28.07
CA TYR A 198 17.17 -14.62 27.36
C TYR A 198 16.56 -15.68 28.27
N MET A 199 15.42 -16.22 27.84
CA MET A 199 14.60 -17.21 28.58
C MET A 199 13.83 -16.70 29.76
N GLY A 200 13.99 -15.42 30.11
CA GLY A 200 13.37 -14.84 31.29
C GLY A 200 14.10 -15.21 32.57
N ASP A 201 15.35 -15.61 32.41
CA ASP A 201 16.19 -15.88 33.58
C ASP A 201 16.34 -14.58 34.37
N GLU A 202 16.60 -14.70 35.68
CA GLU A 202 16.97 -13.51 36.45
C GLU A 202 18.26 -12.90 35.88
N HIS A 203 18.30 -11.58 35.86
CA HIS A 203 19.44 -10.84 35.30
C HIS A 203 19.45 -9.43 35.82
N GLU A 204 20.64 -8.94 36.22
CA GLU A 204 20.75 -7.58 36.75
C GLU A 204 20.23 -6.50 35.83
N ALA A 205 20.34 -6.72 34.53
CA ALA A 205 19.94 -5.76 33.51
C ALA A 205 18.48 -5.86 33.05
N ALA A 206 17.76 -6.86 33.56
CA ALA A 206 16.34 -7.10 33.15
C ALA A 206 15.36 -6.56 34.17
N LYS A 207 14.48 -5.67 33.72
CA LYS A 207 13.35 -5.19 34.52
C LYS A 207 12.34 -6.31 34.78
N TRP A 208 12.19 -7.20 33.78
CA TRP A 208 11.17 -8.25 33.78
C TRP A 208 11.81 -9.62 33.64
N SER A 209 11.18 -10.62 34.24
CA SER A 209 11.62 -12.00 34.18
C SER A 209 10.44 -12.95 34.39
N ARG A 210 10.71 -14.25 34.34
CA ARG A 210 9.67 -15.25 34.59
C ARG A 210 8.97 -15.06 35.93
N THR A 211 9.69 -14.51 36.92
CA THR A 211 9.14 -14.39 38.27
C THR A 211 8.51 -13.04 38.61
N SER A 212 8.42 -12.13 37.63
CA SER A 212 7.78 -10.85 37.81
C SER A 212 6.29 -10.93 38.14
N GLU A 213 5.78 -9.85 38.71
CA GLU A 213 4.33 -9.67 38.94
C GLU A 213 3.72 -9.36 37.55
N VAL A 214 3.00 -10.34 37.03
CA VAL A 214 2.50 -10.26 35.63
C VAL A 214 1.58 -9.05 35.43
N VAL A 215 0.82 -8.62 36.44
CA VAL A 215 -0.04 -7.44 36.28
C VAL A 215 0.79 -6.18 36.05
N GLU A 216 1.90 -6.06 36.79
CA GLU A 216 2.82 -4.91 36.59
C GLU A 216 3.46 -4.93 35.19
N PHE A 217 3.87 -6.12 34.77
CA PHE A 217 4.49 -6.33 33.44
C PHE A 217 3.47 -5.93 32.34
N ALA A 218 2.25 -6.42 32.48
CA ALA A 218 1.16 -6.17 31.51
C ALA A 218 0.98 -4.68 31.25
N ARG A 219 1.00 -3.88 32.32
CA ARG A 219 0.81 -2.45 32.18
C ARG A 219 1.90 -1.72 31.38
N ASP A 220 3.06 -2.35 31.22
CA ASP A 220 4.17 -1.77 30.47
C ASP A 220 4.17 -2.17 28.99
N LEU A 221 3.16 -2.95 28.57
CA LEU A 221 3.14 -3.54 27.22
C LEU A 221 1.94 -3.00 26.45
N ASN A 222 2.16 -2.79 25.15
CA ASN A 222 1.17 -2.10 24.32
C ASN A 222 0.83 -2.74 22.98
N HIS A 223 1.82 -3.17 22.22
CA HIS A 223 1.65 -3.48 20.79
C HIS A 223 1.71 -4.97 20.52
N PRO A 224 0.84 -5.47 19.63
CA PRO A 224 0.88 -6.86 19.21
C PRO A 224 1.90 -7.14 18.11
N LEU A 225 2.37 -8.37 18.06
CA LEU A 225 3.14 -8.90 16.93
C LEU A 225 3.98 -7.83 16.23
N ASN A 226 4.97 -7.31 16.95
CA ASN A 226 5.79 -6.25 16.37
C ASN A 226 6.44 -6.67 15.05
N CYS A 227 6.60 -5.72 14.14
CA CYS A 227 7.13 -6.03 12.80
C CYS A 227 8.52 -6.64 12.89
N PHE A 228 9.26 -6.18 13.90
CA PHE A 228 10.65 -6.67 14.09
C PHE A 228 10.74 -8.07 14.69
N MET A 229 9.60 -8.73 14.96
CA MET A 229 9.71 -10.13 15.37
C MET A 229 10.25 -11.05 14.29
N CYS A 230 10.07 -10.67 13.00
CA CYS A 230 10.51 -11.46 11.87
C CYS A 230 11.57 -10.81 10.99
N HIS A 231 11.84 -9.52 11.25
CA HIS A 231 12.70 -8.73 10.43
C HIS A 231 13.66 -7.94 11.35
N ASP A 232 14.96 -8.13 11.19
CA ASP A 232 15.91 -7.36 12.00
C ASP A 232 15.80 -5.88 11.61
N PRO A 233 15.63 -4.98 12.59
CA PRO A 233 15.43 -3.58 12.22
C PRO A 233 16.69 -2.92 11.66
N HIS A 234 17.85 -3.48 11.96
CA HIS A 234 19.11 -2.91 11.51
C HIS A 234 19.53 -3.41 10.13
N SER A 235 19.50 -4.73 9.91
CA SER A 235 19.84 -5.28 8.60
C SER A 235 18.69 -5.42 7.59
N ALA A 236 17.49 -5.37 8.15
CA ALA A 236 16.22 -5.74 7.45
C ALA A 236 16.11 -7.20 7.09
N GLY A 237 17.06 -8.04 7.52
CA GLY A 237 17.05 -9.44 7.16
C GLY A 237 16.17 -10.30 8.03
N PRO A 238 15.91 -11.54 7.56
CA PRO A 238 14.97 -12.41 8.24
C PRO A 238 15.52 -12.92 9.55
N ARG A 239 14.69 -12.97 10.58
CA ARG A 239 15.12 -13.46 11.88
C ARG A 239 13.94 -13.99 12.70
N VAL A 240 14.28 -14.56 13.85
CA VAL A 240 13.37 -14.76 14.96
C VAL A 240 13.97 -14.11 16.20
N VAL A 241 13.12 -13.72 17.13
CA VAL A 241 13.55 -13.16 18.41
C VAL A 241 13.09 -13.97 19.61
N ARG A 242 12.22 -14.97 19.41
CA ARG A 242 11.64 -15.68 20.50
C ARG A 242 12.67 -16.64 21.16
N ASP A 243 12.95 -16.37 22.43
CA ASP A 243 13.97 -17.14 23.16
C ASP A 243 13.76 -18.63 23.15
N GLY A 244 12.53 -19.10 23.45
CA GLY A 244 12.26 -20.53 23.47
C GLY A 244 12.57 -21.27 22.18
N LEU A 245 12.37 -20.59 21.04
CA LEU A 245 12.62 -21.18 19.75
C LEU A 245 14.14 -21.29 19.47
N ILE A 246 14.85 -20.21 19.74
CA ILE A 246 16.33 -20.19 19.62
C ILE A 246 16.92 -21.30 20.54
N ASN A 247 16.35 -21.44 21.73
CA ASN A 247 16.82 -22.45 22.69
C ASN A 247 16.65 -23.87 22.16
N ALA A 248 15.53 -24.18 21.52
CA ALA A 248 15.32 -25.49 20.93
C ALA A 248 16.21 -25.74 19.70
N VAL A 249 16.22 -24.78 18.79
CA VAL A 249 16.88 -24.95 17.51
C VAL A 249 18.40 -24.98 17.66
N VAL A 250 18.91 -23.98 18.39
CA VAL A 250 20.36 -23.78 18.50
C VAL A 250 20.93 -24.40 19.78
N ASP A 251 20.50 -23.93 20.95
CA ASP A 251 21.15 -24.38 22.25
C ASP A 251 21.08 -25.88 22.42
N ARG A 252 19.91 -26.47 22.14
CA ARG A 252 19.69 -27.90 22.30
C ARG A 252 20.06 -28.69 21.06
N GLY A 253 20.53 -28.00 20.03
CA GLY A 253 21.02 -28.63 18.81
C GLY A 253 20.02 -29.39 17.95
N LEU A 254 18.74 -29.08 18.10
CA LEU A 254 17.71 -29.83 17.39
C LEU A 254 17.57 -29.44 15.92
N GLY A 255 17.99 -28.22 15.55
CA GLY A 255 17.90 -27.74 14.19
C GLY A 255 16.51 -27.19 13.86
N THR A 256 16.45 -26.50 12.74
CA THR A 256 15.18 -25.88 12.28
C THR A 256 14.20 -26.93 11.77
N TYR A 257 14.70 -28.07 11.30
CA TYR A 257 13.86 -29.17 10.81
C TYR A 257 14.43 -30.44 11.45
N PRO A 258 13.95 -30.78 12.64
CA PRO A 258 14.58 -31.91 13.36
C PRO A 258 14.56 -33.23 12.60
N HIS A 259 13.63 -33.39 11.67
CA HIS A 259 13.54 -34.65 10.90
C HIS A 259 14.31 -34.62 9.59
N ASP A 260 14.99 -33.53 9.30
CA ASP A 260 15.68 -33.39 8.05
C ASP A 260 16.97 -32.61 8.26
N PRO A 261 18.11 -33.32 8.48
CA PRO A 261 19.36 -32.56 8.74
C PRO A 261 19.87 -31.73 7.57
N VAL A 262 19.57 -32.13 6.34
CA VAL A 262 20.01 -31.39 5.15
C VAL A 262 19.28 -30.05 5.08
N LYS A 263 17.95 -30.09 5.23
CA LYS A 263 17.16 -28.87 5.19
C LYS A 263 17.52 -27.96 6.37
N SER A 264 17.79 -28.56 7.52
CA SER A 264 18.26 -27.82 8.70
C SER A 264 19.53 -27.03 8.43
N GLU A 265 20.44 -27.61 7.67
CA GLU A 265 21.69 -26.94 7.31
C GLU A 265 21.48 -25.86 6.27
N GLN A 266 20.60 -26.11 5.28
CA GLN A 266 20.38 -25.13 4.23
C GLN A 266 19.53 -23.93 4.70
N GLN A 267 18.64 -24.22 5.64
CA GLN A 267 17.67 -23.23 6.16
C GLN A 267 17.82 -23.13 7.68
N GLY A 268 19.03 -22.76 8.09
CA GLY A 268 19.39 -22.72 9.48
C GLY A 268 19.27 -21.33 10.13
N MET A 269 19.75 -21.25 11.36
CA MET A 269 19.63 -20.09 12.19
C MET A 269 20.98 -19.86 12.88
N THR A 270 21.39 -18.60 12.96
CA THR A 270 22.62 -18.20 13.69
C THR A 270 22.24 -17.39 14.90
N LYS A 271 22.61 -17.86 16.10
CA LYS A 271 22.32 -17.13 17.33
C LYS A 271 23.27 -15.95 17.48
N VAL A 272 22.72 -14.76 17.68
CA VAL A 272 23.46 -13.55 17.94
C VAL A 272 23.10 -13.03 19.31
N THR A 273 24.13 -12.81 20.16
CA THR A 273 23.92 -12.39 21.52
C THR A 273 24.32 -10.94 21.69
N PHE A 274 23.58 -10.26 22.56
CA PHE A 274 23.85 -8.88 22.92
C PHE A 274 24.13 -8.84 24.40
N GLN A 275 25.16 -8.05 24.75
CA GLN A 275 25.63 -7.95 26.14
C GLN A 275 25.16 -6.71 26.89
N ARG A 276 25.14 -6.82 28.22
CA ARG A 276 24.94 -5.69 29.08
C ARG A 276 26.15 -5.73 30.03
N GLY A 277 26.96 -4.69 29.99
CA GLY A 277 28.29 -4.80 30.66
C GLY A 277 29.06 -5.97 30.10
N ARG A 278 29.60 -6.82 30.95
CA ARG A 278 30.40 -7.95 30.44
C ARG A 278 29.56 -9.17 30.10
N GLU A 279 28.24 -9.10 30.37
CA GLU A 279 27.46 -10.32 30.51
C GLU A 279 26.46 -10.45 29.35
N ASP A 280 26.36 -11.66 28.83
CA ASP A 280 25.30 -11.97 27.83
C ASP A 280 23.95 -11.59 28.43
N PHE A 281 23.06 -11.01 27.61
CA PHE A 281 21.76 -10.55 28.09
C PHE A 281 20.59 -11.08 27.26
N ARG A 282 20.59 -10.75 25.97
CA ARG A 282 19.48 -11.15 25.07
C ARG A 282 20.03 -11.77 23.81
N ALA A 283 19.15 -12.39 23.00
CA ALA A 283 19.61 -13.01 21.79
C ALA A 283 18.54 -12.95 20.69
N ILE A 284 19.01 -13.07 19.47
CA ILE A 284 18.16 -13.24 18.27
C ILE A 284 18.70 -14.40 17.46
N GLY A 285 17.92 -14.89 16.50
CA GLY A 285 18.34 -15.92 15.59
C GLY A 285 18.20 -15.43 14.16
N LEU A 286 19.32 -15.15 13.49
CA LEU A 286 19.30 -14.71 12.11
C LEU A 286 19.10 -15.91 11.22
N LEU A 287 18.12 -15.84 10.31
CA LEU A 287 17.83 -16.94 9.42
C LEU A 287 18.65 -16.92 8.13
N ASP A 288 19.06 -18.11 7.66
CA ASP A 288 19.76 -18.23 6.38
C ASP A 288 18.90 -17.79 5.18
N THR A 289 17.58 -18.01 5.30
CA THR A 289 16.61 -17.69 4.24
C THR A 289 15.38 -17.09 4.90
N ALA A 290 14.51 -16.49 4.11
CA ALA A 290 13.29 -15.87 4.64
C ALA A 290 12.24 -16.98 4.84
N ASP A 291 12.47 -17.83 5.83
CA ASP A 291 11.73 -19.06 6.01
C ASP A 291 10.57 -18.86 6.97
N SER A 292 9.37 -18.69 6.39
CA SER A 292 8.19 -18.49 7.22
C SER A 292 7.89 -19.64 8.16
N ASN A 293 8.28 -20.87 7.82
CA ASN A 293 8.01 -21.97 8.73
C ASN A 293 8.60 -21.67 10.10
N VAL A 294 9.81 -21.14 10.10
CA VAL A 294 10.52 -20.86 11.34
C VAL A 294 10.08 -19.53 11.98
N MET A 295 9.77 -18.52 11.17
CA MET A 295 9.21 -17.31 11.68
C MET A 295 7.90 -17.55 12.45
N CYS A 296 6.98 -18.29 11.86
CA CYS A 296 5.70 -18.52 12.47
C CYS A 296 5.77 -19.43 13.70
N ALA A 297 6.81 -20.28 13.74
CA ALA A 297 7.07 -21.17 14.88
C ALA A 297 7.58 -20.43 16.10
N GLN A 298 7.73 -19.10 16.03
CA GLN A 298 7.95 -18.33 17.26
C GLN A 298 6.75 -18.49 18.23
N CYS A 299 5.55 -18.68 17.69
CA CYS A 299 4.35 -18.75 18.48
C CYS A 299 3.45 -19.97 18.23
N HIS A 300 3.39 -20.44 16.98
CA HIS A 300 2.45 -21.51 16.59
C HIS A 300 3.08 -22.89 16.82
N VAL A 301 3.37 -23.14 18.11
CA VAL A 301 4.00 -24.37 18.63
C VAL A 301 3.36 -24.78 19.96
N GLU A 302 3.62 -26.04 20.33
CA GLU A 302 3.36 -26.54 21.68
C GLU A 302 4.54 -26.15 22.60
N TYR A 303 4.19 -25.71 23.78
CA TYR A 303 5.13 -25.03 24.69
C TYR A 303 4.71 -25.26 26.13
N ASN A 304 5.69 -24.99 27.02
CA ASN A 304 5.38 -24.66 28.40
C ASN A 304 5.53 -23.17 28.56
N CYS A 305 4.58 -22.54 29.22
CA CYS A 305 4.59 -21.11 29.55
C CYS A 305 3.77 -20.96 30.82
N ASN A 306 4.16 -21.74 31.84
CA ASN A 306 3.29 -22.01 32.96
C ASN A 306 4.03 -22.89 33.97
N PRO A 307 3.55 -22.86 35.22
CA PRO A 307 4.03 -23.85 36.19
C PRO A 307 3.41 -25.22 35.94
N GLY A 308 3.97 -26.25 36.55
CA GLY A 308 3.49 -27.61 36.37
C GLY A 308 4.01 -28.45 37.53
N TYR A 309 4.21 -29.73 37.24
CA TYR A 309 4.59 -30.74 38.24
C TYR A 309 5.55 -31.71 37.63
N GLN A 310 6.32 -32.41 38.48
CA GLN A 310 7.19 -33.45 37.97
C GLN A 310 6.49 -34.79 37.84
N LEU A 311 6.75 -35.49 36.73
CA LEU A 311 6.25 -36.83 36.52
C LEU A 311 6.85 -37.81 37.56
N SER A 312 8.10 -37.57 37.94
CA SER A 312 8.84 -38.48 38.85
C SER A 312 8.22 -38.53 40.25
N ASP A 313 8.01 -37.37 40.85
CA ASP A 313 7.58 -37.28 42.24
C ASP A 313 6.41 -36.36 42.51
N GLY A 314 5.82 -35.76 41.47
CA GLY A 314 4.69 -34.89 41.67
C GLY A 314 4.95 -33.52 42.25
N SER A 315 6.21 -33.17 42.51
CA SER A 315 6.51 -31.88 43.11
C SER A 315 6.27 -30.74 42.13
N ARG A 316 5.99 -29.57 42.68
CA ARG A 316 5.73 -28.37 41.89
C ARG A 316 6.96 -27.90 41.10
N VAL A 317 6.72 -27.50 39.84
CA VAL A 317 7.73 -26.82 39.02
C VAL A 317 7.19 -25.40 38.82
N GLY A 318 7.80 -24.42 39.47
CA GLY A 318 7.30 -23.06 39.40
C GLY A 318 7.89 -22.23 38.27
N MET A 319 7.41 -21.00 38.18
CA MET A 319 7.87 -20.08 37.16
C MET A 319 9.36 -19.80 37.24
N ASP A 320 9.93 -19.91 38.44
CA ASP A 320 11.37 -19.72 38.57
C ASP A 320 12.21 -20.74 37.84
N ASP A 321 11.63 -21.91 37.56
CA ASP A 321 12.33 -22.98 36.90
C ASP A 321 12.37 -22.73 35.37
N ARG A 322 13.50 -22.97 34.74
CA ARG A 322 13.65 -22.82 33.30
C ARG A 322 12.57 -23.61 32.50
N ARG A 323 12.10 -24.73 33.02
CA ARG A 323 11.07 -25.55 32.36
C ARG A 323 9.77 -24.79 32.16
N ALA A 324 9.55 -23.70 32.87
CA ALA A 324 8.34 -22.89 32.71
C ALA A 324 8.32 -22.10 31.39
N ASN A 325 9.45 -22.02 30.70
CA ASN A 325 9.57 -21.42 29.35
C ASN A 325 10.27 -22.43 28.48
N HIS A 326 9.51 -23.25 27.74
CA HIS A 326 10.08 -24.38 27.03
C HIS A 326 9.34 -24.61 25.71
N PHE A 327 10.10 -24.72 24.63
CA PHE A 327 9.56 -25.27 23.36
C PHE A 327 9.96 -26.72 23.28
N PHE A 328 8.98 -27.63 23.24
CA PHE A 328 9.26 -29.05 23.12
C PHE A 328 9.89 -29.42 21.78
N TRP A 329 9.46 -28.75 20.69
CA TRP A 329 10.06 -28.92 19.37
C TRP A 329 10.05 -30.41 18.96
N ALA A 330 8.90 -31.05 19.19
CA ALA A 330 8.65 -32.47 19.00
C ALA A 330 7.30 -32.70 18.35
N ASN A 331 7.25 -33.64 17.43
CA ASN A 331 5.96 -34.05 16.87
C ASN A 331 5.15 -34.86 17.88
N VAL A 332 3.89 -35.16 17.54
CA VAL A 332 2.98 -35.79 18.50
C VAL A 332 3.49 -37.14 19.01
N PHE A 333 4.16 -37.87 18.13
CA PHE A 333 4.67 -39.21 18.52
C PHE A 333 6.00 -39.17 19.26
N ASP A 334 6.62 -38.00 19.34
CA ASP A 334 7.83 -37.78 20.13
C ASP A 334 7.56 -36.98 21.39
N TYR A 335 6.35 -36.47 21.57
CA TYR A 335 6.08 -35.55 22.66
C TYR A 335 6.20 -36.18 24.05
N LYS A 336 5.64 -37.36 24.23
CA LYS A 336 5.67 -38.01 25.55
C LYS A 336 7.14 -38.18 26.00
N GLU A 337 7.99 -38.61 25.09
CA GLU A 337 9.45 -38.73 25.40
C GLU A 337 10.07 -37.38 25.73
N ALA A 338 9.69 -36.35 24.98
CA ALA A 338 10.19 -35.00 25.24
C ALA A 338 9.76 -34.46 26.60
N ALA A 339 8.55 -34.78 27.05
CA ALA A 339 8.07 -34.36 28.35
C ALA A 339 8.74 -35.15 29.48
N GLN A 340 9.00 -36.43 29.22
CA GLN A 340 9.78 -37.28 30.17
C GLN A 340 11.19 -36.73 30.30
N GLU A 341 11.78 -36.24 29.20
CA GLU A 341 13.15 -35.68 29.22
C GLU A 341 13.29 -34.55 30.20
N ILE A 342 12.26 -33.70 30.33
CA ILE A 342 12.29 -32.60 31.30
C ILE A 342 11.50 -32.91 32.55
N ASP A 343 10.98 -34.13 32.69
CA ASP A 343 10.28 -34.56 33.88
C ASP A 343 9.15 -33.64 34.26
N PHE A 344 8.16 -33.52 33.36
CA PHE A 344 7.14 -32.48 33.49
C PHE A 344 5.74 -32.92 33.01
N PHE A 345 4.74 -32.51 33.77
CA PHE A 345 3.35 -32.53 33.33
C PHE A 345 2.63 -31.29 33.79
N ASP A 346 1.45 -31.06 33.20
CA ASP A 346 0.73 -29.80 33.41
C ASP A 346 -0.28 -29.79 34.53
N PHE A 347 -1.15 -30.79 34.57
CA PHE A 347 -2.22 -30.81 35.55
C PHE A 347 -2.66 -32.22 35.89
N ARG A 348 -3.35 -32.35 37.02
CA ARG A 348 -4.02 -33.61 37.39
C ARG A 348 -5.50 -33.49 37.07
N HIS A 349 -6.01 -34.45 36.32
CA HIS A 349 -7.41 -34.43 35.93
C HIS A 349 -8.32 -34.43 37.17
N ALA A 350 -9.35 -33.58 37.18
CA ALA A 350 -10.21 -33.42 38.37
C ALA A 350 -11.02 -34.63 38.75
N THR A 351 -11.33 -35.48 37.78
CA THR A 351 -12.15 -36.67 37.98
C THR A 351 -11.28 -37.93 38.07
N THR A 352 -10.34 -38.11 37.15
CA THR A 352 -9.60 -39.38 37.10
C THR A 352 -8.37 -39.38 38.01
N GLY A 353 -7.88 -38.19 38.33
CA GLY A 353 -6.60 -38.03 39.05
C GLY A 353 -5.36 -38.27 38.23
N ALA A 354 -5.50 -38.51 36.93
CA ALA A 354 -4.34 -38.74 36.09
C ALA A 354 -3.49 -37.49 35.91
N ALA A 355 -2.17 -37.68 35.93
CA ALA A 355 -1.22 -36.68 35.47
C ALA A 355 -1.39 -36.55 33.97
N LEU A 356 -1.63 -35.31 33.49
CA LEU A 356 -1.88 -35.06 32.05
C LEU A 356 -1.03 -33.90 31.51
N PRO A 357 -0.71 -33.96 30.21
CA PRO A 357 -0.12 -32.83 29.52
C PRO A 357 -1.24 -31.87 29.06
N LYS A 358 -0.88 -30.60 28.89
CA LYS A 358 -1.76 -29.63 28.22
C LYS A 358 -1.08 -29.24 26.93
N LEU A 359 -1.77 -29.47 25.81
CA LEU A 359 -1.23 -29.18 24.49
C LEU A 359 -1.77 -27.84 23.98
N GLN A 360 -0.95 -27.13 23.22
CA GLN A 360 -1.36 -25.86 22.61
C GLN A 360 -0.85 -25.79 21.18
N HIS A 361 -1.78 -25.42 20.29
CA HIS A 361 -1.53 -25.07 18.90
C HIS A 361 -0.18 -25.49 18.31
N PRO A 362 -0.04 -26.81 18.01
CA PRO A 362 1.27 -27.27 17.53
C PRO A 362 1.35 -27.27 15.99
N GLU A 363 1.08 -26.14 15.37
CA GLU A 363 1.06 -26.10 13.90
C GLU A 363 2.42 -26.44 13.28
N ALA A 364 3.48 -25.84 13.81
CA ALA A 364 4.82 -26.05 13.22
C ALA A 364 5.21 -27.55 13.27
N GLU A 365 5.00 -28.16 14.42
CA GLU A 365 5.46 -29.54 14.65
C GLU A 365 4.59 -30.55 13.93
N THR A 366 3.35 -30.16 13.62
CA THR A 366 2.43 -30.96 12.84
C THR A 366 2.75 -30.89 11.36
N PHE A 367 3.10 -29.70 10.88
CA PHE A 367 3.42 -29.49 9.48
C PHE A 367 4.65 -30.32 9.04
N TRP A 368 5.63 -30.51 9.93
CA TRP A 368 6.78 -31.36 9.59
C TRP A 368 6.39 -32.71 9.02
N GLY A 369 7.01 -33.07 7.91
CA GLY A 369 6.85 -34.38 7.33
C GLY A 369 5.63 -34.53 6.44
N SER A 370 4.79 -33.51 6.40
CA SER A 370 3.63 -33.50 5.51
C SER A 370 4.04 -33.40 4.06
N VAL A 371 3.15 -33.75 3.14
CA VAL A 371 3.48 -33.70 1.73
C VAL A 371 3.90 -32.29 1.33
N HIS A 372 3.15 -31.30 1.82
CA HIS A 372 3.52 -29.94 1.49
C HIS A 372 4.90 -29.53 2.03
N GLU A 373 5.18 -29.83 3.29
CA GLU A 373 6.47 -29.46 3.86
C GLU A 373 7.61 -30.18 3.10
N ARG A 374 7.40 -31.43 2.78
CA ARG A 374 8.46 -32.20 2.08
C ARG A 374 8.71 -31.66 0.68
N ASN A 375 7.71 -31.01 0.08
CA ASN A 375 7.82 -30.36 -1.19
C ASN A 375 8.29 -28.90 -1.13
N GLY A 376 8.68 -28.43 0.06
CA GLY A 376 9.30 -27.12 0.20
C GLY A 376 8.31 -25.97 0.30
N VAL A 377 7.04 -26.31 0.58
CA VAL A 377 6.00 -25.30 0.82
C VAL A 377 6.13 -24.84 2.29
N ALA A 378 5.77 -23.59 2.56
CA ALA A 378 5.92 -22.98 3.89
C ALA A 378 4.64 -22.23 4.26
N CYS A 379 4.48 -21.88 5.55
CA CYS A 379 3.23 -21.28 6.02
C CYS A 379 2.83 -20.10 5.15
N ALA A 380 3.78 -19.24 4.80
CA ALA A 380 3.43 -18.04 4.02
C ALA A 380 2.81 -18.34 2.67
N ASP A 381 3.16 -19.45 2.07
CA ASP A 381 2.63 -19.77 0.73
C ASP A 381 1.11 -19.89 0.76
N CYS A 382 0.55 -20.37 1.87
CA CYS A 382 -0.89 -20.53 2.00
C CYS A 382 -1.57 -19.41 2.79
N HIS A 383 -0.82 -18.73 3.67
CA HIS A 383 -1.43 -17.81 4.63
C HIS A 383 -0.99 -16.34 4.47
N MET A 384 0.07 -16.07 3.72
CA MET A 384 0.64 -14.72 3.49
C MET A 384 1.20 -14.65 2.09
N PRO A 385 0.40 -14.92 1.04
CA PRO A 385 0.97 -15.00 -0.29
C PRO A 385 1.33 -13.65 -0.89
N LYS A 386 2.13 -13.68 -1.94
CA LYS A 386 2.37 -12.47 -2.72
C LYS A 386 1.08 -11.97 -3.33
N VAL A 387 0.91 -10.65 -3.38
CA VAL A 387 -0.27 -10.08 -4.06
C VAL A 387 -0.08 -10.16 -5.59
N GLN A 388 -1.17 -10.38 -6.31
CA GLN A 388 -1.12 -10.50 -7.78
C GLN A 388 -1.81 -9.25 -8.26
N LEU A 389 -1.13 -8.45 -9.06
CA LEU A 389 -1.71 -7.18 -9.55
C LEU A 389 -1.63 -7.13 -11.07
N GLU A 390 -2.70 -6.66 -11.71
CA GLU A 390 -2.67 -6.45 -13.16
C GLU A 390 -1.60 -5.43 -13.56
N ASN A 391 -1.50 -4.38 -12.75
CA ASN A 391 -0.44 -3.37 -12.92
C ASN A 391 0.02 -2.89 -11.55
N GLY A 392 1.27 -3.16 -11.22
CA GLY A 392 1.78 -2.73 -9.90
C GLY A 392 3.05 -3.40 -9.45
N LYS A 393 3.57 -2.85 -8.37
CA LYS A 393 4.71 -3.40 -7.67
C LYS A 393 4.22 -4.47 -6.68
N VAL A 394 4.73 -5.67 -6.86
CA VAL A 394 4.40 -6.81 -6.01
C VAL A 394 4.93 -6.58 -4.58
N TYR A 395 4.12 -6.97 -3.62
CA TYR A 395 4.54 -7.03 -2.20
C TYR A 395 3.92 -8.29 -1.61
N THR A 396 4.37 -8.66 -0.41
CA THR A 396 3.86 -9.83 0.29
C THR A 396 2.70 -9.45 1.18
N SER A 397 1.52 -10.09 1.01
CA SER A 397 0.43 -9.80 1.91
C SER A 397 0.83 -10.17 3.34
N HIS A 398 0.53 -9.34 4.32
CA HIS A 398 0.76 -9.66 5.72
C HIS A 398 -0.56 -9.92 6.47
N SER A 399 -1.61 -10.25 5.73
CA SER A 399 -2.88 -10.56 6.41
C SER A 399 -2.92 -12.06 6.56
N GLN A 400 -2.48 -12.52 7.70
CA GLN A 400 -2.21 -13.97 7.93
C GLN A 400 -3.57 -14.54 8.26
N ARG A 401 -4.10 -15.33 7.34
CA ARG A 401 -5.51 -15.77 7.44
C ARG A 401 -5.68 -17.05 6.62
N THR A 402 -6.86 -17.64 6.74
CA THR A 402 -7.16 -18.83 5.96
C THR A 402 -7.00 -18.60 4.44
N PRO A 403 -6.48 -19.60 3.71
CA PRO A 403 -6.38 -19.51 2.26
C PRO A 403 -7.75 -19.39 1.57
N ARG A 404 -8.82 -19.69 2.27
CA ARG A 404 -10.16 -19.55 1.63
C ARG A 404 -10.42 -18.14 1.10
N ASP A 405 -9.74 -17.14 1.65
CA ASP A 405 -9.96 -15.76 1.21
C ASP A 405 -9.15 -15.36 -0.01
N MET A 406 -8.21 -16.20 -0.41
CA MET A 406 -7.29 -15.88 -1.52
C MET A 406 -6.83 -17.14 -2.23
N MET A 407 -7.80 -17.96 -2.66
CA MET A 407 -7.49 -19.29 -3.15
C MET A 407 -6.67 -19.28 -4.42
N GLY A 408 -6.83 -18.26 -5.24
CA GLY A 408 -6.06 -18.18 -6.48
C GLY A 408 -4.57 -18.17 -6.20
N GLN A 409 -4.17 -17.33 -5.24
CA GLN A 409 -2.77 -17.16 -4.90
C GLN A 409 -2.27 -18.24 -3.92
N ALA A 410 -3.10 -18.62 -2.97
CA ALA A 410 -2.73 -19.62 -1.94
C ALA A 410 -2.67 -21.06 -2.41
N CYS A 411 -3.50 -21.44 -3.39
CA CYS A 411 -3.61 -22.86 -3.79
C CYS A 411 -3.54 -23.07 -5.27
N LEU A 412 -4.28 -22.27 -6.03
CA LEU A 412 -4.56 -22.65 -7.41
C LEU A 412 -3.44 -22.34 -8.40
N ASN A 413 -2.54 -21.43 -8.04
CA ASN A 413 -1.36 -21.23 -8.85
C ASN A 413 -0.46 -22.47 -8.88
N CYS A 414 -0.43 -23.22 -7.78
CA CYS A 414 0.29 -24.50 -7.74
C CYS A 414 -0.59 -25.65 -8.29
N HIS A 415 -1.85 -25.68 -7.90
CA HIS A 415 -2.80 -26.73 -8.29
C HIS A 415 -3.65 -26.29 -9.50
N ALA A 416 -2.97 -26.22 -10.65
CA ALA A 416 -3.57 -25.74 -11.89
C ALA A 416 -4.70 -26.67 -12.38
N GLU A 417 -4.73 -27.89 -11.88
CA GLU A 417 -5.72 -28.90 -12.28
C GLU A 417 -7.08 -28.69 -11.60
N TRP A 418 -7.14 -27.79 -10.61
CA TRP A 418 -8.34 -27.62 -9.82
C TRP A 418 -8.99 -26.28 -10.00
N THR A 419 -10.32 -26.27 -9.90
CA THR A 419 -11.07 -25.07 -9.68
C THR A 419 -11.06 -24.73 -8.17
N GLU A 420 -11.49 -23.52 -7.83
CA GLU A 420 -11.60 -23.14 -6.42
C GLU A 420 -12.51 -24.09 -5.65
N ASP A 421 -13.66 -24.45 -6.21
CA ASP A 421 -14.58 -25.34 -5.51
C ASP A 421 -13.94 -26.71 -5.27
N GLN A 422 -13.17 -27.23 -6.22
CA GLN A 422 -12.48 -28.51 -6.05
C GLN A 422 -11.46 -28.45 -4.92
N ALA A 423 -10.68 -27.38 -4.87
CA ALA A 423 -9.67 -27.24 -3.82
C ALA A 423 -10.31 -27.13 -2.45
N LEU A 424 -11.40 -26.38 -2.37
CA LEU A 424 -12.16 -26.28 -1.11
C LEU A 424 -12.71 -27.65 -0.66
N TYR A 425 -13.20 -28.41 -1.64
CA TYR A 425 -13.73 -29.74 -1.39
C TYR A 425 -12.65 -30.68 -0.82
N ALA A 426 -11.43 -30.60 -1.36
CA ALA A 426 -10.31 -31.37 -0.83
C ALA A 426 -9.91 -30.99 0.60
N ILE A 427 -9.93 -29.70 0.91
CA ILE A 427 -9.73 -29.24 2.30
C ILE A 427 -10.80 -29.86 3.18
N ASP A 428 -12.05 -29.74 2.77
CA ASP A 428 -13.17 -30.15 3.61
C ASP A 428 -13.23 -31.67 3.82
N TYR A 429 -12.81 -32.44 2.82
CA TYR A 429 -12.76 -33.91 2.98
C TYR A 429 -11.86 -34.21 4.18
N ILE A 430 -10.68 -33.63 4.24
CA ILE A 430 -9.75 -33.85 5.35
C ILE A 430 -10.29 -33.35 6.69
N LYS A 431 -10.79 -32.10 6.71
CA LYS A 431 -11.30 -31.54 7.97
C LYS A 431 -12.50 -32.29 8.50
N ASN A 432 -13.41 -32.69 7.61
CA ASN A 432 -14.61 -33.43 8.02
C ASN A 432 -14.22 -34.79 8.61
N TYR A 433 -13.31 -35.47 7.93
CA TYR A 433 -12.85 -36.80 8.40
C TYR A 433 -12.14 -36.68 9.75
N THR A 434 -11.25 -35.70 9.85
CA THR A 434 -10.48 -35.49 11.07
C THR A 434 -11.39 -35.13 12.24
N HIS A 435 -12.34 -34.21 12.03
CA HIS A 435 -13.27 -33.82 13.07
C HIS A 435 -14.10 -35.00 13.55
N GLY A 436 -14.54 -35.88 12.66
CA GLY A 436 -15.26 -37.08 13.10
C GLY A 436 -14.45 -37.93 14.05
N LYS A 437 -13.15 -38.04 13.79
CA LYS A 437 -12.28 -38.81 14.67
C LYS A 437 -11.99 -38.09 15.98
N ILE A 438 -11.95 -36.75 15.95
CA ILE A 438 -11.84 -35.97 17.19
C ILE A 438 -13.08 -36.23 18.04
N VAL A 439 -14.27 -36.17 17.42
CA VAL A 439 -15.51 -36.40 18.17
C VAL A 439 -15.54 -37.82 18.76
N LYS A 440 -15.15 -38.82 17.97
CA LYS A 440 -15.14 -40.21 18.47
C LYS A 440 -14.10 -40.38 19.56
N SER A 441 -12.95 -39.71 19.43
CA SER A 441 -11.93 -39.72 20.51
C SER A 441 -12.50 -39.16 21.80
N GLU A 442 -13.28 -38.10 21.71
CA GLU A 442 -13.86 -37.50 22.90
C GLU A 442 -14.92 -38.39 23.52
N TYR A 443 -15.72 -39.04 22.69
CA TYR A 443 -16.73 -40.00 23.14
C TYR A 443 -16.07 -41.05 24.03
N TRP A 444 -14.97 -41.61 23.55
CA TRP A 444 -14.30 -42.72 24.27
C TRP A 444 -13.57 -42.22 25.51
N LEU A 445 -12.92 -41.07 25.40
CA LEU A 445 -12.33 -40.44 26.60
C LEU A 445 -13.39 -40.18 27.68
N ALA A 446 -14.53 -39.60 27.28
CA ALA A 446 -15.62 -39.35 28.21
C ALA A 446 -16.17 -40.62 28.87
N LYS A 447 -16.27 -41.68 28.09
CA LYS A 447 -16.77 -42.99 28.59
C LYS A 447 -15.79 -43.50 29.65
N MET A 448 -14.51 -43.42 29.37
CA MET A 448 -13.48 -43.79 30.38
C MET A 448 -13.53 -42.91 31.62
N ILE A 449 -13.57 -41.58 31.44
CA ILE A 449 -13.59 -40.66 32.56
C ILE A 449 -14.76 -40.95 33.50
N ASP A 450 -15.93 -41.21 32.94
CA ASP A 450 -17.14 -41.42 33.72
C ASP A 450 -17.09 -42.74 34.53
N LEU A 451 -16.21 -43.64 34.15
CA LEU A 451 -16.05 -44.90 34.91
C LEU A 451 -15.19 -44.70 36.13
N PHE A 452 -14.38 -43.64 36.19
CA PHE A 452 -13.48 -43.46 37.35
C PHE A 452 -14.22 -43.33 38.68
N PRO A 453 -15.24 -42.46 38.77
CA PRO A 453 -15.98 -42.38 40.05
C PRO A 453 -16.66 -43.69 40.42
N VAL A 454 -17.20 -44.39 39.43
CA VAL A 454 -17.88 -45.67 39.68
C VAL A 454 -16.87 -46.70 40.20
N ALA A 455 -15.70 -46.75 39.57
CA ALA A 455 -14.63 -47.68 39.99
C ALA A 455 -14.13 -47.34 41.40
N LYS A 456 -13.83 -46.07 41.64
CA LYS A 456 -13.34 -45.63 42.96
C LYS A 456 -14.34 -46.04 44.05
N ARG A 457 -15.61 -45.74 43.84
CA ARG A 457 -16.65 -45.99 44.82
C ARG A 457 -16.94 -47.47 45.01
N ALA A 458 -16.70 -48.28 43.97
CA ALA A 458 -16.89 -49.73 44.07
C ALA A 458 -15.73 -50.45 44.76
N GLY A 459 -14.68 -49.73 45.11
CA GLY A 459 -13.50 -50.32 45.74
C GLY A 459 -12.46 -50.91 44.82
N VAL A 460 -12.48 -50.52 43.54
CA VAL A 460 -11.42 -50.94 42.63
C VAL A 460 -10.04 -50.51 43.15
N SER A 461 -9.05 -51.36 42.98
CA SER A 461 -7.74 -51.10 43.58
C SER A 461 -7.00 -49.91 42.98
N GLU A 462 -6.16 -49.29 43.79
CA GLU A 462 -5.33 -48.20 43.35
C GLU A 462 -4.39 -48.63 42.21
N ASP A 463 -3.91 -49.87 42.25
CA ASP A 463 -3.10 -50.40 41.16
C ASP A 463 -3.85 -50.34 39.82
N VAL A 464 -5.10 -50.78 39.80
CA VAL A 464 -5.90 -50.75 38.56
C VAL A 464 -6.23 -49.30 38.15
N LEU A 465 -6.55 -48.47 39.12
CA LEU A 465 -6.77 -47.04 38.83
C LEU A 465 -5.52 -46.40 38.23
N ASN A 466 -4.33 -46.71 38.75
CA ASN A 466 -3.11 -46.17 38.20
C ASN A 466 -2.80 -46.69 36.80
N GLN A 467 -3.10 -47.97 36.53
CA GLN A 467 -3.01 -48.50 35.18
C GLN A 467 -3.88 -47.66 34.21
N ALA A 468 -5.13 -47.42 34.62
CA ALA A 468 -6.06 -46.60 33.82
C ALA A 468 -5.57 -45.15 33.70
N ARG A 469 -4.99 -44.59 34.75
CA ARG A 469 -4.39 -43.24 34.64
C ARG A 469 -3.25 -43.15 33.64
N GLU A 470 -2.43 -44.19 33.54
CA GLU A 470 -1.34 -44.19 32.56
C GLU A 470 -1.93 -44.21 31.15
N LEU A 471 -2.99 -44.99 30.97
CA LEU A 471 -3.72 -45.03 29.70
C LEU A 471 -4.31 -43.64 29.38
N HIS A 472 -4.85 -42.98 30.40
CA HIS A 472 -5.40 -41.62 30.25
C HIS A 472 -4.37 -40.64 29.68
N TYR A 473 -3.13 -40.64 30.17
CA TYR A 473 -2.12 -39.73 29.64
C TYR A 473 -2.05 -39.86 28.10
N ASP A 474 -1.93 -41.07 27.60
CA ASP A 474 -1.77 -41.31 26.17
C ASP A 474 -3.08 -41.01 25.41
N ALA A 475 -4.21 -41.48 25.92
CA ALA A 475 -5.52 -41.19 25.29
C ALA A 475 -5.70 -39.67 25.15
N HIS A 476 -5.32 -38.93 26.18
CA HIS A 476 -5.43 -37.47 26.19
C HIS A 476 -4.49 -36.87 25.16
N LEU A 477 -3.20 -37.18 25.22
CA LEU A 477 -2.22 -36.61 24.31
C LEU A 477 -2.63 -36.75 22.85
N TYR A 478 -3.03 -37.97 22.46
CA TYR A 478 -3.25 -38.31 21.06
C TYR A 478 -4.58 -37.77 20.52
N TRP A 479 -5.44 -37.31 21.43
CA TRP A 479 -6.67 -36.51 21.13
C TRP A 479 -6.37 -35.01 21.14
N GLU A 480 -5.84 -34.48 22.25
CA GLU A 480 -5.80 -33.04 22.45
C GLU A 480 -4.89 -32.32 21.48
N TRP A 481 -3.86 -32.98 20.98
CA TRP A 481 -2.97 -32.42 19.98
C TRP A 481 -3.86 -31.78 18.88
N TRP A 482 -4.97 -32.45 18.55
CA TRP A 482 -5.76 -32.10 17.34
C TRP A 482 -6.85 -31.09 17.57
N THR A 483 -7.40 -30.99 18.78
CA THR A 483 -8.27 -29.85 19.16
C THR A 483 -7.42 -28.59 19.36
N ALA A 484 -6.19 -28.76 19.84
CA ALA A 484 -5.27 -27.64 19.96
C ALA A 484 -4.82 -27.10 18.60
N GLU A 485 -4.52 -28.00 17.67
CA GLU A 485 -3.97 -27.67 16.35
C GLU A 485 -5.13 -27.10 15.49
N ASN A 486 -4.83 -26.02 14.79
CA ASN A 486 -5.89 -25.19 14.18
C ASN A 486 -6.33 -25.62 12.79
N SER A 487 -5.67 -26.59 12.16
CA SER A 487 -6.01 -26.96 10.78
C SER A 487 -7.05 -28.07 10.65
N VAL A 488 -7.47 -28.63 11.77
CA VAL A 488 -8.39 -29.80 11.75
C VAL A 488 -7.88 -30.86 10.80
N GLY A 489 -6.58 -31.17 10.96
CA GLY A 489 -5.94 -32.20 10.19
C GLY A 489 -5.31 -31.81 8.89
N PHE A 490 -5.69 -30.66 8.30
CA PHE A 490 -5.18 -30.34 6.99
C PHE A 490 -3.66 -30.28 6.90
N HIS A 491 -3.01 -29.79 7.95
CA HIS A 491 -1.55 -29.66 7.88
C HIS A 491 -0.84 -31.02 7.81
N ASN A 492 -1.48 -32.09 8.26
CA ASN A 492 -0.87 -33.44 8.21
C ASN A 492 -1.94 -34.52 8.41
N PRO A 493 -2.72 -34.81 7.36
CA PRO A 493 -3.91 -35.64 7.54
C PRO A 493 -3.57 -37.06 8.00
N ASP A 494 -2.48 -37.62 7.48
CA ASP A 494 -2.14 -39.00 7.87
C ASP A 494 -1.71 -39.11 9.32
N GLN A 495 -1.03 -38.08 9.81
CA GLN A 495 -0.60 -38.09 11.21
C GLN A 495 -1.79 -37.92 12.13
N ALA A 496 -2.70 -37.01 11.80
CA ALA A 496 -3.90 -36.82 12.60
C ALA A 496 -4.67 -38.13 12.75
N ARG A 497 -4.84 -38.82 11.62
CA ARG A 497 -5.57 -40.09 11.56
C ARG A 497 -4.96 -41.15 12.46
N GLU A 498 -3.64 -41.30 12.35
CA GLU A 498 -2.93 -42.29 13.18
C GLU A 498 -3.00 -41.96 14.65
N SER A 499 -2.83 -40.68 14.97
CA SER A 499 -2.88 -40.25 16.37
C SER A 499 -4.27 -40.47 16.96
N LEU A 500 -5.31 -39.99 16.26
CA LEU A 500 -6.65 -40.08 16.81
C LEU A 500 -7.09 -41.55 16.95
N MET A 501 -6.72 -42.42 16.00
CA MET A 501 -7.03 -43.86 16.13
C MET A 501 -6.29 -44.43 17.36
N THR A 502 -5.10 -43.91 17.66
CA THR A 502 -4.37 -44.33 18.89
C THR A 502 -5.09 -43.87 20.14
N SER A 503 -5.58 -42.64 20.16
CA SER A 503 -6.34 -42.15 21.30
C SER A 503 -7.52 -43.07 21.63
N ILE A 504 -8.33 -43.35 20.62
CA ILE A 504 -9.48 -44.22 20.75
C ILE A 504 -9.07 -45.62 21.26
N SER A 505 -7.98 -46.15 20.73
CA SER A 505 -7.49 -47.47 21.14
C SER A 505 -7.13 -47.45 22.63
N LYS A 506 -6.50 -46.38 23.10
CA LYS A 506 -6.09 -46.28 24.49
C LYS A 506 -7.29 -46.16 25.42
N SER A 507 -8.26 -45.31 25.03
CA SER A 507 -9.46 -45.14 25.84
C SER A 507 -10.25 -46.43 25.91
N LYS A 508 -10.37 -47.14 24.78
CA LYS A 508 -11.07 -48.42 24.75
C LYS A 508 -10.42 -49.43 25.72
N GLU A 509 -9.10 -49.45 25.72
CA GLU A 509 -8.36 -50.35 26.64
C GLU A 509 -8.70 -50.00 28.09
N ALA A 510 -8.72 -48.70 28.41
CA ALA A 510 -9.02 -48.27 29.76
C ALA A 510 -10.46 -48.57 30.16
N VAL A 511 -11.41 -48.44 29.24
CA VAL A 511 -12.82 -48.71 29.51
C VAL A 511 -13.00 -50.20 29.86
N SER A 512 -12.34 -51.05 29.09
CA SER A 512 -12.41 -52.52 29.33
C SER A 512 -11.82 -52.85 30.70
N LEU A 513 -10.66 -52.27 30.99
CA LEU A 513 -9.97 -52.47 32.28
C LEU A 513 -10.89 -52.09 33.45
N LEU A 514 -11.46 -50.89 33.38
CA LEU A 514 -12.30 -50.40 34.45
C LEU A 514 -13.64 -51.14 34.59
N ASN A 515 -14.31 -51.42 33.47
CA ASN A 515 -15.55 -52.17 33.52
C ASN A 515 -15.33 -53.56 34.13
N ASP A 516 -14.27 -54.23 33.73
CA ASP A 516 -14.02 -55.59 34.24
C ASP A 516 -13.75 -55.52 35.74
N ALA A 517 -12.98 -54.52 36.17
CA ALA A 517 -12.62 -54.37 37.60
C ALA A 517 -13.83 -54.00 38.46
N ILE A 518 -14.72 -53.17 37.93
CA ILE A 518 -15.97 -52.84 38.63
C ILE A 518 -16.87 -54.09 38.76
N ASP A 519 -17.04 -54.79 37.64
CA ASP A 519 -17.88 -56.00 37.58
C ASP A 519 -17.38 -57.08 38.56
N ALA A 520 -16.07 -57.18 38.72
CA ALA A 520 -15.45 -58.13 39.66
C ALA A 520 -15.71 -57.75 41.13
N GLN A 521 -15.81 -56.46 41.43
CA GLN A 521 -16.13 -56.02 42.81
C GLN A 521 -17.59 -56.28 43.15
N VAL A 522 -18.46 -56.13 42.15
CA VAL A 522 -19.87 -56.48 42.26
C VAL A 522 -19.98 -58.00 42.16
N ASN B 5 23.08 -3.49 -2.63
CA ASN B 5 22.33 -2.65 -1.64
C ASN B 5 22.83 -1.21 -1.67
N LEU B 6 21.92 -0.25 -1.47
CA LEU B 6 22.31 1.16 -1.44
C LEU B 6 23.17 1.49 -0.22
N LYS B 7 24.21 2.28 -0.45
CA LYS B 7 25.07 2.76 0.61
C LYS B 7 24.92 4.28 0.70
N PRO B 8 24.62 4.81 1.90
CA PRO B 8 24.40 6.25 2.00
C PRO B 8 25.66 7.06 1.73
N VAL B 9 25.47 8.26 1.22
CA VAL B 9 26.56 9.26 1.08
C VAL B 9 26.45 10.34 2.15
N ASP B 10 27.54 11.09 2.34
CA ASP B 10 27.55 12.17 3.29
C ASP B 10 26.91 13.41 2.67
N ALA B 11 25.65 13.65 3.04
CA ALA B 11 24.88 14.79 2.50
C ALA B 11 25.52 16.14 2.88
N MET B 12 26.24 16.18 4.00
CA MET B 12 26.89 17.44 4.43
C MET B 12 27.93 17.90 3.42
N GLN B 13 28.60 16.94 2.79
CA GLN B 13 29.52 17.22 1.70
C GLN B 13 28.81 17.88 0.49
N CYS B 14 27.65 17.35 0.10
CA CYS B 14 26.87 18.01 -0.94
C CYS B 14 26.43 19.41 -0.53
N PHE B 15 25.97 19.56 0.71
CA PHE B 15 25.39 20.81 1.18
C PHE B 15 26.40 21.96 1.22
N ASP B 16 27.68 21.60 1.30
CA ASP B 16 28.76 22.62 1.19
C ASP B 16 28.61 23.47 -0.05
N CYS B 17 28.18 22.86 -1.16
CA CYS B 17 27.89 23.59 -2.38
C CYS B 17 26.41 23.90 -2.55
N HIS B 18 25.55 22.94 -2.21
CA HIS B 18 24.13 23.04 -2.58
C HIS B 18 23.29 23.62 -1.45
N THR B 19 23.42 24.93 -1.24
CA THR B 19 22.77 25.55 -0.10
C THR B 19 21.24 25.61 -0.27
N GLN B 20 20.74 25.76 -1.49
CA GLN B 20 19.28 25.76 -1.73
C GLN B 20 18.70 24.40 -1.35
N ILE B 21 19.40 23.34 -1.74
CA ILE B 21 18.95 21.97 -1.38
C ILE B 21 19.01 21.76 0.13
N GLU B 22 20.09 22.19 0.78
CA GLU B 22 20.18 22.11 2.23
C GLU B 22 18.99 22.74 2.90
N ASP B 23 18.65 23.94 2.46
CA ASP B 23 17.58 24.72 3.09
C ASP B 23 16.22 24.02 2.98
N MET B 24 16.02 23.32 1.87
CA MET B 24 14.78 22.56 1.64
C MET B 24 14.77 21.19 2.32
N HIS B 25 15.85 20.43 2.14
CA HIS B 25 15.96 19.05 2.64
C HIS B 25 16.00 18.93 4.15
N THR B 26 16.77 19.81 4.82
CA THR B 26 16.95 19.66 6.27
C THR B 26 15.70 19.96 7.11
N VAL B 27 14.73 20.69 6.52
CA VAL B 27 13.53 21.22 7.18
C VAL B 27 12.28 20.35 6.92
N GLY B 28 12.21 19.71 5.74
CA GLY B 28 10.99 18.99 5.36
C GLY B 28 10.95 17.56 5.83
N LYS B 29 9.94 16.81 5.34
CA LYS B 29 9.73 15.45 5.77
C LYS B 29 10.60 14.42 5.07
N HIS B 30 11.55 14.86 4.24
CA HIS B 30 12.57 13.99 3.68
C HIS B 30 13.98 14.27 4.27
N ALA B 31 13.99 14.90 5.43
CA ALA B 31 15.30 15.24 6.06
C ALA B 31 16.13 13.98 6.33
N THR B 32 15.47 12.83 6.54
CA THR B 32 16.20 11.57 6.78
C THR B 32 16.42 10.72 5.52
N VAL B 33 15.98 11.20 4.35
CA VAL B 33 16.08 10.42 3.13
C VAL B 33 17.41 10.77 2.42
N ASN B 34 18.30 9.79 2.35
CA ASN B 34 19.63 10.04 1.81
C ASN B 34 19.61 10.25 0.31
N CYS B 35 20.53 11.08 -0.19
CA CYS B 35 20.62 11.42 -1.59
C CYS B 35 20.78 10.24 -2.55
N VAL B 36 21.40 9.15 -2.08
CA VAL B 36 21.65 7.98 -2.89
C VAL B 36 20.36 7.31 -3.41
N HIS B 37 19.23 7.61 -2.75
CA HIS B 37 17.95 7.08 -3.27
C HIS B 37 17.65 7.58 -4.67
N CYS B 38 18.19 8.75 -5.05
CA CYS B 38 17.86 9.33 -6.33
C CYS B 38 19.05 9.83 -7.17
N HIS B 39 20.24 9.89 -6.57
CA HIS B 39 21.42 10.44 -7.26
C HIS B 39 22.64 9.53 -7.09
N ASP B 40 23.40 9.36 -8.17
CA ASP B 40 24.72 8.70 -8.12
C ASP B 40 25.70 9.83 -8.48
N ALA B 41 26.38 10.37 -7.47
CA ALA B 41 27.16 11.60 -7.62
C ALA B 41 28.65 11.46 -7.28
N THR B 42 29.17 10.23 -7.26
CA THR B 42 30.56 10.03 -6.80
C THR B 42 31.55 10.77 -7.68
N GLU B 43 31.45 10.60 -8.98
CA GLU B 43 32.38 11.28 -9.90
C GLU B 43 32.14 12.78 -9.93
N HIS B 44 30.88 13.19 -9.79
CA HIS B 44 30.52 14.62 -9.66
C HIS B 44 31.23 15.26 -8.46
N VAL B 45 31.21 14.62 -7.30
CA VAL B 45 31.84 15.17 -6.09
C VAL B 45 33.37 15.30 -6.30
N GLU B 46 33.95 14.37 -7.06
CA GLU B 46 35.42 14.35 -7.35
C GLU B 46 35.82 15.50 -8.25
N THR B 47 34.90 15.98 -9.10
CA THR B 47 35.24 16.92 -10.20
C THR B 47 34.60 18.32 -10.16
N ALA B 48 33.49 18.45 -9.43
CA ALA B 48 32.81 19.75 -9.33
C ALA B 48 33.60 20.84 -8.59
N SER B 49 33.27 22.09 -8.87
CA SER B 49 33.66 23.22 -8.05
C SER B 49 32.42 23.92 -7.53
N SER B 50 32.59 24.97 -6.73
CA SER B 50 31.42 25.69 -6.21
C SER B 50 30.55 26.26 -7.33
N ARG B 51 31.12 26.49 -8.51
CA ARG B 51 30.38 27.11 -9.60
C ARG B 51 30.31 26.30 -10.88
N ARG B 52 31.10 25.23 -11.02
CA ARG B 52 31.10 24.42 -12.25
C ARG B 52 30.72 22.99 -11.89
N MET B 53 29.83 22.41 -12.71
CA MET B 53 29.26 21.08 -12.41
C MET B 53 30.27 19.93 -12.42
N GLY B 54 31.34 20.06 -13.18
CA GLY B 54 32.21 18.90 -13.41
C GLY B 54 31.42 17.79 -14.09
N GLU B 55 31.74 16.56 -13.73
CA GLU B 55 31.01 15.40 -14.25
C GLU B 55 29.59 15.47 -13.72
N ARG B 56 28.65 15.20 -14.61
CA ARG B 56 27.25 15.27 -14.28
C ARG B 56 26.83 14.05 -13.45
N PRO B 57 26.17 14.25 -12.29
CA PRO B 57 25.65 13.12 -11.52
C PRO B 57 24.48 12.49 -12.24
N VAL B 58 24.22 11.22 -11.93
CA VAL B 58 23.04 10.49 -12.45
C VAL B 58 21.87 10.85 -11.52
N THR B 59 20.72 11.20 -12.11
CA THR B 59 19.52 11.45 -11.31
C THR B 59 18.41 10.51 -11.81
N ARG B 60 17.87 9.74 -10.88
CA ARG B 60 16.73 8.84 -11.19
C ARG B 60 15.45 9.65 -11.38
N MET B 61 14.80 9.43 -12.52
CA MET B 61 13.52 10.05 -12.83
C MET B 61 12.37 9.01 -12.80
N ASP B 62 12.73 7.74 -12.65
CA ASP B 62 11.72 6.67 -12.64
C ASP B 62 10.88 6.80 -11.39
N LEU B 63 9.60 6.40 -11.52
CA LEU B 63 8.68 6.46 -10.40
C LEU B 63 8.96 5.42 -9.30
N GLU B 64 9.69 4.36 -9.64
CA GLU B 64 10.06 3.34 -8.66
C GLU B 64 11.07 3.87 -7.65
N ALA B 65 11.67 5.04 -7.93
CA ALA B 65 12.51 5.68 -6.91
C ALA B 65 11.74 6.07 -5.67
N CYS B 66 10.44 6.33 -5.84
CA CYS B 66 9.53 6.67 -4.73
C CYS B 66 8.76 5.45 -4.21
N ALA B 67 8.66 4.41 -5.04
CA ALA B 67 7.82 3.25 -4.70
C ALA B 67 8.37 2.35 -3.62
N THR B 68 9.66 2.40 -3.29
CA THR B 68 10.08 1.49 -2.22
C THR B 68 9.64 2.01 -0.86
N CYS B 69 9.53 3.35 -0.69
CA CYS B 69 9.00 3.88 0.56
C CYS B 69 7.50 4.29 0.53
N HIS B 70 6.93 4.37 -0.68
CA HIS B 70 5.54 4.79 -0.87
C HIS B 70 4.80 3.88 -1.88
N THR B 71 4.85 2.58 -1.58
CA THR B 71 4.25 1.57 -2.46
C THR B 71 2.76 1.80 -2.65
N ALA B 72 2.01 2.17 -1.60
CA ALA B 72 0.55 2.35 -1.72
C ALA B 72 0.20 3.42 -2.73
N GLN B 73 0.89 4.57 -2.69
CA GLN B 73 0.62 5.65 -3.62
C GLN B 73 1.06 5.26 -5.03
N PHE B 74 2.20 4.58 -5.16
CA PHE B 74 2.64 4.12 -6.46
C PHE B 74 1.63 3.13 -7.09
N ASN B 75 1.23 2.13 -6.31
CA ASN B 75 0.35 1.10 -6.89
C ASN B 75 -0.99 1.68 -7.23
N SER B 76 -1.48 2.62 -6.46
CA SER B 76 -2.73 3.31 -6.81
C SER B 76 -2.58 4.13 -8.11
N PHE B 77 -1.46 4.79 -8.27
CA PHE B 77 -1.23 5.58 -9.48
C PHE B 77 -1.20 4.75 -10.75
N VAL B 78 -0.57 3.57 -10.68
CA VAL B 78 -0.30 2.82 -11.91
C VAL B 78 -1.49 1.93 -12.30
N GLU B 79 -2.51 1.85 -11.46
CA GLU B 79 -3.68 1.05 -11.81
C GLU B 79 -4.25 1.52 -13.14
N VAL B 80 -4.65 0.56 -13.96
CA VAL B 80 -5.33 0.83 -15.22
C VAL B 80 -6.82 0.70 -15.03
N ARG B 81 -7.56 1.75 -15.38
CA ARG B 81 -9.03 1.70 -15.36
C ARG B 81 -9.51 1.12 -16.70
N HIS B 82 -9.80 -0.19 -16.71
CA HIS B 82 -10.19 -0.83 -18.00
C HIS B 82 -11.50 -0.29 -18.58
N GLU B 83 -12.35 0.23 -17.70
CA GLU B 83 -13.62 0.84 -18.10
C GLU B 83 -13.46 2.18 -18.81
N SER B 84 -12.26 2.79 -18.76
CA SER B 84 -11.95 3.98 -19.55
C SER B 84 -11.54 3.50 -20.94
N HIS B 85 -12.52 3.47 -21.86
CA HIS B 85 -12.34 2.91 -23.20
C HIS B 85 -11.09 3.43 -23.88
N PRO B 86 -10.25 2.53 -24.41
CA PRO B 86 -9.03 2.97 -25.01
C PRO B 86 -9.13 3.25 -26.50
N ARG B 87 -8.31 4.20 -26.97
CA ARG B 87 -8.19 4.57 -28.37
C ARG B 87 -9.53 4.85 -29.04
N LEU B 88 -10.41 5.53 -28.32
CA LEU B 88 -11.80 5.79 -28.75
C LEU B 88 -11.87 7.18 -29.39
N GLU B 89 -12.08 7.19 -30.70
CA GLU B 89 -12.07 8.42 -31.45
C GLU B 89 -13.27 9.30 -31.12
N LYS B 90 -13.02 10.58 -30.85
CA LYS B 90 -14.08 11.52 -30.47
C LYS B 90 -15.00 11.95 -31.62
N ALA B 91 -14.49 11.91 -32.86
CA ALA B 91 -15.24 12.28 -34.07
C ALA B 91 -16.15 11.19 -34.58
N THR B 92 -16.91 10.60 -33.68
CA THR B 92 -17.82 9.51 -34.04
C THR B 92 -19.16 9.80 -33.41
N PRO B 93 -20.23 9.19 -33.94
CA PRO B 93 -21.55 9.60 -33.47
C PRO B 93 -21.84 9.24 -32.04
N THR B 94 -21.08 8.29 -31.47
CA THR B 94 -21.32 7.81 -30.11
C THR B 94 -20.34 8.39 -29.11
N SER B 95 -19.48 9.33 -29.56
CA SER B 95 -18.54 9.99 -28.64
C SER B 95 -18.84 11.48 -28.50
N ARG B 96 -17.81 12.26 -28.20
CA ARG B 96 -18.00 13.62 -27.75
C ARG B 96 -18.37 14.62 -28.86
N SER B 97 -17.93 14.38 -30.10
CA SER B 97 -18.07 15.42 -31.12
C SER B 97 -18.43 14.80 -32.47
N PRO B 98 -19.70 14.45 -32.65
CA PRO B 98 -20.11 13.76 -33.89
C PRO B 98 -19.72 14.47 -35.19
N MET B 99 -19.67 15.79 -35.18
CA MET B 99 -19.37 16.56 -36.39
C MET B 99 -17.98 17.19 -36.31
N PHE B 100 -17.08 16.61 -35.55
CA PHE B 100 -15.75 17.17 -35.39
C PHE B 100 -14.96 17.32 -36.70
N ASP B 101 -15.01 16.32 -37.61
CA ASP B 101 -14.21 16.42 -38.83
C ASP B 101 -14.58 17.65 -39.65
N LYS B 102 -15.86 17.92 -39.80
CA LYS B 102 -16.27 19.08 -40.55
C LYS B 102 -15.85 20.37 -39.88
N LEU B 103 -16.01 20.42 -38.56
CA LEU B 103 -15.76 21.63 -37.82
C LEU B 103 -14.27 21.95 -37.64
N ILE B 104 -13.42 20.93 -37.52
CA ILE B 104 -11.98 21.09 -37.24
C ILE B 104 -11.14 21.02 -38.51
N ALA B 105 -11.78 20.85 -39.67
CA ALA B 105 -11.07 20.73 -40.94
C ALA B 105 -10.01 21.81 -41.12
N GLY B 106 -8.80 21.37 -41.41
CA GLY B 106 -7.63 22.26 -41.46
C GLY B 106 -6.67 22.13 -40.30
N HIS B 107 -7.13 21.50 -39.22
CA HIS B 107 -6.29 21.28 -38.04
C HIS B 107 -5.82 19.82 -37.96
N GLY B 108 -4.63 19.61 -37.37
CA GLY B 108 -4.11 18.27 -37.18
C GLY B 108 -4.94 17.29 -36.38
N PHE B 109 -5.79 17.80 -35.49
CA PHE B 109 -6.65 16.89 -34.73
C PHE B 109 -7.58 16.08 -35.60
N ALA B 110 -7.85 16.49 -36.84
CA ALA B 110 -8.63 15.70 -37.75
C ALA B 110 -8.02 14.33 -38.03
N PHE B 111 -6.71 14.19 -37.85
CA PHE B 111 -6.07 12.89 -38.11
C PHE B 111 -6.39 11.84 -37.05
N GLU B 112 -6.54 12.27 -35.80
CA GLU B 112 -6.97 11.40 -34.69
C GLU B 112 -7.07 12.23 -33.42
N HIS B 113 -8.16 12.05 -32.68
CA HIS B 113 -8.36 12.65 -31.36
C HIS B 113 -9.19 11.70 -30.52
N ALA B 114 -8.50 10.92 -29.69
CA ALA B 114 -9.18 9.93 -28.85
C ALA B 114 -9.52 10.53 -27.48
N GLU B 115 -10.48 9.89 -26.78
CA GLU B 115 -10.77 10.22 -25.40
C GLU B 115 -9.55 9.89 -24.54
N PRO B 116 -9.39 10.57 -23.41
CA PRO B 116 -8.27 10.24 -22.53
C PRO B 116 -8.48 8.88 -21.88
N ARG B 117 -7.40 8.23 -21.48
CA ARG B 117 -7.45 7.04 -20.64
C ARG B 117 -6.49 7.20 -19.46
N SER B 118 -6.24 6.12 -18.70
CA SER B 118 -5.49 6.25 -17.44
C SER B 118 -4.09 6.88 -17.63
N HIS B 119 -3.68 7.60 -16.58
CA HIS B 119 -2.44 8.35 -16.58
C HIS B 119 -1.18 7.53 -16.93
N ALA B 120 -1.12 6.24 -16.55
CA ALA B 120 0.06 5.44 -16.87
C ALA B 120 0.44 5.52 -18.34
N PHE B 121 -0.54 5.70 -19.21
CA PHE B 121 -0.30 5.66 -20.64
C PHE B 121 -0.01 7.00 -21.32
N MET B 122 0.12 8.09 -20.56
CA MET B 122 0.17 9.39 -21.23
C MET B 122 1.32 9.58 -22.21
N LEU B 123 2.51 9.11 -21.85
CA LEU B 123 3.65 9.33 -22.74
C LEU B 123 3.60 8.42 -23.96
N VAL B 124 3.30 7.12 -23.74
CA VAL B 124 3.14 6.24 -24.89
C VAL B 124 2.01 6.66 -25.81
N ASP B 125 0.89 7.14 -25.24
CA ASP B 125 -0.23 7.57 -26.09
C ASP B 125 0.11 8.80 -26.96
N HIS B 126 0.83 9.73 -26.34
CA HIS B 126 1.40 10.86 -27.06
C HIS B 126 2.29 10.41 -28.20
N PHE B 127 3.14 9.41 -27.96
CA PHE B 127 4.05 8.96 -29.00
C PHE B 127 3.37 8.26 -30.14
N VAL B 128 2.28 7.53 -29.89
CA VAL B 128 1.68 6.67 -30.92
C VAL B 128 0.44 7.23 -31.63
N VAL B 129 -0.15 8.30 -31.12
CA VAL B 129 -1.37 8.83 -31.74
C VAL B 129 -1.09 9.24 -33.18
N ASP B 130 -2.06 9.08 -34.07
CA ASP B 130 -1.82 9.31 -35.50
C ASP B 130 -1.49 10.77 -35.87
N ARG B 131 -1.80 11.74 -35.01
CA ARG B 131 -1.55 13.14 -35.33
C ARG B 131 -0.15 13.62 -34.95
N ALA B 132 0.66 12.80 -34.30
CA ALA B 132 1.86 13.29 -33.58
C ALA B 132 3.17 13.15 -34.32
N TYR B 133 3.51 11.94 -34.75
CA TYR B 133 4.87 11.62 -35.27
C TYR B 133 4.81 10.88 -36.62
N GLY B 134 3.76 11.11 -37.41
CA GLY B 134 3.62 10.49 -38.70
C GLY B 134 3.54 8.97 -38.67
N GLY B 135 3.11 8.39 -37.54
CA GLY B 135 3.10 6.95 -37.39
C GLY B 135 4.45 6.32 -37.13
N ARG B 136 5.48 7.14 -36.88
CA ARG B 136 6.81 6.60 -36.60
C ARG B 136 6.88 5.61 -35.42
N PHE B 137 6.19 5.96 -34.34
CA PHE B 137 6.23 5.17 -33.13
C PHE B 137 4.93 4.34 -33.01
N GLN B 138 5.10 3.08 -32.63
CA GLN B 138 3.96 2.16 -32.47
C GLN B 138 4.23 1.24 -31.30
N PHE B 139 3.16 0.68 -30.69
CA PHE B 139 3.37 -0.38 -29.73
C PHE B 139 4.05 -1.56 -30.44
N LYS B 140 4.89 -2.27 -29.71
CA LYS B 140 5.66 -3.40 -30.29
C LYS B 140 4.70 -4.40 -30.95
N ASN B 141 3.53 -4.58 -30.34
CA ASN B 141 2.45 -5.34 -30.94
C ASN B 141 1.17 -4.92 -30.20
N TRP B 142 0.02 -5.42 -30.65
CA TRP B 142 -1.27 -4.98 -30.11
C TRP B 142 -1.57 -5.52 -28.72
N GLN B 143 -0.78 -6.46 -28.19
CA GLN B 143 -0.93 -6.89 -26.81
C GLN B 143 -0.48 -5.80 -25.83
N LYS B 144 0.49 -5.00 -26.24
CA LYS B 144 1.17 -4.10 -25.30
C LYS B 144 0.29 -2.95 -24.82
N VAL B 145 -0.86 -2.75 -25.47
CA VAL B 145 -1.78 -1.68 -25.11
C VAL B 145 -2.34 -1.79 -23.71
N THR B 146 -2.30 -2.98 -23.13
CA THR B 146 -2.79 -3.23 -21.80
C THR B 146 -1.78 -2.90 -20.71
N ASP B 147 -0.52 -2.66 -21.09
CA ASP B 147 0.57 -2.78 -20.11
C ASP B 147 0.91 -1.45 -19.45
N GLY B 148 0.14 -1.07 -18.45
CA GLY B 148 0.30 0.22 -17.77
C GLY B 148 1.60 0.22 -16.97
N MET B 149 1.86 -0.84 -16.21
CA MET B 149 3.12 -0.92 -15.48
C MET B 149 4.31 -0.87 -16.43
N GLY B 150 4.23 -1.52 -17.58
CA GLY B 150 5.30 -1.49 -18.58
C GLY B 150 5.55 -0.09 -19.12
N ALA B 151 4.48 0.62 -19.44
CA ALA B 151 4.62 2.02 -19.89
C ALA B 151 5.31 2.86 -18.79
N VAL B 152 4.92 2.67 -17.55
CA VAL B 152 5.52 3.38 -16.42
C VAL B 152 7.03 3.07 -16.29
N ARG B 153 7.39 1.80 -16.47
CA ARG B 153 8.79 1.40 -16.45
C ARG B 153 9.60 2.08 -17.54
N GLY B 154 8.99 2.27 -18.68
CA GLY B 154 9.55 3.09 -19.72
C GLY B 154 8.85 2.94 -21.04
N ALA B 155 8.61 4.05 -21.73
CA ALA B 155 7.98 4.02 -23.05
C ALA B 155 8.68 3.06 -24.01
N TRP B 156 10.03 3.05 -23.99
CA TRP B 156 10.75 2.30 -25.01
C TRP B 156 10.86 0.82 -24.65
N THR B 157 10.27 0.43 -23.53
CA THR B 157 10.09 -0.99 -23.22
C THR B 157 8.88 -1.59 -23.98
N VAL B 158 7.97 -0.72 -24.43
CA VAL B 158 6.73 -1.19 -25.07
C VAL B 158 6.50 -0.66 -26.49
N LEU B 159 7.34 0.27 -26.98
CA LEU B 159 7.19 0.90 -28.30
C LEU B 159 8.39 0.58 -29.20
N THR B 160 8.12 0.72 -30.49
CA THR B 160 9.14 0.63 -31.54
C THR B 160 9.17 1.94 -32.33
N ASP B 161 10.30 2.16 -33.02
CA ASP B 161 10.56 3.30 -33.89
C ASP B 161 10.75 2.74 -35.28
N ALA B 162 9.98 3.22 -36.24
CA ALA B 162 10.03 2.71 -37.63
C ALA B 162 11.38 2.96 -38.31
N ASP B 163 12.13 3.96 -37.86
CA ASP B 163 13.45 4.22 -38.48
C ASP B 163 14.43 4.86 -37.50
N PRO B 164 15.10 4.02 -36.71
CA PRO B 164 16.07 4.56 -35.79
C PRO B 164 17.21 5.35 -36.48
N GLU B 165 17.35 5.21 -37.80
CA GLU B 165 18.48 5.86 -38.50
C GLU B 165 18.22 7.28 -38.95
N SER B 166 16.99 7.80 -38.77
CA SER B 166 16.68 9.17 -39.15
C SER B 166 15.97 9.87 -38.00
N SER B 167 16.09 11.19 -37.94
CA SER B 167 15.48 11.95 -36.85
C SER B 167 14.50 13.03 -37.29
N ASP B 168 14.19 13.07 -38.57
CA ASP B 168 13.23 14.02 -39.10
C ASP B 168 11.78 13.55 -38.82
N GLN B 169 10.91 14.52 -38.63
CA GLN B 169 9.46 14.26 -38.62
C GLN B 169 8.99 14.00 -40.03
N ARG B 170 8.45 12.82 -40.28
CA ARG B 170 7.83 12.52 -41.57
C ARG B 170 6.72 11.49 -41.43
N ARG B 171 5.89 11.36 -42.46
CA ARG B 171 4.79 10.37 -42.49
C ARG B 171 5.31 9.01 -42.88
N PHE B 172 5.10 8.04 -41.99
CA PHE B 172 5.33 6.62 -42.27
C PHE B 172 4.05 5.91 -42.69
N LEU B 173 2.90 6.44 -42.26
CA LEU B 173 1.57 5.96 -42.64
C LEU B 173 0.86 7.11 -43.30
N SER B 174 0.00 6.83 -44.28
CA SER B 174 -0.55 7.90 -45.11
C SER B 174 -1.40 8.92 -44.40
N GLN B 175 -2.27 8.47 -43.51
CA GLN B 175 -3.19 9.37 -42.84
C GLN B 175 -2.75 9.63 -41.40
N THR B 176 -1.58 10.25 -41.30
CA THR B 176 -1.01 10.72 -40.06
C THR B 176 -0.57 12.19 -40.24
N ALA B 177 -0.27 12.84 -39.14
CA ALA B 177 0.33 14.16 -39.15
C ALA B 177 1.55 14.16 -38.22
N THR B 178 2.35 15.24 -38.31
CA THR B 178 3.57 15.36 -37.52
C THR B 178 3.48 16.61 -36.64
N ALA B 179 2.42 16.71 -35.84
CA ALA B 179 2.19 17.91 -35.01
C ALA B 179 3.03 17.96 -33.73
N ALA B 180 3.63 16.85 -33.31
CA ALA B 180 4.39 16.87 -32.06
C ALA B 180 5.56 17.84 -32.17
N ASN B 181 5.88 18.44 -31.05
CA ASN B 181 7.02 19.36 -30.89
C ASN B 181 7.43 19.27 -29.45
N PRO B 182 8.60 19.83 -29.09
CA PRO B 182 9.10 19.61 -27.76
C PRO B 182 8.23 20.13 -26.62
N VAL B 183 7.45 21.19 -26.86
CA VAL B 183 6.61 21.73 -25.79
C VAL B 183 5.61 20.67 -25.29
N CYS B 184 5.09 19.87 -26.20
CA CYS B 184 4.08 18.84 -25.82
C CYS B 184 4.54 18.00 -24.64
N LEU B 185 5.81 17.61 -24.64
CA LEU B 185 6.35 16.66 -23.71
C LEU B 185 6.28 17.12 -22.27
N ASN B 186 6.19 18.43 -22.03
CA ASN B 186 6.14 18.97 -20.70
C ASN B 186 4.89 18.58 -19.93
N CYS B 187 3.85 18.18 -20.67
CA CYS B 187 2.62 17.66 -20.05
C CYS B 187 2.49 16.13 -20.15
N LYS B 188 3.57 15.45 -20.47
CA LYS B 188 3.61 13.98 -20.53
C LYS B 188 4.62 13.35 -19.58
N THR B 189 5.71 14.09 -19.30
CA THR B 189 6.85 13.60 -18.54
C THR B 189 7.60 14.84 -18.04
N GLN B 190 8.37 14.66 -16.99
CA GLN B 190 9.41 15.65 -16.60
C GLN B 190 10.77 14.97 -16.50
N ASP B 191 10.98 13.90 -17.26
CA ASP B 191 12.31 13.27 -17.35
C ASP B 191 13.39 14.28 -17.75
N HIS B 192 12.97 15.29 -18.51
CA HIS B 192 13.90 16.34 -19.05
C HIS B 192 14.07 17.54 -18.11
N ILE B 193 13.61 17.44 -16.88
CA ILE B 193 13.56 18.60 -15.97
C ILE B 193 14.94 19.29 -15.77
N LEU B 194 16.02 18.54 -15.89
CA LEU B 194 17.39 19.12 -15.76
C LEU B 194 18.00 19.45 -17.10
N ASP B 195 17.31 19.20 -18.20
CA ASP B 195 17.84 19.36 -19.55
C ASP B 195 17.07 20.39 -20.41
N TRP B 196 16.22 21.15 -19.77
CA TRP B 196 15.25 22.04 -20.42
C TRP B 196 15.24 23.32 -19.64
N ALA B 197 15.58 24.44 -20.29
CA ALA B 197 15.51 25.70 -19.59
C ALA B 197 14.08 26.16 -19.46
N TYR B 198 13.85 27.00 -18.47
CA TYR B 198 12.53 27.60 -18.21
C TYR B 198 11.92 28.13 -19.51
N MET B 199 10.69 27.68 -19.78
CA MET B 199 9.90 27.99 -20.99
C MET B 199 10.37 27.35 -22.29
N GLY B 200 11.50 26.65 -22.25
CA GLY B 200 12.09 26.07 -23.44
C GLY B 200 12.87 27.09 -24.25
N ASP B 201 13.26 28.17 -23.58
CA ASP B 201 14.11 29.18 -24.22
C ASP B 201 15.44 28.54 -24.57
N GLU B 202 16.13 29.08 -25.58
CA GLU B 202 17.50 28.66 -25.85
C GLU B 202 18.36 28.97 -24.64
N HIS B 203 19.26 28.06 -24.32
CA HIS B 203 20.13 28.17 -23.13
C HIS B 203 21.33 27.26 -23.32
N GLU B 204 22.55 27.79 -23.04
CA GLU B 204 23.78 27.02 -23.23
C GLU B 204 23.81 25.74 -22.39
N ALA B 205 23.11 25.75 -21.24
CA ALA B 205 23.07 24.58 -20.35
C ALA B 205 21.95 23.57 -20.69
N ALA B 206 21.09 23.90 -21.66
CA ALA B 206 19.97 23.02 -22.03
C ALA B 206 20.24 22.20 -23.27
N LYS B 207 20.12 20.88 -23.13
CA LYS B 207 20.21 19.95 -24.23
C LYS B 207 19.02 20.11 -25.19
N TRP B 208 17.87 20.42 -24.60
CA TRP B 208 16.61 20.49 -25.34
C TRP B 208 15.95 21.83 -25.16
N SER B 209 15.19 22.22 -26.17
CA SER B 209 14.47 23.49 -26.16
C SER B 209 13.27 23.42 -27.10
N ARG B 210 12.53 24.52 -27.18
CA ARG B 210 11.39 24.56 -28.13
C ARG B 210 11.73 24.25 -29.56
N THR B 211 12.98 24.55 -29.98
CA THR B 211 13.38 24.37 -31.36
C THR B 211 14.12 23.05 -31.66
N SER B 212 14.20 22.15 -30.70
CA SER B 212 14.87 20.86 -30.89
C SER B 212 14.14 19.97 -31.91
N GLU B 213 14.86 18.98 -32.44
CA GLU B 213 14.30 17.91 -33.26
C GLU B 213 13.50 16.99 -32.31
N VAL B 214 12.19 17.03 -32.45
CA VAL B 214 11.33 16.35 -31.46
C VAL B 214 11.50 14.83 -31.45
N VAL B 215 11.85 14.23 -32.60
CA VAL B 215 12.12 12.79 -32.62
C VAL B 215 13.34 12.44 -31.78
N GLU B 216 14.37 13.28 -31.82
CA GLU B 216 15.55 13.03 -30.98
C GLU B 216 15.23 13.19 -29.49
N PHE B 217 14.47 14.22 -29.16
CA PHE B 217 14.02 14.49 -27.79
C PHE B 217 13.22 13.29 -27.26
N ALA B 218 12.27 12.83 -28.07
CA ALA B 218 11.39 11.71 -27.70
C ALA B 218 12.19 10.50 -27.24
N ARG B 219 13.27 10.20 -27.96
CA ARG B 219 14.06 9.01 -27.67
C ARG B 219 14.75 9.03 -26.32
N ASP B 220 14.89 10.22 -25.75
CA ASP B 220 15.55 10.43 -24.47
C ASP B 220 14.58 10.36 -23.27
N LEU B 221 13.29 10.17 -23.55
CA LEU B 221 12.23 10.27 -22.54
C LEU B 221 11.56 8.93 -22.33
N ASN B 222 11.20 8.65 -21.08
CA ASN B 222 10.74 7.31 -20.68
C ASN B 222 9.49 7.27 -19.84
N HIS B 223 9.37 8.11 -18.80
CA HIS B 223 8.37 7.89 -17.75
C HIS B 223 7.25 8.90 -17.81
N PRO B 224 6.00 8.45 -17.58
CA PRO B 224 4.87 9.37 -17.50
C PRO B 224 4.75 10.05 -16.16
N LEU B 225 4.16 11.25 -16.13
CA LEU B 225 3.68 11.89 -14.90
C LEU B 225 4.52 11.55 -13.66
N ASN B 226 5.76 12.05 -13.64
CA ASN B 226 6.65 11.68 -12.57
C ASN B 226 6.10 12.13 -11.23
N CYS B 227 6.38 11.38 -10.16
CA CYS B 227 5.83 11.70 -8.84
C CYS B 227 6.24 13.10 -8.37
N PHE B 228 7.44 13.49 -8.78
CA PHE B 228 7.95 14.77 -8.40
C PHE B 228 7.33 15.95 -9.14
N MET B 229 6.38 15.71 -10.04
CA MET B 229 5.68 16.86 -10.62
C MET B 229 4.83 17.61 -9.63
N CYS B 230 4.39 16.99 -8.54
CA CYS B 230 3.55 17.61 -7.53
C CYS B 230 4.19 17.69 -6.15
N HIS B 231 5.31 16.98 -5.95
CA HIS B 231 5.96 16.89 -4.68
C HIS B 231 7.45 17.18 -4.86
N ASP B 232 7.97 18.17 -4.12
CA ASP B 232 9.41 18.44 -4.20
C ASP B 232 10.16 17.24 -3.61
N PRO B 233 11.13 16.70 -4.32
CA PRO B 233 11.80 15.48 -3.80
C PRO B 233 12.69 15.78 -2.59
N HIS B 234 13.07 17.05 -2.43
CA HIS B 234 13.98 17.43 -1.35
C HIS B 234 13.25 17.80 -0.06
N SER B 235 12.16 18.61 -0.15
CA SER B 235 11.36 18.98 0.99
C SER B 235 10.16 18.06 1.24
N ALA B 236 9.77 17.32 0.19
CA ALA B 236 8.53 16.51 0.15
C ALA B 236 7.28 17.41 0.12
N GLY B 237 7.45 18.74 0.03
CA GLY B 237 6.34 19.64 0.02
C GLY B 237 5.65 19.82 -1.32
N PRO B 238 4.45 20.42 -1.28
CA PRO B 238 3.66 20.51 -2.51
C PRO B 238 4.23 21.54 -3.47
N ARG B 239 4.23 21.25 -4.74
CA ARG B 239 4.77 22.14 -5.74
C ARG B 239 4.16 21.88 -7.12
N VAL B 240 4.50 22.77 -8.04
CA VAL B 240 4.40 22.52 -9.47
C VAL B 240 5.77 22.68 -10.10
N VAL B 241 6.00 22.05 -11.24
CA VAL B 241 7.24 22.22 -12.00
C VAL B 241 7.00 22.77 -13.41
N ARG B 242 5.74 22.86 -13.87
CA ARG B 242 5.46 23.19 -15.27
C ARG B 242 5.67 24.71 -15.50
N ASP B 243 6.62 24.98 -16.38
CA ASP B 243 7.04 26.35 -16.67
C ASP B 243 5.90 27.26 -17.08
N GLY B 244 5.05 26.85 -18.02
CA GLY B 244 3.95 27.68 -18.46
C GLY B 244 2.99 28.11 -17.35
N LEU B 245 2.77 27.23 -16.37
CA LEU B 245 1.92 27.55 -15.24
C LEU B 245 2.56 28.60 -14.31
N ILE B 246 3.84 28.42 -14.00
CA ILE B 246 4.58 29.37 -13.18
C ILE B 246 4.58 30.73 -13.88
N ASN B 247 4.72 30.72 -15.20
CA ASN B 247 4.76 31.96 -16.00
C ASN B 247 3.45 32.72 -15.86
N ALA B 248 2.32 32.01 -15.93
CA ALA B 248 1.04 32.65 -15.77
C ALA B 248 0.80 33.17 -14.38
N VAL B 249 1.01 32.32 -13.38
CA VAL B 249 0.66 32.62 -12.01
C VAL B 249 1.58 33.70 -11.39
N VAL B 250 2.89 33.52 -11.60
CA VAL B 250 3.92 34.35 -10.94
C VAL B 250 4.47 35.42 -11.90
N ASP B 251 5.06 35.06 -13.03
CA ASP B 251 5.71 36.07 -13.92
C ASP B 251 4.72 37.15 -14.38
N ARG B 252 3.52 36.71 -14.78
CA ARG B 252 2.46 37.62 -15.23
C ARG B 252 1.53 38.07 -14.10
N GLY B 253 1.83 37.66 -12.86
CA GLY B 253 1.13 38.14 -11.72
C GLY B 253 -0.35 37.87 -11.65
N LEU B 254 -0.80 36.83 -12.36
CA LEU B 254 -2.23 36.60 -12.42
C LEU B 254 -2.78 35.90 -11.20
N GLY B 255 -1.91 35.20 -10.45
CA GLY B 255 -2.29 34.51 -9.24
C GLY B 255 -2.84 33.11 -9.50
N THR B 256 -2.88 32.32 -8.44
CA THR B 256 -3.40 30.94 -8.52
C THR B 256 -4.90 30.90 -8.79
N TYR B 257 -5.64 31.91 -8.33
CA TYR B 257 -7.07 32.05 -8.56
C TYR B 257 -7.28 33.45 -9.14
N PRO B 258 -7.23 33.59 -10.46
CA PRO B 258 -7.26 34.96 -11.02
C PRO B 258 -8.50 35.75 -10.69
N HIS B 259 -9.60 35.05 -10.42
CA HIS B 259 -10.84 35.70 -10.06
C HIS B 259 -10.97 36.03 -8.58
N ASP B 260 -10.02 35.62 -7.73
CA ASP B 260 -10.15 35.74 -6.29
C ASP B 260 -8.79 36.10 -5.69
N PRO B 261 -8.54 37.41 -5.49
CA PRO B 261 -7.24 37.80 -4.93
C PRO B 261 -6.98 37.32 -3.50
N VAL B 262 -8.02 37.13 -2.71
CA VAL B 262 -7.87 36.66 -1.36
C VAL B 262 -7.41 35.18 -1.35
N LYS B 263 -8.10 34.34 -2.13
CA LYS B 263 -7.75 32.91 -2.20
C LYS B 263 -6.37 32.76 -2.83
N SER B 264 -6.05 33.61 -3.78
CA SER B 264 -4.73 33.63 -4.42
C SER B 264 -3.61 33.88 -3.41
N GLU B 265 -3.87 34.76 -2.46
CA GLU B 265 -2.87 35.04 -1.39
C GLU B 265 -2.74 33.92 -0.38
N GLN B 266 -3.87 33.32 -0.01
CA GLN B 266 -3.86 32.23 0.94
C GLN B 266 -3.27 30.93 0.37
N GLN B 267 -3.52 30.72 -0.92
CA GLN B 267 -3.14 29.49 -1.62
C GLN B 267 -2.23 29.84 -2.78
N GLY B 268 -1.10 30.46 -2.44
CA GLY B 268 -0.17 30.97 -3.41
C GLY B 268 0.97 30.08 -3.80
N MET B 269 1.85 30.66 -4.63
CA MET B 269 2.95 29.96 -5.26
C MET B 269 4.19 30.84 -5.12
N THR B 270 5.32 30.22 -4.77
CA THR B 270 6.63 30.91 -4.68
C THR B 270 7.55 30.32 -5.71
N LYS B 271 8.02 31.15 -6.63
CA LYS B 271 8.92 30.72 -7.68
C LYS B 271 10.34 30.58 -7.13
N VAL B 272 10.92 29.41 -7.30
CA VAL B 272 12.31 29.12 -6.91
C VAL B 272 13.10 28.80 -8.17
N THR B 273 14.23 29.52 -8.37
CA THR B 273 15.02 29.41 -9.55
C THR B 273 16.35 28.73 -9.24
N PHE B 274 16.76 27.83 -10.10
CA PHE B 274 18.04 27.15 -10.04
C PHE B 274 18.87 27.63 -11.23
N GLN B 275 20.17 27.80 -10.98
CA GLN B 275 21.11 28.34 -11.97
C GLN B 275 22.12 27.33 -12.50
N ARG B 276 22.69 27.66 -13.67
CA ARG B 276 23.83 26.96 -14.27
C ARG B 276 24.81 28.07 -14.63
N GLY B 277 26.04 27.95 -14.15
CA GLY B 277 27.05 28.99 -14.38
C GLY B 277 26.59 30.34 -13.91
N ARG B 278 25.86 30.38 -12.80
CA ARG B 278 25.32 31.59 -12.22
C ARG B 278 24.39 32.40 -13.13
N GLU B 279 23.74 31.70 -14.05
CA GLU B 279 22.69 32.26 -14.87
C GLU B 279 21.42 31.43 -14.59
N ASP B 280 20.29 32.12 -14.47
CA ASP B 280 19.00 31.39 -14.28
C ASP B 280 18.82 30.33 -15.35
N PHE B 281 18.37 29.14 -14.93
CA PHE B 281 18.23 28.02 -15.84
C PHE B 281 16.79 27.42 -15.79
N ARG B 282 16.39 26.96 -14.63
CA ARG B 282 15.08 26.29 -14.46
C ARG B 282 14.38 26.81 -13.24
N ALA B 283 13.09 26.49 -13.10
CA ALA B 283 12.34 26.97 -11.99
C ALA B 283 11.25 25.99 -11.53
N ILE B 284 10.88 26.11 -10.28
CA ILE B 284 9.73 25.39 -9.69
C ILE B 284 8.84 26.37 -8.98
N GLY B 285 7.62 25.95 -8.62
CA GLY B 285 6.69 26.78 -7.87
C GLY B 285 6.26 26.08 -6.63
N LEU B 286 6.76 26.47 -5.46
CA LEU B 286 6.34 25.89 -4.21
C LEU B 286 5.00 26.43 -3.82
N LEU B 287 4.09 25.51 -3.47
CA LEU B 287 2.76 25.90 -3.05
C LEU B 287 2.62 26.12 -1.55
N ASP B 288 1.79 27.12 -1.17
CA ASP B 288 1.52 27.42 0.24
C ASP B 288 0.78 26.26 0.94
N THR B 289 -0.07 25.56 0.15
CA THR B 289 -0.91 24.46 0.63
C THR B 289 -0.84 23.34 -0.42
N ALA B 290 -1.29 22.13 -0.03
CA ALA B 290 -1.34 21.00 -0.94
C ALA B 290 -2.57 21.10 -1.85
N ASP B 291 -2.52 22.07 -2.76
CA ASP B 291 -3.68 22.50 -3.52
C ASP B 291 -3.75 21.80 -4.87
N SER B 292 -4.55 20.72 -4.92
CA SER B 292 -4.66 19.98 -6.17
C SER B 292 -5.19 20.78 -7.34
N ASN B 293 -5.98 21.84 -7.09
CA ASN B 293 -6.46 22.61 -8.22
C ASN B 293 -5.27 23.09 -9.06
N VAL B 294 -4.24 23.57 -8.38
CA VAL B 294 -3.06 24.12 -9.07
C VAL B 294 -2.11 23.01 -9.54
N MET B 295 -1.96 21.93 -8.76
CA MET B 295 -1.18 20.79 -9.23
C MET B 295 -1.70 20.21 -10.56
N CYS B 296 -3.01 20.00 -10.64
CA CYS B 296 -3.58 19.41 -11.83
C CYS B 296 -3.58 20.36 -13.03
N ALA B 297 -3.57 21.67 -12.72
CA ALA B 297 -3.50 22.73 -13.71
C ALA B 297 -2.13 22.82 -14.38
N GLN B 298 -1.16 21.98 -13.97
CA GLN B 298 0.04 21.84 -14.79
C GLN B 298 -0.24 21.35 -16.19
N CYS B 299 -1.33 20.58 -16.33
CA CYS B 299 -1.66 19.96 -17.63
C CYS B 299 -3.09 20.14 -18.09
N HIS B 300 -4.04 20.15 -17.15
CA HIS B 300 -5.48 20.18 -17.50
C HIS B 300 -5.97 21.63 -17.69
N VAL B 301 -5.36 22.28 -18.69
CA VAL B 301 -5.59 23.68 -19.08
C VAL B 301 -5.61 23.80 -20.59
N GLU B 302 -6.16 24.94 -21.04
CA GLU B 302 -6.02 25.41 -22.41
C GLU B 302 -4.66 26.13 -22.57
N TYR B 303 -3.99 25.83 -23.65
CA TYR B 303 -2.59 26.19 -23.84
C TYR B 303 -2.28 26.38 -25.31
N ASN B 304 -1.12 27.02 -25.57
CA ASN B 304 -0.41 26.89 -26.82
C ASN B 304 0.80 26.00 -26.58
N CYS B 305 1.01 25.05 -27.48
CA CYS B 305 2.15 24.12 -27.46
C CYS B 305 2.38 23.71 -28.90
N ASN B 306 2.59 24.72 -29.74
CA ASN B 306 2.44 24.59 -31.17
C ASN B 306 2.72 25.92 -31.86
N PRO B 307 3.12 25.84 -33.13
CA PRO B 307 3.16 27.07 -33.92
C PRO B 307 1.77 27.53 -34.27
N GLY B 308 1.65 28.76 -34.75
CA GLY B 308 0.38 29.31 -35.17
C GLY B 308 0.62 30.51 -36.06
N TYR B 309 -0.27 31.46 -35.98
CA TYR B 309 -0.29 32.65 -36.87
C TYR B 309 -0.74 33.85 -36.09
N GLN B 310 -0.38 35.05 -36.57
CA GLN B 310 -0.86 36.25 -35.89
C GLN B 310 -2.24 36.70 -36.42
N LEU B 311 -3.09 37.13 -35.50
CA LEU B 311 -4.40 37.69 -35.86
C LEU B 311 -4.23 38.98 -36.70
N SER B 312 -3.23 39.76 -36.34
CA SER B 312 -3.02 41.11 -36.95
C SER B 312 -2.69 41.01 -38.43
N ASP B 313 -1.69 40.20 -38.78
CA ASP B 313 -1.22 40.14 -40.18
C ASP B 313 -1.13 38.75 -40.84
N GLY B 314 -1.57 37.72 -40.11
CA GLY B 314 -1.46 36.36 -40.64
C GLY B 314 -0.09 35.71 -40.69
N SER B 315 0.95 36.40 -40.21
CA SER B 315 2.29 35.87 -40.27
C SER B 315 2.46 34.69 -39.31
N ARG B 316 3.38 33.82 -39.67
CA ARG B 316 3.69 32.62 -38.87
C ARG B 316 4.31 32.96 -37.54
N VAL B 317 3.86 32.26 -36.49
CA VAL B 317 4.47 32.29 -35.17
C VAL B 317 5.06 30.89 -34.98
N GLY B 318 6.38 30.76 -35.01
CA GLY B 318 7.03 29.46 -34.91
C GLY B 318 7.35 29.02 -33.49
N MET B 319 7.93 27.81 -33.40
CA MET B 319 8.34 27.23 -32.13
C MET B 319 9.35 28.09 -31.42
N ASP B 320 10.14 28.86 -32.20
CA ASP B 320 11.12 29.73 -31.58
C ASP B 320 10.54 30.86 -30.75
N ASP B 321 9.28 31.21 -31.00
CA ASP B 321 8.64 32.31 -30.31
C ASP B 321 8.11 31.82 -28.95
N ARG B 322 8.22 32.63 -27.91
CA ARG B 322 7.70 32.29 -26.58
C ARG B 322 6.22 31.90 -26.59
N ARG B 323 5.45 32.46 -27.52
CA ARG B 323 4.01 32.21 -27.58
C ARG B 323 3.70 30.73 -27.90
N ALA B 324 4.67 29.98 -28.38
CA ALA B 324 4.51 28.54 -28.69
C ALA B 324 4.43 27.71 -27.43
N ASN B 325 4.76 28.28 -26.28
CA ASN B 325 4.60 27.64 -24.95
C ASN B 325 3.88 28.64 -24.06
N HIS B 326 2.53 28.57 -23.97
CA HIS B 326 1.76 29.60 -23.35
C HIS B 326 0.55 29.03 -22.63
N PHE B 327 0.37 29.42 -21.37
CA PHE B 327 -0.89 29.15 -20.63
C PHE B 327 -1.71 30.42 -20.69
N PHE B 328 -2.87 30.38 -21.35
CA PHE B 328 -3.75 31.55 -21.42
C PHE B 328 -4.29 31.95 -20.07
N TRP B 329 -4.57 30.96 -19.20
CA TRP B 329 -5.00 31.23 -17.84
C TRP B 329 -6.23 32.16 -17.83
N ALA B 330 -7.24 31.78 -18.64
CA ALA B 330 -8.42 32.58 -18.91
C ALA B 330 -9.62 31.66 -19.08
N ASN B 331 -10.75 32.02 -18.50
CA ASN B 331 -11.99 31.28 -18.72
C ASN B 331 -12.54 31.53 -20.13
N VAL B 332 -13.59 30.79 -20.50
CA VAL B 332 -14.06 30.82 -21.86
C VAL B 332 -14.45 32.26 -22.33
N PHE B 333 -15.02 33.03 -21.42
CA PHE B 333 -15.51 34.38 -21.72
C PHE B 333 -14.38 35.42 -21.70
N ASP B 334 -13.20 35.04 -21.22
CA ASP B 334 -12.00 35.89 -21.27
C ASP B 334 -11.01 35.40 -22.32
N TYR B 335 -11.27 34.25 -22.96
CA TYR B 335 -10.28 33.68 -23.88
C TYR B 335 -9.97 34.50 -25.13
N LYS B 336 -11.00 35.04 -25.80
CA LYS B 336 -10.77 35.76 -27.04
C LYS B 336 -9.86 36.95 -26.73
N GLU B 337 -10.10 37.60 -25.61
CA GLU B 337 -9.24 38.75 -25.21
C GLU B 337 -7.82 38.26 -24.92
N ALA B 338 -7.67 37.09 -24.27
CA ALA B 338 -6.34 36.54 -24.00
C ALA B 338 -5.56 36.14 -25.27
N ALA B 339 -6.27 35.68 -26.30
CA ALA B 339 -5.65 35.37 -27.57
C ALA B 339 -5.28 36.64 -28.36
N GLN B 340 -6.15 37.66 -28.25
CA GLN B 340 -5.83 38.97 -28.82
C GLN B 340 -4.61 39.57 -28.12
N GLU B 341 -4.49 39.36 -26.81
CA GLU B 341 -3.37 39.88 -25.97
C GLU B 341 -1.99 39.44 -26.50
N ILE B 342 -1.90 38.22 -27.05
CA ILE B 342 -0.66 37.73 -27.63
C ILE B 342 -0.71 37.67 -29.17
N ASP B 343 -1.77 38.20 -29.78
CA ASP B 343 -1.89 38.30 -31.22
C ASP B 343 -1.72 36.96 -31.92
N PHE B 344 -2.59 36.00 -31.58
CA PHE B 344 -2.38 34.60 -31.98
C PHE B 344 -3.70 33.88 -32.34
N PHE B 345 -3.60 33.07 -33.37
CA PHE B 345 -4.59 32.01 -33.65
C PHE B 345 -3.91 30.76 -34.16
N ASP B 346 -4.65 29.64 -34.14
CA ASP B 346 -4.06 28.34 -34.40
C ASP B 346 -4.08 27.86 -35.83
N PHE B 347 -5.23 28.00 -36.50
CA PHE B 347 -5.38 27.48 -37.87
C PHE B 347 -6.43 28.23 -38.67
N ARG B 348 -6.38 28.07 -40.00
CA ARG B 348 -7.41 28.60 -40.90
C ARG B 348 -8.30 27.43 -41.29
N HIS B 349 -9.60 27.59 -41.10
CA HIS B 349 -10.55 26.53 -41.44
C HIS B 349 -10.46 26.19 -42.92
N ALA B 350 -10.42 24.92 -43.24
CA ALA B 350 -10.19 24.45 -44.61
C ALA B 350 -11.29 24.81 -45.57
N THR B 351 -12.52 24.95 -45.09
CA THR B 351 -13.68 25.29 -45.92
C THR B 351 -14.04 26.76 -45.85
N THR B 352 -14.05 27.34 -44.65
CA THR B 352 -14.52 28.72 -44.52
C THR B 352 -13.42 29.75 -44.70
N GLY B 353 -12.18 29.37 -44.46
CA GLY B 353 -11.06 30.31 -44.46
C GLY B 353 -10.91 31.13 -43.19
N ALA B 354 -11.77 30.94 -42.20
CA ALA B 354 -11.69 31.73 -40.99
C ALA B 354 -10.45 31.39 -40.17
N ALA B 355 -9.83 32.42 -39.61
CA ALA B 355 -8.87 32.23 -38.55
C ALA B 355 -9.59 31.71 -37.32
N LEU B 356 -9.09 30.59 -36.75
CA LEU B 356 -9.77 29.94 -35.61
C LEU B 356 -8.78 29.63 -34.49
N PRO B 357 -9.27 29.56 -33.24
CA PRO B 357 -8.50 29.04 -32.13
C PRO B 357 -8.67 27.52 -32.07
N LYS B 358 -7.69 26.85 -31.49
CA LYS B 358 -7.78 25.44 -31.13
C LYS B 358 -7.77 25.35 -29.62
N LEU B 359 -8.85 24.81 -29.04
CA LEU B 359 -8.97 24.70 -27.60
C LEU B 359 -8.58 23.28 -27.17
N GLN B 360 -8.03 23.19 -25.96
CA GLN B 360 -7.70 21.88 -25.38
C GLN B 360 -8.04 21.87 -23.90
N HIS B 361 -8.74 20.79 -23.51
CA HIS B 361 -9.00 20.40 -22.11
C HIS B 361 -8.84 21.48 -21.04
N PRO B 362 -9.76 22.46 -21.02
CA PRO B 362 -9.60 23.58 -20.07
C PRO B 362 -10.31 23.31 -18.73
N GLU B 363 -10.01 22.19 -18.09
CA GLU B 363 -10.70 21.85 -16.86
C GLU B 363 -10.44 22.89 -15.75
N ALA B 364 -9.19 23.30 -15.55
CA ALA B 364 -8.88 24.24 -14.45
C ALA B 364 -9.61 25.56 -14.61
N GLU B 365 -9.61 26.08 -15.83
CA GLU B 365 -10.20 27.41 -16.07
C GLU B 365 -11.73 27.38 -16.05
N THR B 366 -12.31 26.22 -16.36
CA THR B 366 -13.73 25.99 -16.30
C THR B 366 -14.19 25.86 -14.85
N PHE B 367 -13.37 25.21 -14.02
CA PHE B 367 -13.72 24.98 -12.63
C PHE B 367 -13.82 26.29 -11.85
N TRP B 368 -12.99 27.28 -12.22
CA TRP B 368 -13.05 28.58 -11.53
C TRP B 368 -14.48 29.15 -11.47
N GLY B 369 -14.87 29.58 -10.28
CA GLY B 369 -16.14 30.27 -10.10
C GLY B 369 -17.36 29.38 -9.99
N SER B 370 -17.15 28.07 -10.19
CA SER B 370 -18.22 27.11 -10.00
C SER B 370 -18.62 26.99 -8.56
N VAL B 371 -19.79 26.43 -8.30
CA VAL B 371 -20.25 26.27 -6.93
C VAL B 371 -19.26 25.48 -6.07
N HIS B 372 -18.71 24.40 -6.61
CA HIS B 372 -17.79 23.60 -5.85
C HIS B 372 -16.48 24.39 -5.57
N GLU B 373 -15.95 25.07 -6.57
CA GLU B 373 -14.68 25.83 -6.36
C GLU B 373 -14.89 26.93 -5.31
N ARG B 374 -16.03 27.61 -5.41
CA ARG B 374 -16.35 28.68 -4.44
C ARG B 374 -16.52 28.15 -3.03
N ASN B 375 -16.89 26.88 -2.88
CA ASN B 375 -17.01 26.25 -1.58
C ASN B 375 -15.72 25.58 -1.09
N GLY B 376 -14.60 25.78 -1.77
CA GLY B 376 -13.31 25.26 -1.32
C GLY B 376 -13.02 23.82 -1.71
N VAL B 377 -13.81 23.29 -2.63
CA VAL B 377 -13.59 21.93 -3.13
C VAL B 377 -12.51 21.98 -4.21
N ALA B 378 -11.73 20.91 -4.37
CA ALA B 378 -10.62 20.88 -5.30
C ALA B 378 -10.64 19.56 -6.09
N CYS B 379 -9.88 19.49 -7.18
CA CYS B 379 -9.90 18.29 -8.07
C CYS B 379 -9.75 17.00 -7.28
N ALA B 380 -8.82 16.96 -6.32
CA ALA B 380 -8.56 15.72 -5.61
C ALA B 380 -9.73 15.23 -4.80
N ASP B 381 -10.60 16.11 -4.35
CA ASP B 381 -11.73 15.69 -3.53
C ASP B 381 -12.64 14.76 -4.32
N CYS B 382 -12.76 14.96 -5.64
CA CYS B 382 -13.63 14.15 -6.45
C CYS B 382 -12.87 13.09 -7.25
N HIS B 383 -11.55 13.28 -7.49
CA HIS B 383 -10.84 12.42 -8.41
C HIS B 383 -9.67 11.63 -7.77
N MET B 384 -9.22 12.00 -6.57
CA MET B 384 -8.21 11.18 -5.87
C MET B 384 -8.41 11.37 -4.35
N PRO B 385 -9.54 10.85 -3.86
CA PRO B 385 -9.88 11.03 -2.46
C PRO B 385 -9.03 10.20 -1.51
N LYS B 386 -9.11 10.55 -0.24
CA LYS B 386 -8.54 9.68 0.79
C LYS B 386 -9.19 8.31 0.75
N VAL B 387 -8.41 7.27 1.00
CA VAL B 387 -8.95 5.91 1.13
C VAL B 387 -9.66 5.78 2.48
N GLN B 388 -10.75 5.03 2.53
CA GLN B 388 -11.46 4.77 3.77
C GLN B 388 -11.21 3.32 4.14
N LEU B 389 -10.68 3.11 5.35
CA LEU B 389 -10.39 1.75 5.80
C LEU B 389 -11.05 1.48 7.14
N GLU B 390 -11.62 0.29 7.30
CA GLU B 390 -12.13 -0.14 8.59
C GLU B 390 -11.03 -0.18 9.64
N ASN B 391 -9.85 -0.68 9.23
CA ASN B 391 -8.67 -0.68 10.11
C ASN B 391 -7.44 -0.47 9.23
N GLY B 392 -6.75 0.65 9.43
CA GLY B 392 -5.57 0.90 8.62
C GLY B 392 -5.10 2.34 8.69
N LYS B 393 -3.89 2.55 8.18
CA LYS B 393 -3.33 3.88 8.04
C LYS B 393 -3.88 4.48 6.74
N VAL B 394 -4.53 5.64 6.87
CA VAL B 394 -5.13 6.32 5.73
C VAL B 394 -4.00 6.89 4.84
N TYR B 395 -4.21 6.79 3.54
CA TYR B 395 -3.38 7.44 2.53
C TYR B 395 -4.32 8.02 1.46
N THR B 396 -3.76 8.82 0.56
CA THR B 396 -4.51 9.44 -0.51
C THR B 396 -4.44 8.57 -1.74
N SER B 397 -5.60 8.21 -2.30
CA SER B 397 -5.62 7.45 -3.55
C SER B 397 -4.94 8.27 -4.65
N HIS B 398 -4.09 7.66 -5.43
CA HIS B 398 -3.46 8.30 -6.56
C HIS B 398 -3.98 7.80 -7.90
N SER B 399 -5.14 7.12 -7.88
CA SER B 399 -5.75 6.67 -9.13
C SER B 399 -6.72 7.75 -9.58
N GLN B 400 -6.25 8.63 -10.44
CA GLN B 400 -7.03 9.83 -10.81
C GLN B 400 -8.03 9.37 -11.87
N ARG B 401 -9.30 9.41 -11.50
CA ARG B 401 -10.31 8.79 -12.35
C ARG B 401 -11.69 9.39 -11.98
N THR B 402 -12.70 8.99 -12.73
CA THR B 402 -14.04 9.46 -12.48
C THR B 402 -14.51 9.11 -11.06
N PRO B 403 -15.26 10.03 -10.40
CA PRO B 403 -15.86 9.71 -9.09
C PRO B 403 -16.84 8.55 -9.11
N ARG B 404 -17.32 8.17 -10.28
CA ARG B 404 -18.27 7.03 -10.33
C ARG B 404 -17.70 5.77 -9.71
N ASP B 405 -16.38 5.64 -9.66
CA ASP B 405 -15.78 4.43 -9.10
C ASP B 405 -15.62 4.45 -7.59
N MET B 406 -15.89 5.60 -6.96
CA MET B 406 -15.66 5.79 -5.53
C MET B 406 -16.59 6.85 -4.94
N MET B 407 -17.88 6.68 -5.22
CA MET B 407 -18.87 7.71 -4.92
C MET B 407 -19.01 7.99 -3.44
N GLY B 408 -18.86 6.99 -2.61
CA GLY B 408 -18.94 7.22 -1.16
C GLY B 408 -17.95 8.27 -0.70
N GLN B 409 -16.70 8.15 -1.13
CA GLN B 409 -15.63 9.06 -0.74
C GLN B 409 -15.63 10.36 -1.55
N ALA B 410 -15.94 10.24 -2.83
CA ALA B 410 -15.88 11.40 -3.74
C ALA B 410 -17.04 12.36 -3.62
N CYS B 411 -18.22 11.88 -3.24
CA CYS B 411 -19.43 12.73 -3.25
C CYS B 411 -20.28 12.58 -2.01
N LEU B 412 -20.52 11.35 -1.55
CA LEU B 412 -21.58 11.10 -0.58
C LEU B 412 -21.21 11.46 0.86
N ASN B 413 -19.92 11.50 1.18
CA ASN B 413 -19.50 11.99 2.49
C ASN B 413 -19.88 13.46 2.68
N CYS B 414 -19.82 14.25 1.61
CA CYS B 414 -20.27 15.63 1.62
C CYS B 414 -21.80 15.75 1.44
N HIS B 415 -22.33 15.02 0.48
CA HIS B 415 -23.77 15.03 0.16
C HIS B 415 -24.53 13.89 0.89
N ALA B 416 -24.67 14.08 2.20
CA ALA B 416 -25.28 13.06 3.09
C ALA B 416 -26.76 12.85 2.80
N GLU B 417 -27.37 13.79 2.07
CA GLU B 417 -28.78 13.75 1.69
C GLU B 417 -29.08 12.82 0.52
N TRP B 418 -28.04 12.31 -0.16
CA TRP B 418 -28.22 11.53 -1.38
C TRP B 418 -27.74 10.12 -1.24
N THR B 419 -28.42 9.23 -1.94
CA THR B 419 -27.89 7.92 -2.26
C THR B 419 -26.93 8.02 -3.47
N GLU B 420 -26.16 6.96 -3.70
CA GLU B 420 -25.32 6.88 -4.87
C GLU B 420 -26.11 7.10 -6.16
N ASP B 421 -27.24 6.45 -6.30
CA ASP B 421 -28.00 6.58 -7.54
C ASP B 421 -28.49 8.04 -7.75
N GLN B 422 -28.87 8.71 -6.67
CA GLN B 422 -29.31 10.12 -6.75
C GLN B 422 -28.16 11.03 -7.21
N ALA B 423 -26.95 10.82 -6.64
CA ALA B 423 -25.81 11.61 -7.04
C ALA B 423 -25.44 11.38 -8.51
N LEU B 424 -25.45 10.13 -8.96
CA LEU B 424 -25.22 9.80 -10.36
C LEU B 424 -26.25 10.49 -11.28
N TYR B 425 -27.49 10.48 -10.83
CA TYR B 425 -28.59 11.10 -11.59
C TYR B 425 -28.36 12.60 -11.75
N ALA B 426 -27.90 13.28 -10.69
CA ALA B 426 -27.54 14.68 -10.78
C ALA B 426 -26.39 14.98 -11.75
N ILE B 427 -25.39 14.11 -11.79
CA ILE B 427 -24.28 14.25 -12.75
C ILE B 427 -24.85 14.12 -14.16
N ASP B 428 -25.67 13.09 -14.38
CA ASP B 428 -26.16 12.78 -15.73
C ASP B 428 -27.14 13.86 -16.25
N TYR B 429 -27.91 14.47 -15.36
CA TYR B 429 -28.80 15.57 -15.75
C TYR B 429 -27.97 16.67 -16.43
N ILE B 430 -26.89 17.08 -15.78
CA ILE B 430 -26.02 18.11 -16.34
C ILE B 430 -25.34 17.66 -17.63
N LYS B 431 -24.75 16.45 -17.60
CA LYS B 431 -24.04 15.97 -18.79
C LYS B 431 -24.97 15.78 -20.00
N ASN B 432 -26.18 15.27 -19.74
CA ASN B 432 -27.15 15.06 -20.84
C ASN B 432 -27.57 16.40 -21.45
N TYR B 433 -27.85 17.36 -20.59
CA TYR B 433 -28.30 18.69 -21.03
C TYR B 433 -27.17 19.37 -21.84
N THR B 434 -25.97 19.34 -21.28
CA THR B 434 -24.82 19.97 -21.92
C THR B 434 -24.51 19.31 -23.28
N HIS B 435 -24.49 17.97 -23.31
CA HIS B 435 -24.26 17.29 -24.56
C HIS B 435 -25.28 17.64 -25.64
N GLY B 436 -26.56 17.77 -25.24
CA GLY B 436 -27.57 18.20 -26.21
C GLY B 436 -27.23 19.55 -26.85
N LYS B 437 -26.73 20.48 -26.03
CA LYS B 437 -26.36 21.81 -26.55
C LYS B 437 -25.06 21.77 -27.37
N ILE B 438 -24.12 20.87 -27.04
CA ILE B 438 -22.97 20.63 -27.88
C ILE B 438 -23.42 20.14 -29.26
N VAL B 439 -24.31 19.15 -29.30
CA VAL B 439 -24.81 18.64 -30.58
C VAL B 439 -25.51 19.73 -31.37
N LYS B 440 -26.37 20.52 -30.72
CA LYS B 440 -27.07 21.61 -31.43
C LYS B 440 -26.09 22.67 -31.93
N SER B 441 -25.08 22.98 -31.13
CA SER B 441 -24.03 23.92 -31.56
C SER B 441 -23.34 23.40 -32.81
N GLU B 442 -23.04 22.10 -32.86
CA GLU B 442 -22.38 21.51 -34.02
C GLU B 442 -23.29 21.55 -35.26
N TYR B 443 -24.57 21.31 -35.06
CA TYR B 443 -25.55 21.35 -36.15
C TYR B 443 -25.50 22.74 -36.80
N TRP B 444 -25.52 23.77 -35.98
CA TRP B 444 -25.54 25.15 -36.52
C TRP B 444 -24.19 25.57 -37.12
N LEU B 445 -23.09 25.20 -36.48
CA LEU B 445 -21.75 25.36 -37.09
C LEU B 445 -21.69 24.70 -38.46
N ALA B 446 -22.13 23.45 -38.56
CA ALA B 446 -22.09 22.73 -39.82
C ALA B 446 -22.94 23.41 -40.91
N LYS B 447 -24.10 23.91 -40.52
CA LYS B 447 -25.03 24.58 -41.44
C LYS B 447 -24.33 25.84 -42.01
N MET B 448 -23.69 26.61 -41.14
CA MET B 448 -22.88 27.75 -41.58
C MET B 448 -21.74 27.36 -42.50
N ILE B 449 -20.95 26.39 -42.06
CA ILE B 449 -19.79 25.94 -42.84
C ILE B 449 -20.20 25.56 -44.25
N ASP B 450 -21.28 24.79 -44.38
CA ASP B 450 -21.73 24.29 -45.68
C ASP B 450 -22.21 25.43 -46.60
N LEU B 451 -22.56 26.58 -46.03
CA LEU B 451 -22.93 27.76 -46.86
C LEU B 451 -21.72 28.46 -47.48
N PHE B 452 -20.53 28.28 -46.91
CA PHE B 452 -19.36 29.01 -47.45
C PHE B 452 -19.06 28.68 -48.90
N PRO B 453 -19.01 27.39 -49.29
CA PRO B 453 -18.75 27.09 -50.71
C PRO B 453 -19.85 27.61 -51.64
N VAL B 454 -21.09 27.51 -51.21
CA VAL B 454 -22.21 28.00 -51.99
C VAL B 454 -22.08 29.52 -52.18
N ALA B 455 -21.78 30.25 -51.10
CA ALA B 455 -21.64 31.73 -51.13
C ALA B 455 -20.46 32.12 -52.02
N LYS B 456 -19.31 31.47 -51.87
CA LYS B 456 -18.12 31.80 -52.65
C LYS B 456 -18.42 31.60 -54.15
N ARG B 457 -19.02 30.48 -54.50
CA ARG B 457 -19.30 30.15 -55.89
C ARG B 457 -20.42 31.01 -56.50
N ALA B 458 -21.30 31.53 -55.67
CA ALA B 458 -22.36 32.45 -56.13
C ALA B 458 -21.85 33.88 -56.30
N GLY B 459 -20.61 34.16 -55.90
CA GLY B 459 -20.01 35.51 -56.03
C GLY B 459 -20.30 36.46 -54.89
N VAL B 460 -20.66 35.93 -53.71
CA VAL B 460 -20.84 36.75 -52.54
C VAL B 460 -19.53 37.50 -52.25
N SER B 461 -19.65 38.74 -51.78
CA SER B 461 -18.47 39.58 -51.61
C SER B 461 -17.51 39.10 -50.52
N GLU B 462 -16.23 39.43 -50.68
CA GLU B 462 -15.25 39.16 -49.64
C GLU B 462 -15.59 39.85 -48.33
N ASP B 463 -16.19 41.04 -48.40
CA ASP B 463 -16.58 41.73 -47.17
C ASP B 463 -17.62 40.93 -46.38
N VAL B 464 -18.59 40.35 -47.07
CA VAL B 464 -19.60 39.52 -46.39
C VAL B 464 -18.95 38.23 -45.89
N LEU B 465 -18.13 37.62 -46.72
CA LEU B 465 -17.44 36.40 -46.27
C LEU B 465 -16.58 36.66 -45.05
N ASN B 466 -15.88 37.80 -45.00
CA ASN B 466 -15.11 38.13 -43.80
C ASN B 466 -15.96 38.41 -42.57
N GLN B 467 -17.14 39.01 -42.74
CA GLN B 467 -18.05 39.19 -41.63
C GLN B 467 -18.43 37.82 -41.08
N ALA B 468 -18.73 36.89 -41.99
CA ALA B 468 -19.10 35.51 -41.54
C ALA B 468 -17.90 34.82 -40.87
N ARG B 469 -16.69 35.03 -41.37
CA ARG B 469 -15.49 34.45 -40.74
C ARG B 469 -15.30 34.97 -39.32
N GLU B 470 -15.61 36.24 -39.09
CA GLU B 470 -15.48 36.79 -37.75
C GLU B 470 -16.48 36.13 -36.80
N LEU B 471 -17.70 35.88 -37.30
CA LEU B 471 -18.70 35.16 -36.53
C LEU B 471 -18.23 33.72 -36.27
N HIS B 472 -17.62 33.10 -37.28
CA HIS B 472 -17.09 31.71 -37.13
C HIS B 472 -16.11 31.61 -35.96
N TYR B 473 -15.21 32.57 -35.79
CA TYR B 473 -14.29 32.53 -34.66
C TYR B 473 -15.07 32.33 -33.35
N ASP B 474 -16.09 33.14 -33.10
CA ASP B 474 -16.82 33.12 -31.84
C ASP B 474 -17.67 31.85 -31.77
N ALA B 475 -18.34 31.49 -32.87
CA ALA B 475 -19.19 30.29 -32.87
C ALA B 475 -18.33 29.07 -32.54
N HIS B 476 -17.12 29.05 -33.09
CA HIS B 476 -16.16 27.96 -32.84
C HIS B 476 -15.73 27.96 -31.39
N LEU B 477 -15.23 29.08 -30.90
CA LEU B 477 -14.74 29.15 -29.52
C LEU B 477 -15.76 28.65 -28.47
N TYR B 478 -16.99 29.16 -28.59
CA TYR B 478 -18.02 28.95 -27.59
C TYR B 478 -18.66 27.53 -27.66
N TRP B 479 -18.33 26.81 -28.72
CA TRP B 479 -18.59 25.36 -28.87
C TRP B 479 -17.40 24.50 -28.42
N GLU B 480 -16.25 24.74 -29.03
CA GLU B 480 -15.13 23.80 -28.89
C GLU B 480 -14.58 23.72 -27.48
N TRP B 481 -14.71 24.79 -26.71
CA TRP B 481 -14.33 24.76 -25.30
C TRP B 481 -14.89 23.48 -24.64
N TRP B 482 -16.12 23.14 -25.00
CA TRP B 482 -16.90 22.13 -24.28
C TRP B 482 -16.68 20.71 -24.78
N THR B 483 -16.34 20.52 -26.06
CA THR B 483 -15.87 19.22 -26.57
C THR B 483 -14.45 18.96 -26.07
N ALA B 484 -13.65 20.02 -25.91
CA ALA B 484 -12.33 19.86 -25.34
C ALA B 484 -12.36 19.54 -23.86
N GLU B 485 -13.26 20.20 -23.14
CA GLU B 485 -13.35 20.05 -21.68
C GLU B 485 -14.02 18.70 -21.36
N ASN B 486 -13.47 18.01 -20.37
CA ASN B 486 -13.76 16.57 -20.18
C ASN B 486 -14.95 16.25 -19.30
N SER B 487 -15.56 17.23 -18.63
CA SER B 487 -16.65 16.96 -17.69
C SER B 487 -18.04 17.02 -18.31
N VAL B 488 -18.11 17.33 -19.60
CA VAL B 488 -19.42 17.51 -20.33
C VAL B 488 -20.33 18.44 -19.50
N GLY B 489 -19.77 19.56 -19.07
CA GLY B 489 -20.47 20.57 -18.30
C GLY B 489 -20.48 20.45 -16.81
N PHE B 490 -20.20 19.27 -16.24
CA PHE B 490 -20.35 19.11 -14.79
C PHE B 490 -19.52 20.11 -13.97
N HIS B 491 -18.32 20.42 -14.46
CA HIS B 491 -17.44 21.32 -13.72
C HIS B 491 -18.01 22.74 -13.59
N ASN B 492 -18.86 23.17 -14.51
CA ASN B 492 -19.46 24.52 -14.43
C ASN B 492 -20.70 24.58 -15.34
N PRO B 493 -21.82 24.02 -14.86
CA PRO B 493 -22.95 23.83 -15.74
C PRO B 493 -23.54 25.14 -16.29
N ASP B 494 -23.58 26.19 -15.47
CA ASP B 494 -24.18 27.44 -15.92
C ASP B 494 -23.33 28.13 -16.99
N GLN B 495 -22.01 27.98 -16.88
CA GLN B 495 -21.10 28.56 -17.85
C GLN B 495 -21.18 27.83 -19.18
N ALA B 496 -21.22 26.49 -19.13
CA ALA B 496 -21.38 25.71 -20.35
C ALA B 496 -22.64 26.13 -21.12
N ARG B 497 -23.75 26.22 -20.38
CA ARG B 497 -25.04 26.58 -20.94
C ARG B 497 -24.96 27.94 -21.63
N GLU B 498 -24.42 28.92 -20.94
CA GLU B 498 -24.32 30.28 -21.50
C GLU B 498 -23.42 30.30 -22.75
N SER B 499 -22.28 29.61 -22.69
CA SER B 499 -21.36 29.55 -23.81
C SER B 499 -21.98 28.90 -25.03
N LEU B 500 -22.58 27.72 -24.82
CA LEU B 500 -23.12 26.97 -25.95
C LEU B 500 -24.30 27.70 -26.59
N MET B 501 -25.11 28.37 -25.76
CA MET B 501 -26.18 29.20 -26.34
C MET B 501 -25.60 30.36 -27.17
N THR B 502 -24.47 30.90 -26.72
CA THR B 502 -23.75 31.94 -27.49
C THR B 502 -23.25 31.39 -28.82
N SER B 503 -22.65 30.20 -28.81
CA SER B 503 -22.20 29.55 -30.05
C SER B 503 -23.32 29.46 -31.09
N ILE B 504 -24.45 28.90 -30.68
CA ILE B 504 -25.62 28.75 -31.53
C ILE B 504 -26.07 30.12 -32.07
N SER B 505 -26.13 31.10 -31.20
CA SER B 505 -26.55 32.46 -31.61
C SER B 505 -25.64 32.99 -32.72
N LYS B 506 -24.34 32.81 -32.57
CA LYS B 506 -23.38 33.31 -33.55
C LYS B 506 -23.52 32.58 -34.87
N SER B 507 -23.62 31.26 -34.84
CA SER B 507 -23.82 30.50 -36.07
C SER B 507 -25.12 30.90 -36.79
N LYS B 508 -26.20 31.05 -36.04
CA LYS B 508 -27.49 31.46 -36.62
C LYS B 508 -27.34 32.80 -37.32
N GLU B 509 -26.62 33.71 -36.71
CA GLU B 509 -26.36 35.04 -37.32
C GLU B 509 -25.61 34.88 -38.65
N ALA B 510 -24.58 34.05 -38.68
CA ALA B 510 -23.80 33.81 -39.88
C ALA B 510 -24.63 33.13 -40.96
N VAL B 511 -25.47 32.17 -40.59
CA VAL B 511 -26.32 31.47 -41.55
C VAL B 511 -27.26 32.46 -42.24
N SER B 512 -27.88 33.33 -41.46
CA SER B 512 -28.82 34.33 -42.03
C SER B 512 -28.06 35.25 -42.97
N LEU B 513 -26.90 35.73 -42.53
CA LEU B 513 -26.03 36.60 -43.34
C LEU B 513 -25.71 35.97 -44.69
N LEU B 514 -25.25 34.71 -44.68
CA LEU B 514 -24.82 34.06 -45.90
C LEU B 514 -26.01 33.67 -46.80
N ASN B 515 -27.08 33.15 -46.24
CA ASN B 515 -28.28 32.83 -47.02
C ASN B 515 -28.83 34.07 -47.74
N ASP B 516 -28.92 35.18 -47.03
CA ASP B 516 -29.46 36.41 -47.62
C ASP B 516 -28.53 36.87 -48.74
N ALA B 517 -27.22 36.85 -48.49
CA ALA B 517 -26.26 37.25 -49.52
C ALA B 517 -26.31 36.33 -50.76
N ILE B 518 -26.44 35.02 -50.56
CA ILE B 518 -26.57 34.09 -51.69
C ILE B 518 -27.85 34.39 -52.46
N ASP B 519 -28.95 34.57 -51.74
CA ASP B 519 -30.26 34.79 -52.37
C ASP B 519 -30.23 36.10 -53.19
N ALA B 520 -29.50 37.11 -52.71
CA ALA B 520 -29.34 38.40 -53.43
C ALA B 520 -28.53 38.27 -54.73
N GLN B 521 -27.62 37.30 -54.81
CA GLN B 521 -26.86 37.04 -56.05
C GLN B 521 -27.70 36.33 -57.11
N VAL B 522 -28.72 35.59 -56.68
CA VAL B 522 -29.70 34.94 -57.58
C VAL B 522 -30.84 35.90 -57.85
FE HEC C . -1.62 -17.72 23.64
CHA HEC C . -4.10 -17.77 21.31
CHB HEC C . -3.79 -16.46 25.95
CHC HEC C . 0.78 -18.01 26.06
CHD HEC C . 0.67 -18.57 21.26
NA HEC C . -3.55 -17.21 23.65
C1A HEC C . -4.41 -17.25 22.54
C2A HEC C . -5.68 -16.70 22.94
C3A HEC C . -5.61 -16.29 24.23
C4A HEC C . -4.28 -16.63 24.69
CMA HEC C . -6.73 -15.64 25.09
CAA HEC C . -6.88 -16.54 22.01
CBA HEC C . -7.70 -17.81 21.92
CGA HEC C . -8.20 -18.32 23.25
O1A HEC C . -9.16 -17.75 23.83
O2A HEC C . -7.65 -19.39 23.71
NB HEC C . -1.53 -17.32 25.62
C1B HEC C . -2.58 -16.90 26.41
C2B HEC C . -2.19 -17.05 27.83
C3B HEC C . -0.89 -17.46 27.85
C4B HEC C . -0.47 -17.63 26.47
CMB HEC C . -3.10 -16.63 29.03
CAB HEC C . 0.05 -17.78 29.06
CBB HEC C . -0.68 -18.70 30.09
NC HEC C . 0.34 -18.17 23.64
C1C HEC C . 1.18 -18.23 24.75
C2C HEC C . 2.49 -18.62 24.31
C3C HEC C . 2.50 -18.73 22.98
C4C HEC C . 1.12 -18.47 22.57
CMC HEC C . 3.70 -18.61 25.31
CAC HEC C . 3.71 -18.90 22.06
CBC HEC C . 4.51 -20.22 22.24
ND HEC C . -1.72 -18.12 21.69
C1D HEC C . -0.64 -18.45 20.87
C2D HEC C . -1.07 -18.70 19.50
C3D HEC C . -2.52 -18.52 19.54
C4D HEC C . -2.87 -18.12 20.87
CMD HEC C . -0.25 -19.13 18.30
CAD HEC C . -3.45 -18.68 18.31
CBD HEC C . -3.85 -20.13 17.97
CGD HEC C . -4.86 -20.74 18.92
O1D HEC C . -5.59 -19.98 19.61
O2D HEC C . -4.89 -22.00 19.00
HHA HEC C . -4.84 -17.88 20.69
HHB HEC C . -4.36 -15.99 26.58
HHC HEC C . 1.45 -18.15 26.76
HHD HEC C . 1.32 -18.73 20.56
HAA1 HEC C . -6.56 -16.32 21.12
HAA2 HEC C . -7.45 -15.82 22.32
HBA1 HEC C . -7.16 -18.50 21.50
HBA2 HEC C . -8.48 -17.63 21.35
HAB HEC C . 0.83 -18.23 28.75
HAC HEC C . 3.43 -18.83 21.15
HAD1 HEC C . -2.98 -18.32 17.53
HAD2 HEC C . -4.25 -18.15 18.45
HBD1 HEC C . -3.05 -20.68 17.99
HBD2 HEC C . -4.22 -20.14 17.07
FE HEC D . 7.12 -8.71 6.88
CHA HEC D . 8.26 -9.39 3.76
CHB HEC D . 7.45 -5.37 6.27
CHC HEC D . 5.85 -7.99 9.92
CHD HEC D . 7.05 -12.03 7.64
NA HEC D . 7.76 -7.61 5.32
C1A HEC D . 8.30 -8.08 4.14
C2A HEC D . 8.82 -6.97 3.41
C3A HEC D . 8.61 -5.82 4.10
C4A HEC D . 7.91 -6.23 5.30
CMA HEC D . 8.98 -4.36 3.73
CAA HEC D . 9.54 -7.06 2.07
CBA HEC D . 8.70 -6.68 0.86
CGA HEC D . 7.58 -7.66 0.57
O1A HEC D . 6.45 -7.24 0.84
O2A HEC D . 7.88 -8.81 0.14
NB HEC D . 6.69 -7.00 7.91
C1B HEC D . 6.80 -5.73 7.43
C2B HEC D . 6.08 -4.84 8.33
C3B HEC D . 5.65 -5.55 9.36
C4B HEC D . 6.01 -6.92 9.10
CMB HEC D . 6.09 -3.29 8.09
CAB HEC D . 4.85 -5.01 10.56
CBB HEC D . 3.49 -4.40 10.05
NC HEC D . 6.54 -9.81 8.49
C1C HEC D . 6.19 -9.28 9.69
C2C HEC D . 6.04 -10.36 10.63
C3C HEC D . 6.46 -11.50 10.02
C4C HEC D . 6.75 -11.16 8.66
CMC HEC D . 5.78 -10.14 12.14
CAC HEC D . 6.70 -12.86 10.70
CBC HEC D . 5.50 -13.52 11.34
ND HEC D . 7.52 -10.40 5.86
C1D HEC D . 7.34 -11.71 6.35
C2D HEC D . 7.55 -12.64 5.27
C3D HEC D . 7.92 -11.85 4.11
C4D HEC D . 7.86 -10.47 4.53
CMD HEC D . 7.44 -14.18 5.36
CAD HEC D . 8.21 -12.41 2.74
CBD HEC D . 9.64 -12.95 2.70
CGD HEC D . 9.86 -13.59 1.32
O1D HEC D . 9.09 -14.46 0.83
O2D HEC D . 10.85 -13.22 0.73
HHA HEC D . 8.53 -9.59 2.84
HHB HEC D . 7.59 -4.42 6.12
HHC HEC D . 5.42 -7.79 10.77
HHD HEC D . 7.08 -12.98 7.87
HAA1 HEC D . 9.86 -7.97 1.96
HAA2 HEC D . 10.31 -6.48 2.11
HBA1 HEC D . 9.28 -6.64 0.08
HBA2 HEC D . 8.32 -5.79 1.00
HAB HEC D . 4.67 -5.72 11.18
HAC HEC D . 7.10 -13.47 10.07
HAD1 HEC D . 8.11 -11.72 2.07
HAD2 HEC D . 7.58 -13.13 2.55
HBD1 HEC D . 9.76 -13.63 3.39
HBD2 HEC D . 10.28 -12.23 2.83
FE HEC E . -0.49 -16.35 14.19
CHA HEC E . -3.81 -16.23 14.98
CHB HEC E . -1.22 -17.66 11.15
CHC HEC E . 2.73 -15.87 13.22
CHD HEC E . 0.36 -15.54 17.39
NA HEC E . -2.16 -16.87 13.25
C1A HEC E . -3.46 -16.69 13.72
C2A HEC E . -4.39 -17.09 12.65
C3A HEC E . -3.67 -17.49 11.61
C4A HEC E . -2.26 -17.37 11.96
CMA HEC E . -4.14 -18.03 10.25
CAA HEC E . -5.94 -17.03 12.74
CBA HEC E . -6.45 -15.71 12.14
CGA HEC E . -7.96 -15.65 12.02
O1A HEC E . -8.42 -14.98 11.03
O2A HEC E . -8.65 -16.27 12.87
NB HEC E . 0.58 -16.67 12.53
C1B HEC E . 0.11 -17.28 11.39
C2B HEC E . 1.15 -17.34 10.39
C3B HEC E . 2.26 -16.88 10.95
C4B HEC E . 1.89 -16.43 12.27
CMB HEC E . 0.98 -18.07 9.03
CAB HEC E . 3.69 -16.78 10.30
CBB HEC E . 3.61 -15.80 9.10
NC HEC E . 1.24 -15.81 15.13
C1C HEC E . 2.45 -15.62 14.54
C2C HEC E . 3.37 -15.09 15.55
C3C HEC E . 2.73 -15.01 16.73
C4C HEC E . 1.35 -15.45 16.47
CMC HEC E . 4.86 -14.78 15.25
CAC HEC E . 3.33 -14.66 18.12
CBC HEC E . 3.87 -13.22 18.23
ND HEC E . -1.53 -16.02 15.86
C1D HEC E . -0.98 -15.68 17.11
C2D HEC E . -2.03 -15.40 18.06
C3D HEC E . -3.31 -15.58 17.33
C4D HEC E . -2.93 -15.95 15.99
CMD HEC E . -1.82 -15.03 19.54
CAD HEC E . -4.70 -15.39 17.93
CBD HEC E . -4.99 -13.89 18.09
CGD HEC E . -6.28 -13.58 18.79
O1D HEC E . -7.15 -14.46 18.92
O2D HEC E . -6.46 -12.38 19.22
HHA HEC E . -4.75 -16.09 15.15
HHB HEC E . -1.40 -18.18 10.36
HHC HEC E . 3.64 -15.63 12.92
HHD HEC E . 0.62 -15.50 18.34
HAA1 HEC E . -6.22 -17.10 13.66
HAA2 HEC E . -6.32 -17.78 12.24
HBA1 HEC E . -6.06 -15.59 11.26
HBA2 HEC E . -6.15 -14.98 12.71
HAB HEC E . 4.32 -16.44 10.94
HAC HEC E . 2.65 -14.80 18.79
HAD1 HEC E . -4.74 -15.82 18.80
HAD2 HEC E . -5.37 -15.78 17.35
HBD1 HEC E . -4.99 -13.48 17.21
HBD2 HEC E . -4.26 -13.49 18.60
FE HEC F . -2.21 -23.49 7.83
CHA HEC F . -5.44 -23.51 8.90
CHB HEC F . -1.26 -21.89 10.68
CHC HEC F . 1.02 -23.85 6.97
CHD HEC F . -3.19 -24.51 4.73
NA HEC F . -3.19 -22.84 9.49
C1A HEC F . -4.55 -22.84 9.69
C2A HEC F . -4.86 -22.05 10.87
C3A HEC F . -3.67 -21.62 11.39
C4A HEC F . -2.62 -22.10 10.52
CMA HEC F . -3.42 -20.79 12.66
CAA HEC F . -6.30 -21.77 11.34
CBA HEC F . -6.95 -20.76 10.34
CGA HEC F . -8.42 -20.50 10.61
O1A HEC F . -8.91 -19.36 10.56
O2A HEC F . -9.12 -21.53 10.86
NB HEC F . -0.45 -23.01 8.67
C1B HEC F . -0.27 -22.36 9.87
C2B HEC F . 1.15 -22.46 10.17
C3B HEC F . 1.81 -22.93 9.14
C4B HEC F . 0.80 -23.35 8.20
CMB HEC F . 1.73 -21.66 11.39
CAB HEC F . 3.33 -23.11 8.94
CBB HEC F . 3.93 -23.98 10.09
NC HEC F . -1.28 -24.03 6.17
C1C HEC F . 0.08 -24.07 5.97
C2C HEC F . 0.37 -24.51 4.62
C3C HEC F . -0.80 -24.60 3.97
C4C HEC F . -1.84 -24.38 4.93
CMC HEC F . 1.78 -24.49 3.97
CAC HEC F . -1.01 -24.79 2.45
CBC HEC F . -0.41 -26.04 1.80
ND HEC F . -4.00 -24.00 6.98
C1D HEC F . -4.15 -24.45 5.68
C2D HEC F . -5.56 -24.76 5.48
C3D HEC F . -6.21 -24.48 6.74
C4D HEC F . -5.20 -23.99 7.65
CMD HEC F . -6.29 -25.26 4.23
CAD HEC F . -7.70 -24.64 6.99
CBD HEC F . -8.35 -23.29 6.71
CGD HEC F . -9.85 -23.32 6.52
O1D HEC F . -10.49 -24.40 6.62
O2D HEC F . -10.44 -22.22 6.28
HHA HEC F . -6.34 -23.66 9.27
HHB HEC F . -0.99 -21.35 11.45
HHC HEC F . 1.94 -24.09 6.75
HHD HEC F . -3.49 -24.68 3.81
HAA1 HEC F . -6.29 -21.40 12.22
HAA2 HEC F . -6.80 -22.61 11.34
HAB HEC F . 3.50 -23.53 8.10
HAC HEC F . -1.95 -24.76 2.24
HAD1 HEC F . -7.85 -24.88 7.90
HAD2 HEC F . -8.06 -25.31 6.40
HBD1 HEC F . -7.96 -22.93 5.90
HBD2 HEC F . -8.15 -22.70 7.44
FE HEC G . -1.08 -28.68 -2.40
CHA HEC G . -0.50 -32.05 -2.44
CHB HEC G . -4.29 -29.29 -1.39
CHC HEC G . -1.50 -25.33 -1.84
CHD HEC G . 1.85 -28.03 -3.99
NA HEC G . -2.18 -30.36 -2.02
C1A HEC G . -1.72 -31.66 -1.97
C2A HEC G . -2.74 -32.49 -1.40
C3A HEC G . -3.81 -31.73 -1.14
C4A HEC G . -3.48 -30.37 -1.52
CMA HEC G . -5.14 -32.16 -0.50
CAA HEC G . -2.57 -34.00 -1.12
CBA HEC G . -1.87 -34.19 0.25
CGA HEC G . -1.61 -35.63 0.62
O1A HEC G . -1.11 -35.84 1.76
O2A HEC G . -1.88 -36.56 -0.22
NB HEC G . -2.56 -27.53 -1.71
C1B HEC G . -3.84 -27.98 -1.41
C2B HEC G . -4.59 -26.84 -0.95
C3B HEC G . -3.86 -25.74 -1.14
C4B HEC G . -2.55 -26.15 -1.54
CMB HEC G . -6.11 -26.91 -0.65
CAB HEC G . -4.21 -24.29 -0.80
CBB HEC G . -4.58 -24.21 0.71
NC HEC G . -0.01 -27.01 -2.84
C1C HEC G . -0.36 -25.72 -2.49
C2C HEC G . 0.77 -24.86 -2.81
C3C HEC G . 1.63 -25.54 -3.54
C4C HEC G . 1.20 -26.92 -3.51
CMC HEC G . 0.68 -23.32 -2.70
CAC HEC G . 2.83 -24.96 -4.36
CBC HEC G . 3.71 -23.93 -3.63
ND HEC G . 0.38 -29.84 -3.10
C1D HEC G . 1.52 -29.33 -3.73
C2D HEC G . 2.34 -30.45 -4.12
C3D HEC G . 1.63 -31.68 -3.67
C4D HEC G . 0.42 -31.25 -3.04
CMD HEC G . 3.70 -30.34 -4.87
CAD HEC G . 2.13 -33.12 -3.91
CBD HEC G . 1.83 -33.52 -5.37
CGD HEC G . 2.16 -34.99 -5.63
O1D HEC G . 1.32 -35.72 -6.24
O2D HEC G . 3.26 -35.44 -5.22
HHA HEC G . -0.27 -33.00 -2.32
HHB HEC G . -5.25 -29.44 -1.29
HHC HEC G . -1.57 -24.40 -1.56
HHD HEC G . 2.62 -27.86 -4.56
HAA1 HEC G . -2.04 -34.41 -1.81
HAA2 HEC G . -3.44 -34.43 -1.09
HBA1 HEC G . -2.41 -33.78 0.94
HBA2 HEC G . -1.01 -33.72 0.22
HAB HEC G . -3.48 -23.72 -0.97
HAC HEC G . 3.38 -25.69 -4.66
HAD1 HEC G . 1.67 -33.74 -3.33
HAD2 HEC G . 3.09 -33.17 -3.76
HBD1 HEC G . 2.36 -32.96 -5.96
HBD2 HEC G . 0.90 -33.36 -5.55
FE HEC H . 18.28 0.18 16.64
CHA HEC H . 17.97 -1.98 19.28
CHB HEC H . 21.38 1.06 17.70
CHC HEC H . 18.66 2.15 13.87
CHD HEC H . 15.04 -0.36 15.80
NA HEC H . 19.46 -0.38 18.20
C1A HEC H . 19.17 -1.29 19.15
C2A HEC H . 20.30 -1.42 20.05
C3A HEC H . 21.23 -0.57 19.59
C4A HEC H . 20.74 0.15 18.46
CMA HEC H . 22.64 -0.35 20.21
CAA HEC H . 20.39 -2.38 21.23
CBA HEC H . 21.16 -3.66 20.85
CGA HEC H . 21.33 -4.46 22.13
O1A HEC H . 20.36 -5.08 22.65
O2A HEC H . 22.50 -4.42 22.63
NB HEC H . 19.72 1.35 15.91
C1B HEC H . 20.96 1.63 16.54
C2B HEC H . 21.70 2.51 15.66
C3B HEC H . 20.94 2.87 14.60
C4B HEC H . 19.70 2.10 14.77
CMB HEC H . 23.09 3.10 16.08
CAB HEC H . 21.30 3.88 13.46
CBB HEC H . 22.53 3.33 12.66
NC HEC H . 17.08 0.75 15.13
C1C HEC H . 17.43 1.56 14.08
C2C HEC H . 16.31 1.65 13.12
C3C HEC H . 15.26 1.02 13.70
C4C HEC H . 15.75 0.41 14.94
CMC HEC H . 16.29 2.51 11.85
CAC HEC H . 13.77 0.97 13.25
CBC HEC H . 13.51 0.88 11.72
ND HEC H . 16.83 -0.98 17.38
C1D HEC H . 15.51 -1.03 16.87
C2D HEC H . 14.73 -1.94 17.66
C3D HEC H . 15.59 -2.47 18.74
C4D HEC H . 16.88 -1.80 18.47
CMD HEC H . 13.23 -2.32 17.47
CAD HEC H . 15.22 -3.50 19.78
CBD HEC H . 16.03 -4.81 19.63
CGD HEC H . 15.80 -5.62 18.40
O1D HEC H . 14.68 -5.46 17.77
O2D HEC H . 16.67 -6.44 18.00
HHA HEC H . 17.91 -2.65 19.99
HHB HEC H . 22.24 1.36 18.03
HHC HEC H . 18.79 2.64 13.03
HHD HEC H . 14.08 -0.45 15.62
HAA1 HEC H . 19.50 -2.64 21.53
HAA2 HEC H . 20.85 -1.95 21.97
HBA1 HEC H . 22.03 -3.42 20.47
HBA2 HEC H . 20.65 -4.17 20.20
HAB HEC H . 20.56 3.96 12.86
HAC HEC H . 13.32 0.24 13.67
HAD1 HEC H . 14.27 -3.71 19.71
HAD2 HEC H . 15.39 -3.13 20.66
HBD1 HEC H . 15.83 -5.36 20.40
HBD2 HEC H . 16.97 -4.58 19.67
FE HEC I . 12.31 -1.22 5.83
CHA HEC I . 13.57 -2.93 3.15
CHB HEC I . 11.25 -4.13 7.18
CHC HEC I . 11.32 0.44 8.60
CHD HEC I . 12.90 1.75 4.23
NA HEC I . 12.39 -3.15 5.27
C1A HEC I . 12.92 -3.67 4.11
C2A HEC I . 12.76 -5.10 4.08
C3A HEC I . 12.09 -5.43 5.18
C4A HEC I . 11.86 -4.21 5.96
CMA HEC I . 11.67 -6.84 5.68
CAA HEC I . 13.26 -6.02 2.96
CBA HEC I . 14.66 -6.53 3.31
CGA HEC I . 15.25 -7.60 2.41
O1A HEC I . 16.47 -7.91 2.64
O2A HEC I . 14.57 -8.11 1.47
NB HEC I . 11.47 -1.74 7.59
C1B HEC I . 11.12 -3.02 7.98
C2B HEC I . 10.76 -2.97 9.37
C3B HEC I . 10.72 -1.69 9.78
C4B HEC I . 11.22 -0.91 8.66
CMB HEC I . 10.24 -4.22 10.15
CAB HEC I . 10.27 -1.20 11.16
CBB HEC I . 11.21 -1.78 12.28
NC HEC I . 12.14 0.72 6.31
C1C HEC I . 11.72 1.21 7.52
C2C HEC I . 11.76 2.65 7.50
C3C HEC I . 12.11 3.01 6.28
C4C HEC I . 12.39 1.82 5.51
CMC HEC I . 11.32 3.60 8.63
CAC HEC I . 12.03 4.41 5.64
CBC HEC I . 12.77 5.60 6.25
ND HEC I . 13.14 -0.71 4.05
C1D HEC I . 13.32 0.61 3.60
C2D HEC I . 13.98 0.59 2.33
C3D HEC I . 14.19 -0.82 1.98
C4D HEC I . 13.62 -1.57 3.08
CMD HEC I . 14.42 1.81 1.49
CAD HEC I . 14.88 -1.36 0.73
CBD HEC I . 13.88 -1.46 -0.40
CGD HEC I . 14.48 -2.15 -1.60
O1D HEC I . 15.47 -1.62 -2.14
O2D HEC I . 13.97 -3.23 -2.01
HHA HEC I . 14.05 -3.43 2.45
HHB HEC I . 10.86 -4.95 7.51
HHC HEC I . 11.10 0.92 9.43
HHD HEC I . 12.96 2.58 3.72
HAA1 HEC I . 13.29 -5.53 2.11
HAA2 HEC I . 12.66 -6.77 2.86
HBA1 HEC I . 14.62 -6.89 4.22
HBA2 HEC I . 15.27 -5.78 3.32
HAB HEC I . 10.31 -0.25 11.20
HAC HEC I . 12.21 4.37 4.70
HAD1 HEC I . 15.24 -2.25 0.92
HAD2 HEC I . 15.61 -0.77 0.47
HBD1 HEC I . 13.62 -0.56 -0.65
HBD2 HEC I . 13.10 -1.95 -0.10
FE HEC J . 24.45 3.74 22.51
CHA HEC J . 23.22 1.35 24.61
CHB HEC J . 21.59 3.61 20.63
CHC HEC J . 25.61 6.25 20.50
CHD HEC J . 27.49 3.68 24.14
NA HEC J . 22.73 2.68 22.64
C1A HEC J . 22.40 1.72 23.55
C2A HEC J . 21.07 1.21 23.23
C3A HEC J . 20.67 1.83 22.13
C4A HEC J . 21.66 2.78 21.71
CMA HEC J . 19.31 1.66 21.41
CAA HEC J . 20.36 0.13 24.06
CBA HEC J . 19.67 0.73 25.27
CGA HEC J . 18.90 -0.32 26.08
O1A HEC J . 17.65 -0.09 26.14
O2A HEC J . 19.49 -1.27 26.64
NB HEC J . 23.72 4.75 20.91
C1B HEC J . 22.52 4.53 20.24
C2B HEC J . 22.41 5.51 19.20
C3B HEC J . 23.52 6.26 19.11
C4B HEC J . 24.36 5.76 20.22
CMB HEC J . 21.21 5.52 18.18
CAB HEC J . 23.86 7.37 18.06
CBB HEC J . 22.73 8.45 18.06
NC HEC J . 26.19 4.75 22.35
C1C HEC J . 26.47 5.76 21.46
C2C HEC J . 27.82 6.26 21.68
C3C HEC J . 28.37 5.53 22.66
C4C HEC J . 27.37 4.57 23.12
CMC HEC J . 28.45 7.37 20.80
CAC HEC J . 29.86 5.59 23.13
CBC HEC J . 30.38 6.97 23.61
ND HEC J . 25.21 2.69 24.09
C1D HEC J . 26.53 2.84 24.61
C2D HEC J . 26.67 1.95 25.71
C3D HEC J . 25.36 1.23 25.87
C4D HEC J . 24.51 1.76 24.83
CMD HEC J . 27.94 1.76 26.60
CAD HEC J . 25.07 0.18 26.92
CBD HEC J . 25.70 -1.15 26.56
CGD HEC J . 25.59 -2.06 27.76
O1D HEC J . 26.63 -2.58 28.26
O2D HEC J . 24.45 -2.24 28.26
HHA HEC J . 22.83 0.73 25.25
HHB HEC J . 20.79 3.53 20.07
HHC HEC J . 25.92 7.02 19.98
HHD HEC J . 28.37 3.64 24.57
HAA1 HEC J . 21.01 -0.53 24.35
HAA2 HEC J . 19.70 -0.31 23.50
HBA1 HEC J . 19.07 1.42 24.98
HBA2 HEC J . 20.35 1.12 25.85
HAB HEC J . 24.70 7.79 18.29
HAC HEC J . 30.02 4.94 23.81
HAD1 HEC J . 24.11 0.06 27.02
HAD2 HEC J . 25.43 0.48 27.78
HBD1 HEC J . 26.64 -1.01 26.34
HBD2 HEC J . 25.24 -1.53 25.80
C CYN K . -1.87 -19.57 24.02
N CYN K . -1.84 -20.70 24.27
CA CA L . 1.82 -27.26 26.57
CA CA M . -10.19 -18.17 13.44
O1 PG6 N . 21.42 7.69 7.94
C2 PG6 N . 21.91 6.45 7.38
C3 PG6 N . 23.19 5.99 8.05
O2 PG6 N . 24.21 7.00 7.93
C4 PG6 N . 25.49 6.53 7.49
C5 PG6 N . 26.40 7.73 7.24
O3 PG6 N . 26.31 8.21 5.89
O1 PG4 O . -14.11 -7.07 27.79
C1 PG4 O . -15.50 -7.01 27.31
C2 PG4 O . -16.17 -5.65 27.35
O2 PG4 O . -16.54 -5.23 28.68
C3 PG4 O . -17.00 -3.89 28.77
C4 PG4 O . -17.43 -3.64 30.21
C1 PG4 P . -18.55 -12.38 42.97
C2 PG4 P . -17.18 -11.73 42.77
O2 PG4 P . -16.20 -12.71 42.38
C3 PG4 P . -15.07 -12.82 43.26
C4 PG4 P . -14.72 -14.31 43.43
O2 PG4 Q . 0.38 -39.13 38.73
C3 PG4 Q . 1.42 -38.18 38.85
C4 PG4 Q . 2.00 -38.24 40.24
O3 PG4 Q . 3.32 -38.75 40.13
C5 PG4 Q . 3.72 -39.26 41.40
C6 PG4 Q . 3.53 -38.17 42.45
O4 PG4 Q . 2.18 -37.99 42.88
C7 PG4 Q . 1.80 -36.62 43.07
O1 PG6 R . -14.29 -27.75 8.92
C2 PG6 R . -14.93 -28.98 9.25
C3 PG6 R . -14.49 -29.48 10.63
O2 PG6 R . -14.90 -28.51 11.59
C4 PG6 R . -14.33 -28.67 12.90
C5 PG6 R . -15.31 -28.06 13.89
O3 PG6 R . -16.19 -27.20 13.16
C6 PG6 R . -17.53 -27.16 13.67
C7 PG6 R . -18.40 -28.27 13.08
O4 PG6 R . -19.35 -27.71 12.18
C8 PG6 R . -20.02 -26.56 12.72
O1 PG4 S . 5.83 -20.89 -3.74
C1 PG4 S . 7.09 -21.53 -3.87
C2 PG4 S . 7.10 -22.85 -3.11
O2 PG4 S . 7.73 -23.85 -3.91
C3 PG4 S . 7.59 -25.17 -3.40
C4 PG4 S . 6.96 -26.06 -4.47
O1 PG4 T . 25.61 -10.84 4.93
C1 PG4 T . 24.21 -11.04 5.09
C2 PG4 T . 23.94 -11.53 6.50
O2 PG4 T . 23.05 -12.64 6.40
C3 PG4 T . 22.76 -13.22 7.67
C4 PG4 T . 23.10 -14.71 7.68
O3 PG4 T . 23.46 -15.13 9.01
C5 PG4 T . 24.87 -15.13 9.29
C TRS U . -23.72 -36.06 26.91
C1 TRS U . -24.97 -36.94 26.92
C2 TRS U . -22.46 -36.90 26.87
C3 TRS U . -23.71 -35.12 28.10
N TRS U . -23.76 -35.25 25.69
O1 TRS U . -24.62 -38.28 27.20
O2 TRS U . -21.98 -37.14 28.18
O3 TRS U . -24.45 -35.67 29.18
NA NA V . -13.20 -19.44 11.21
NA NA W . -23.65 -39.42 31.46
NA NA X . -3.05 -12.76 3.23
FE HEC Y . -1.78 16.26 -24.67
CHA HEC Y . -4.25 14.08 -23.87
CHB HEC Y . -1.02 14.39 -27.41
CHC HEC Y . 0.46 18.61 -25.65
CHD HEC Y . -2.24 17.93 -21.71
NA HEC Y . -2.46 14.57 -25.47
C1A HEC Y . -3.50 13.79 -24.96
C2A HEC Y . -3.63 12.60 -25.79
C3A HEC Y . -2.71 12.65 -26.76
C4A HEC Y . -2.01 13.91 -26.59
CMA HEC Y . -2.47 11.62 -27.89
CAA HEC Y . -4.64 11.47 -25.55
CBA HEC Y . -6.02 11.82 -26.13
CGA HEC Y . -6.02 12.11 -27.60
O1A HEC Y . -5.85 11.21 -28.46
O2A HEC Y . -6.19 13.32 -27.96
NB HEC Y . -0.51 16.48 -26.24
C1B HEC Y . -0.42 15.64 -27.33
C2B HEC Y . 0.36 16.31 -28.39
C3B HEC Y . 0.80 17.50 -27.88
C4B HEC Y . 0.24 17.61 -26.55
CMB HEC Y . 0.72 15.69 -29.79
CAB HEC Y . 1.66 18.61 -28.53
CBB HEC Y . 1.14 19.02 -29.92
NC HEC Y . -1.01 17.95 -23.81
C1C HEC Y . -0.04 18.76 -24.39
C2C HEC Y . 0.20 19.84 -23.47
C3C HEC Y . -0.51 19.66 -22.35
C4C HEC Y . -1.33 18.45 -22.60
CMC HEC Y . 1.34 20.86 -23.65
CAC HEC Y . -0.39 20.40 -21.02
CBC HEC Y . -0.78 21.91 -20.98
ND HEC Y . -3.03 16.06 -23.12
C1D HEC Y . -3.05 16.84 -21.96
C2D HEC Y . -4.14 16.44 -21.07
C3D HEC Y . -4.75 15.30 -21.74
C4D HEC Y . -4.05 15.10 -22.99
CMD HEC Y . -4.53 17.02 -19.71
CAD HEC Y . -5.93 14.53 -21.18
CBD HEC Y . -7.28 15.23 -21.39
CGD HEC Y . -7.84 15.13 -22.80
O1D HEC Y . -7.45 14.23 -23.59
O2D HEC Y . -8.70 15.98 -23.14
HHA HEC Y . -5.01 13.50 -23.70
HHB HEC Y . -0.71 13.80 -28.13
HHC HEC Y . 1.05 19.33 -25.94
HHD HEC Y . -2.33 18.36 -20.85
HAA1 HEC Y . -4.72 11.31 -24.60
HAA2 HEC Y . -4.32 10.65 -25.97
HBA1 HEC Y . -6.36 12.59 -25.65
HBA2 HEC Y . -6.61 11.06 -25.96
HAB HEC Y . 1.67 19.38 -27.96
HAC HEC Y . -0.89 19.93 -20.35
HAD1 HEC Y . -5.80 14.44 -20.22
HAD2 HEC Y . -5.96 13.65 -21.57
HBD1 HEC Y . -7.18 16.16 -21.16
HBD2 HEC Y . -7.92 14.84 -20.78
FE HEC Z . 1.19 12.29 -4.31
CHA HEC Z . -0.15 12.92 -1.24
CHB HEC Z . 3.38 10.10 -2.91
CHC HEC Z . 2.46 11.52 -7.35
CHD HEC Z . -0.74 14.69 -5.69
NA HEC Z . 1.58 11.65 -2.39
C1A HEC Z . 0.96 12.10 -1.27
C2A HEC Z . 1.64 11.52 -0.14
C3A HEC Z . 2.61 10.74 -0.60
C4A HEC Z . 2.58 10.80 -2.05
CMA HEC Z . 3.64 9.89 0.20
CAA HEC Z . 1.34 11.81 1.33
CBA HEC Z . 0.56 10.71 2.08
CGA HEC Z . -0.84 10.55 1.51
O1A HEC Z . -1.03 9.53 0.82
O2A HEC Z . -1.68 11.44 1.78
NB HEC Z . 2.63 11.01 -5.01
C1B HEC Z . 3.33 10.11 -4.27
C2B HEC Z . 3.93 9.17 -5.20
C3B HEC Z . 3.71 9.57 -6.46
C4B HEC Z . 2.85 10.74 -6.34
CMB HEC Z . 4.86 8.04 -4.68
CAB HEC Z . 4.18 8.94 -7.76
CBB HEC Z . 3.67 7.48 -7.83
NC HEC Z . 0.89 12.99 -6.15
C1C HEC Z . 1.61 12.64 -7.27
C2C HEC Z . 1.28 13.52 -8.36
C3C HEC Z . 0.44 14.45 -7.89
C4C HEC Z . 0.16 14.09 -6.51
CMC HEC Z . 2.00 13.47 -9.70
CAC HEC Z . -0.05 15.70 -8.65
CBC HEC Z . -0.83 15.43 -9.92
ND HEC Z . -0.24 13.53 -3.59
C1D HEC Z . -0.98 14.40 -4.38
C2D HEC Z . -2.00 14.98 -3.57
C3D HEC Z . -1.84 14.45 -2.22
C4D HEC Z . -0.72 13.54 -2.31
CMD HEC Z . -3.08 15.97 -4.04
CAD HEC Z . -2.71 14.75 -1.02
CBD HEC Z . -2.28 16.05 -0.37
CGD HEC Z . -3.27 16.43 0.73
O1D HEC Z . -4.53 16.38 0.62
O2D HEC Z . -2.75 16.80 1.79
HHA HEC Z . -0.58 13.05 -0.38
HHB HEC Z . 4.06 9.53 -2.50
HHC HEC Z . 2.78 11.29 -8.24
HHD HEC Z . -1.27 15.41 -6.08
HAA1 HEC Z . 0.83 12.62 1.39
HAA2 HEC Z . 2.19 11.94 1.79
HBA1 HEC Z . 0.51 10.94 3.01
HBA2 HEC Z . 1.04 9.87 1.99
HAB HEC Z . 3.84 9.43 -8.51
HAC HEC Z . -0.57 16.25 -8.06
HAD1 HEC Z . -2.65 14.03 -0.38
HAD2 HEC Z . -3.64 14.83 -1.31
HBD1 HEC Z . -2.25 16.76 -1.04
HBD2 HEC Z . -1.39 15.93 0.01
FE HEC AA . -4.71 14.05 -15.80
CHA HEC AA . -6.09 11.87 -18.03
CHB HEC AA . -7.48 13.81 -13.83
CHC HEC AA . -3.07 15.72 -13.32
CHD HEC AA . -2.18 14.75 -17.96
NA HEC AA . -6.46 13.06 -15.91
C1A HEC AA . -6.82 12.16 -16.90
C2A HEC AA . -8.11 11.56 -16.52
C3A HEC AA . -8.48 12.11 -15.38
C4A HEC AA . -7.47 13.08 -14.98
CMA HEC AA . -9.73 11.85 -14.52
CAA HEC AA . -8.87 10.47 -17.33
CBA HEC AA . -8.55 9.10 -16.75
CGA HEC AA . -9.42 7.98 -17.34
O1A HEC AA . -9.81 8.11 -18.51
O2A HEC AA . -9.70 7.01 -16.59
NB HEC AA . -5.16 14.63 -13.95
C1B HEC AA . -6.37 14.51 -13.31
C2B HEC AA . -6.31 15.03 -11.99
C3B HEC AA . -5.10 15.61 -11.84
C4B HEC AA . -4.38 15.33 -13.03
CMB HEC AA . -7.52 15.14 -11.05
CAB HEC AA . -4.57 16.36 -10.59
CBB HEC AA . -4.50 15.41 -9.36
NC HEC AA . -2.95 15.03 -15.67
C1C HEC AA . -2.44 15.60 -14.53
C2C HEC AA . -1.10 16.08 -14.83
C3C HEC AA . -0.84 15.88 -16.12
C4C HEC AA . -2.00 15.17 -16.68
CMC HEC AA . -0.23 16.85 -13.79
CAC HEC AA . 0.37 16.31 -16.96
CBC HEC AA . 1.70 15.70 -16.51
ND HEC AA . -4.27 13.46 -17.67
C1D HEC AA . -3.15 13.84 -18.39
C2D HEC AA . -3.11 13.17 -19.65
C3D HEC AA . -4.25 12.24 -19.67
C4D HEC AA . -4.93 12.49 -18.43
CMD HEC AA . -2.01 13.38 -20.72
CAD HEC AA . -4.56 11.29 -20.80
CBD HEC AA . -3.66 10.06 -20.71
CGD HEC AA . -3.84 9.12 -21.89
O1D HEC AA . -4.87 9.17 -22.61
O2D HEC AA . -2.90 8.26 -22.10
HHA HEC AA . -6.41 11.15 -18.60
HHB HEC AA . -8.32 13.87 -13.33
HHC HEC AA . -2.56 16.11 -12.59
HHD HEC AA . -1.58 15.12 -18.64
HAA1 HEC AA . -8.58 10.50 -18.26
HAA2 HEC AA . -9.81 10.63 -17.28
HBA1 HEC AA . -8.69 9.13 -15.79
HBA2 HEC AA . -7.61 8.89 -16.92
HAB HEC AA . -3.68 16.71 -10.76
HAC HEC AA . 0.21 16.10 -17.89
HAD1 HEC AA . -4.41 11.73 -21.66
HAD2 HEC AA . -5.49 11.02 -20.76
HBD1 HEC AA . -3.86 9.58 -19.90
HBD2 HEC AA . -2.73 10.35 -20.69
FE HEC BA . -13.59 16.56 -12.68
CHA HEC BA . -14.89 14.56 -15.12
CHB HEC BA . -10.59 16.68 -14.34
CHC HEC BA . -12.44 18.80 -10.46
CHD HEC BA . -16.33 15.94 -10.73
NA HEC BA . -12.88 15.78 -14.41
C1A HEC BA . -13.54 14.88 -15.23
C2A HEC BA . -12.63 14.36 -16.22
C3A HEC BA . -11.43 14.97 -15.99
C4A HEC BA . -11.58 15.86 -14.85
CMA HEC BA . -10.13 14.83 -16.81
CAA HEC BA . -13.01 13.23 -17.23
CBA HEC BA . -13.18 11.89 -16.45
CGA HEC BA . -13.63 10.77 -17.36
O1A HEC BA . -13.14 9.62 -17.31
O2A HEC BA . -14.57 11.06 -18.15
NB HEC BA . -11.87 17.56 -12.47
C1B HEC BA . -10.78 17.50 -13.26
C2B HEC BA . -9.89 18.60 -12.86
C3B HEC BA . -10.36 19.16 -11.76
C4B HEC BA . -11.66 18.56 -11.53
CMB HEC BA . -8.46 18.71 -13.43
CAB HEC BA . -9.73 20.28 -10.89
CBB HEC BA . -9.46 21.52 -11.79
NC HEC BA . -14.26 17.22 -10.94
C1C HEC BA . -13.60 18.12 -10.11
C2C HEC BA . -14.37 18.32 -8.89
C3C HEC BA . -15.40 17.45 -8.93
C4C HEC BA . -15.35 16.78 -10.23
CMC HEC BA . -13.90 19.14 -7.69
CAC HEC BA . -16.35 17.13 -7.77
CBC HEC BA . -17.16 18.26 -7.16
ND HEC BA . -15.33 15.52 -12.91
C1D HEC BA . -16.37 15.42 -11.96
C2D HEC BA . -17.44 14.64 -12.53
C3D HEC BA . -17.04 14.29 -13.86
C4D HEC BA . -15.70 14.82 -14.06
CMD HEC BA . -18.77 14.28 -11.83
CAD HEC BA . -17.85 13.41 -14.83
CBD HEC BA . -17.42 11.97 -14.57
CGD HEC BA . -18.33 10.93 -15.18
O1D HEC BA . -19.37 11.29 -15.78
O2D HEC BA . -18.00 9.73 -15.06
HHA HEC BA . -15.31 14.11 -15.88
HHB HEC BA . -9.71 16.67 -14.77
HHC HEC BA . -12.18 19.53 -9.87
HHD HEC BA . -17.06 15.70 -10.12
HAA1 HEC BA . -12.31 13.14 -17.90
HAA2 HEC BA . -13.84 13.47 -17.67
HAB HEC BA . -10.34 20.54 -10.18
HAC HEC BA . -16.94 16.42 -8.02
HAD1 HEC BA . -17.65 13.65 -15.75
HAD2 HEC BA . -18.80 13.51 -14.65
HBD1 HEC BA . -17.39 11.82 -13.61
HBD2 HEC BA . -16.54 11.85 -14.93
FE HEC CA . -21.36 18.79 -4.49
CHA HEC CA . -23.34 21.52 -4.92
CHB HEC CA . -23.04 17.19 -7.02
CHC HEC CA . -19.07 16.29 -4.43
CHD HEC CA . -20.11 20.04 -1.60
NA HEC CA . -22.94 19.26 -5.73
C1A HEC CA . -23.51 20.50 -5.82
C2A HEC CA . -24.39 20.51 -6.97
C3A HEC CA . -24.32 19.29 -7.53
C4A HEC CA . -23.40 18.48 -6.78
CMA HEC CA . -25.05 18.79 -8.80
CAA HEC CA . -25.20 21.74 -7.46
CBA HEC CA . -24.30 22.55 -8.42
CGA HEC CA . -24.93 23.86 -8.87
O1A HEC CA . -24.22 24.54 -9.67
O2A HEC CA . -26.07 24.21 -8.44
NB HEC CA . -21.08 17.10 -5.52
C1B HEC CA . -21.90 16.59 -6.50
C2B HEC CA . -21.27 15.41 -7.01
C3B HEC CA . -20.24 15.09 -6.26
C4B HEC CA . -20.04 16.21 -5.38
CMB HEC CA . -22.01 14.49 -8.00
CAB HEC CA . -19.30 13.91 -6.42
CBB HEC CA . -18.65 13.95 -7.83
NC HEC CA . -19.88 18.27 -3.26
C1C HEC CA . -19.03 17.21 -3.43
C2C HEC CA . -17.97 17.30 -2.42
C3C HEC CA . -18.33 18.22 -1.54
C4C HEC CA . -19.50 18.91 -2.07
CMC HEC CA . -16.91 16.16 -2.23
CAC HEC CA . -17.71 18.45 -0.11
CBC HEC CA . -16.18 18.48 -0.07
ND HEC CA . -21.67 20.48 -3.45
C1D HEC CA . -21.05 20.79 -2.24
C2D HEC CA . -21.60 22.04 -1.76
C3D HEC CA . -22.60 22.48 -2.75
C4D HEC CA . -22.59 21.48 -3.78
CMD HEC CA . -21.20 22.73 -0.42
CAD HEC CA . -23.45 23.76 -2.67
CBD HEC CA . -24.54 23.52 -1.63
CGD HEC CA . -25.46 24.71 -1.58
O1D HEC CA . -24.96 25.86 -1.42
O2D HEC CA . -26.70 24.53 -1.69
HHA HEC CA . -23.78 22.36 -5.12
HHB HEC CA . -23.62 16.65 -7.60
HHC HEC CA . -18.35 15.64 -4.48
HHD HEC CA . -19.85 20.34 -0.71
HAA1 HEC CA . -25.46 22.28 -6.72
HAA2 HEC CA . -25.99 21.44 -7.95
HBA1 HEC CA . -24.11 22.01 -9.21
HBA2 HEC CA . -23.46 22.74 -7.96
HAB HEC CA . -18.61 13.94 -5.76
HAC HEC CA . -18.05 19.28 0.24
HAD1 HEC CA . -23.87 23.94 -3.53
HAD2 HEC CA . -22.90 24.51 -2.40
HBD1 HEC CA . -24.14 23.38 -0.77
HBD2 HEC CA . -25.05 22.72 -1.87
FE HEC DA . 17.98 15.75 -5.53
CHA HEC DA . 17.58 17.62 -8.39
CHB HEC DA . 20.76 17.50 -4.73
CHC HEC DA . 18.24 14.03 -2.56
CHD HEC DA . 15.48 13.68 -6.49
NA HEC DA . 18.97 17.25 -6.41
C1A HEC DA . 18.65 17.91 -7.55
C2A HEC DA . 19.60 18.97 -7.79
C3A HEC DA . 20.46 18.93 -6.78
C4A HEC DA . 20.12 17.86 -5.88
CMA HEC DA . 21.67 19.90 -6.60
CAA HEC DA . 19.60 19.95 -8.97
CBA HEC DA . 19.06 21.32 -8.61
CGA HEC DA . 19.27 22.21 -9.81
O1A HEC DA . 18.55 22.11 -10.86
O2A HEC DA . 20.24 23.08 -9.81
NB HEC DA . 19.23 15.75 -3.96
C1B HEC DA . 20.40 16.57 -3.82
C2B HEC DA . 20.95 16.31 -2.53
C3B HEC DA . 20.31 15.29 -1.92
C4B HEC DA . 19.18 15.00 -2.84
CMB HEC DA . 22.30 16.95 -2.10
CAB HEC DA . 20.65 14.60 -0.56
CBB HEC DA . 20.57 15.66 0.58
NC HEC DA . 17.03 14.20 -4.67
C1C HEC DA . 17.26 13.64 -3.45
C2C HEC DA . 16.27 12.59 -3.19
C3C HEC DA . 15.54 12.45 -4.32
C4C HEC DA . 15.98 13.45 -5.24
CMC HEC DA . 16.29 11.72 -1.92
CAC HEC DA . 14.49 11.34 -4.69
CBC HEC DA . 13.58 10.91 -3.50
ND HEC DA . 16.75 15.68 -7.15
C1D HEC DA . 15.74 14.72 -7.33
C2D HEC DA . 15.09 14.97 -8.57
C3D HEC DA . 15.70 16.17 -9.18
C4D HEC DA . 16.72 16.53 -8.22
CMD HEC DA . 13.92 14.18 -9.20
CAD HEC DA . 15.30 16.84 -10.49
CBD HEC DA . 14.78 18.26 -10.25
CGD HEC DA . 13.55 18.42 -9.42
O1D HEC DA . 12.71 17.42 -9.33
O2D HEC DA . 13.29 19.56 -8.89
HHA HEC DA . 17.43 18.20 -9.15
HHB HEC DA . 21.60 17.98 -4.56
HHC HEC DA . 18.26 13.61 -1.68
HHD HEC DA . 14.86 13.01 -6.83
HAA1 HEC DA . 19.07 19.59 -9.69
HAA2 HEC DA . 20.52 20.05 -9.28
HBA1 HEC DA . 19.55 21.68 -7.84
HBA2 HEC DA . 18.12 21.25 -8.40
HAB HEC DA . 20.02 13.91 -0.38
HAC HEC DA . 13.93 11.65 -5.40
HAD1 HEC DA . 14.61 16.32 -10.92
HAD2 HEC DA . 16.07 16.87 -11.07
HBD1 HEC DA . 14.61 18.66 -11.12
HBD2 HEC DA . 15.49 18.78 -9.84
FE HEC EA . 8.69 10.39 0.65
CHA HEC EA . 6.93 11.88 3.18
CHB HEC EA . 6.74 12.00 -1.62
CHC HEC EA . 10.59 9.11 -1.86
CHD HEC EA . 10.31 8.44 2.86
NA HEC EA . 7.14 11.67 0.77
C1A HEC EA . 6.54 12.15 1.91
C2A HEC EA . 5.44 13.03 1.54
C3A HEC EA . 5.40 13.04 0.22
C4A HEC EA . 6.45 12.20 -0.30
CMA HEC EA . 4.41 13.84 -0.67
CAA HEC EA . 4.54 13.79 2.54
CBA HEC EA . 5.15 15.17 2.79
CGA HEC EA . 4.33 16.15 3.59
O1A HEC EA . 4.87 17.26 3.91
O2A HEC EA . 3.14 15.86 3.93
NB HEC EA . 8.70 10.55 -1.34
C1B HEC EA . 7.80 11.26 -2.14
C2B HEC EA . 8.29 11.26 -3.48
C3B HEC EA . 9.30 10.40 -3.60
C4B HEC EA . 9.61 9.99 -2.23
CMB HEC EA . 7.46 11.91 -4.64
CAB HEC EA . 10.04 10.02 -4.88
CBB HEC EA . 10.67 11.30 -5.52
NC HEC EA . 10.17 9.05 0.53
C1C HEC EA . 10.83 8.65 -0.60
C2C HEC EA . 11.87 7.68 -0.22
C3C HEC EA . 11.68 7.39 1.06
C4C HEC EA . 10.66 8.27 1.57
CMC HEC EA . 12.74 6.90 -1.22
CAC HEC EA . 12.33 6.22 1.84
CBC HEC EA . 13.84 6.08 1.90
ND HEC EA . 8.67 10.24 2.69
C1D HEC EA . 9.46 9.35 3.41
C2D HEC EA . 9.21 9.55 4.81
C3D HEC EA . 8.19 10.63 4.91
C4D HEC EA . 7.88 10.97 3.54
CMD HEC EA . 9.91 8.82 5.99
CAD HEC EA . 7.57 11.19 6.19
CBD HEC EA . 6.39 10.34 6.65
CGD HEC EA . 5.63 11.06 7.75
O1D HEC EA . 6.27 11.45 8.75
O2D HEC EA . 4.40 11.30 7.62
HHA HEC EA . 6.50 12.39 3.89
HHB HEC EA . 6.14 12.41 -2.27
HHC HEC EA . 11.18 8.78 -2.58
HHD HEC EA . 10.71 7.82 3.50
HAA1 HEC EA . 4.48 13.29 3.37
HAA2 HEC EA . 3.66 13.88 2.17
HBA1 HEC EA . 5.34 15.57 1.93
HBA2 HEC EA . 6.00 15.04 3.25
HAB HEC EA . 10.75 9.40 -4.69
HAC HEC EA . 11.97 6.19 2.73
HAD1 HEC EA . 7.26 12.09 6.03
HAD2 HEC EA . 8.24 11.21 6.89
HBD1 HEC EA . 6.72 9.49 6.99
HBD2 HEC EA . 5.81 10.18 5.90
FE HEC FA . 26.26 18.98 -7.15
CHA HEC FA . 24.72 20.17 -9.96
CHB HEC FA . 23.81 16.60 -6.82
CHC HEC FA . 27.84 17.69 -4.35
CHD HEC FA . 28.54 21.53 -7.24
NA HEC FA . 24.62 18.50 -8.19
C1A HEC FA . 24.18 19.08 -9.33
C2A HEC FA . 22.98 18.39 -9.79
C3A HEC FA . 22.74 17.40 -8.93
C4A HEC FA . 23.74 17.43 -7.90
CMA HEC FA . 21.58 16.36 -9.00
CAA HEC FA . 22.24 18.73 -11.09
CBA HEC FA . 22.79 17.89 -12.22
CGA HEC FA . 22.16 18.08 -13.56
O1A HEC FA . 22.06 17.09 -14.32
O2A HEC FA . 21.75 19.22 -13.90
NB HEC FA . 25.93 17.43 -5.86
C1B HEC FA . 24.81 16.56 -5.88
C2B HEC FA . 24.97 15.60 -4.83
C3B HEC FA . 26.07 15.89 -4.10
C4B HEC FA . 26.68 17.04 -4.78
CMB HEC FA . 23.87 14.55 -4.51
CAB HEC FA . 26.56 15.15 -2.82
CBB HEC FA . 26.88 13.66 -3.22
NC HEC FA . 27.87 19.51 -6.02
C1C HEC FA . 28.33 18.86 -4.90
C2C HEC FA . 29.59 19.49 -4.50
C3C HEC FA . 29.74 20.62 -5.21
C4C HEC FA . 28.68 20.64 -6.23
CMC HEC FA . 30.31 19.12 -3.18
CAC HEC FA . 30.81 21.73 -4.89
CBC HEC FA . 32.23 21.29 -5.26
ND HEC FA . 26.58 20.53 -8.39
C1D HEC FA . 27.59 21.51 -8.23
C2D HEC FA . 27.39 22.50 -9.24
C3D HEC FA . 26.24 22.11 -10.08
C4D HEC FA . 25.78 20.88 -9.49
CMD HEC FA . 28.22 23.80 -9.44
CAD HEC FA . 25.62 22.87 -11.25
CBD HEC FA . 24.45 23.69 -10.70
CGD HEC FA . 24.80 24.82 -9.74
O1D HEC FA . 25.61 25.71 -10.21
O2D HEC FA . 24.29 24.89 -8.59
HHA HEC FA . 24.32 20.46 -10.80
HHB HEC FA . 23.07 15.97 -6.71
HHC HEC FA . 28.35 17.29 -3.62
HHD HEC FA . 29.18 22.25 -7.27
HAA1 HEC FA . 22.35 19.67 -11.31
HAA2 HEC FA . 21.30 18.54 -10.98
HBA1 HEC FA . 22.69 16.96 -11.97
HBA2 HEC FA . 23.74 18.08 -12.30
HAB HEC FA . 27.35 15.57 -2.49
HAC HEC FA . 30.58 22.53 -5.38
HAD1 HEC FA . 25.29 22.24 -11.91
HAD2 HEC FA . 26.27 23.45 -11.66
HBD1 HEC FA . 23.85 23.09 -10.23
HBD2 HEC FA . 23.98 24.08 -11.44
C CYN GA . -3.02 17.47 -25.48
N CYN GA . -3.60 18.31 -26.00
CA CA HA . -5.00 25.87 -27.50
CA CA IA . -11.68 8.52 -20.18
C3 PG6 JA . 22.10 14.68 6.79
O2 PG6 JA . 21.84 13.38 6.27
C4 PG6 JA . 20.48 13.20 5.85
C5 PG6 JA . 20.29 12.08 4.84
O3 PG6 JA . 20.89 10.82 5.21
O1 PG4 KA . 0.56 1.27 -31.99
C1 PG4 KA . -0.49 0.36 -32.40
C2 PG4 KA . -0.30 -1.10 -32.04
O2 PG4 KA . 0.81 -1.83 -32.67
C3 PG4 KA . 1.03 -1.62 -34.06
C4 PG4 KA . 1.96 -2.71 -34.57
O1 PG4 LA . 3.29 8.68 -46.57
C1 PG4 LA . 2.59 7.58 -47.08
C2 PG4 LA . 3.38 6.32 -46.78
O2 PG4 LA . 2.49 5.21 -46.87
C3 PG4 LA . 1.89 5.02 -48.16
C4 PG4 MA . -7.22 36.12 -40.79
O3 PG4 MA . -6.09 36.43 -41.60
C5 PG4 MA . -5.36 37.59 -41.22
C6 PG4 MA . -4.40 37.95 -42.35
O4 PG4 MA . -4.40 37.01 -43.46
C7 PG4 MA . -3.50 35.89 -43.40
C8 PG4 MA . -3.13 35.33 -44.76
O1 PG4 NA . -22.99 12.95 -22.29
C1 PG4 NA . -22.34 11.96 -23.08
C2 PG4 NA . -21.37 12.55 -24.10
O2 PG4 NA . -21.17 11.57 -25.10
C3 PG4 NA . -21.78 10.30 -24.89
C4 PG4 NA . -22.98 10.05 -25.81
O3 PG4 NA . -24.03 9.43 -25.07
C5 PG4 NA . -24.96 10.36 -24.47
C6 PG4 NA . -26.08 9.62 -23.74
O4 PG4 NA . -26.31 10.16 -22.43
C7 PG4 NA . -26.90 9.26 -21.49
O1 PG4 OA . -12.93 17.89 1.67
C1 PG4 OA . -12.44 19.21 1.83
C2 PG4 OA . -13.30 20.23 1.08
O2 PG4 OA . -14.04 21.04 1.99
C3 PG4 OA . -14.92 21.99 1.37
O1 PG4 PA . 13.56 -0.99 -10.15
C1 PG4 PA . 13.75 -0.34 -11.39
C2 PG4 PA . 14.60 0.89 -11.13
O2 PG4 PA . 15.07 1.44 -12.35
C3 PG4 PA . 16.49 1.47 -12.45
C4 PG4 PA . 17.10 1.79 -11.09
O3 PG4 PA . 18.51 1.82 -11.21
O1 PG4 QA . -25.99 20.18 -0.03
C1 PG4 QA . -25.10 19.49 0.82
C2 PG4 QA . -23.70 20.01 0.55
O2 PG4 QA . -22.80 19.66 1.61
C3 PG4 QA . -22.69 20.66 2.64
O1 PG4 RA . -11.50 36.66 -36.47
C1 PG4 RA . -10.52 36.77 -35.45
C2 PG4 RA . -11.14 37.54 -34.29
O2 PG4 RA . -10.46 37.24 -33.06
C3 PG4 RA . -9.81 38.42 -32.57
O1 PG4 SA . 3.25 28.48 -38.28
C1 PG4 SA . 2.00 27.82 -38.23
C2 PG4 SA . 2.10 26.41 -38.79
O2 PG4 SA . 0.97 25.71 -38.29
C2 PG4 TA . 23.90 5.52 -6.42
O2 PG4 TA . 22.53 5.92 -6.35
C3 PG4 TA . 21.87 5.68 -7.61
C4 PG4 TA . 20.81 6.75 -7.91
O3 PG4 TA . 20.97 7.27 -9.25
NA NA UA . -15.19 6.88 -20.03
NA NA VA . -25.00 17.84 -46.50
NA NA WA . 6.24 0.78 -37.39
#